data_8PY4
#
_entry.id   8PY4
#
_cell.length_a   1.00
_cell.length_b   1.00
_cell.length_c   1.00
_cell.angle_alpha   90.00
_cell.angle_beta   90.00
_cell.angle_gamma   90.00
#
_symmetry.space_group_name_H-M   'P 1'
#
loop_
_entity.id
_entity.type
_entity.pdbx_description
1 polymer '5d3(fab) heavy chain variable domain'
2 polymer '5D3(Fab) light chain variable domain'
3 polymer 'Broad substrate specificity ATP-binding cassette transporter ABCG2'
4 branched 2-acetamido-2-deoxy-beta-D-glucopyranose-(1-4)-2-acetamido-2-deoxy-beta-D-glucopyranose
5 non-polymer CHOLESTEROL
6 non-polymer 'tert-butyl 3-[(2S,5S,8S)-14-methoxy-2-(2-methylpropyl)-4,7-bis(oxidanylidene)-3,6,17-triazatetracyclo[8.7.0.0^{3,8}.0^{11,16}]heptadeca-1(10),11,13,15-tetraen-5-yl]propanoate'
7 water water
#
loop_
_entity_poly.entity_id
_entity_poly.type
_entity_poly.pdbx_seq_one_letter_code
_entity_poly.pdbx_strand_id
1 'polypeptide(L)'
;QVQLQESGPGLVKPSQSLSLTCTVTGFSITSDYAWNWIRQFPGKKLEWMGYINFDGGTTYNPSLRGRISITRDTSKNQFF
LQLRSVTPEDTATYYCATFYGAKGTLDYWGQGTSVTVSSAKTTPPSVYPLAPVCGDTSGSSVTLGCLVKGYFPEPVTLTW
NSGSLSSGVHTFPAVLQSDLYTLSSSVTVTSSTWPSQSITCNVAHPASSTKVDKKIEPRGP
;
D,F
2 'polypeptide(L)'
;DIVLTQSPSSFSVSLGDRVTISCKASGYILNRLAWYQQKPGNAPRLLISGATSLETGFPSRFSGTGSGKDYTLSISSLQT
EDVGTYYCQQYWSTPWTFGGGTKLEIRRADAAPTVSIFPPSSEQLTSGGASVVCFLNNFYPKDINVKWKIDGSERQNGVL
NSWTDQDSKDSTYSMSSTLTLTKDEYERHNSYTCEATHKTSTSPIVKSFNRNEC
;
E,C
3 'polypeptide(L)'
;MDYKDDDDKGSSSSNVEVFIPVSQGNTNGFPATASNDLKAFTEGAVLSFHNICYRVKLKSGFLPCRKPVEKEILSNINGI
MKPGLNAILGPTGGGKSSLLDVLAARKDPSGLSGDVLINGAPRPANFKCNSGYVVQDDVVMGTLTVRENLQFSAALRLAT
TMTNHEKNERINRVIQELGLDKVADSKVGTQFIRGVSGGERKRTSIGMELITDPSILFLDEPTTGLDSSTANAVLLLLKR
MSKQGRTIIFSIHQPRYSIFKLFDSLTLLASGRLMFHGPAQEALGYFESAGYHCEAYNNPADFFLDIINGDSTAVALNRE
EDFKATEIIEPSKQDKPLIEKLAEIYVNSSFYKETKAELHQLSGGEKKKKITVFKEISYTTSFCHQLRWVSKRSFKNLLG
NPQASIAQIIVTVVLGLVIGAIYFGLKNDSTGIQNRAGVLFFLTTNQCFSSVSAVELFVVEKKLFIHEYISGYYRVSSYF
LGKLLSDLLPMRMLPSIIFTCIVYFMLGLKPKADAFFVMMFTLMMVAYSASSMALAIAAGQSVVSVATLLMTICFVFMMI
FSGLLVNLTTIASWLSWLQYFSIPRYGFTALQHNEFLGQNFCPGLNATGNNPCNYATCTGEEYLVKQGIDLSPWGLWKNH
VALACMIVIFLTIAYLKLLFLKKYS
;
B,A
#
loop_
_chem_comp.id
_chem_comp.type
_chem_comp.name
_chem_comp.formula
CLR non-polymer CHOLESTEROL 'C27 H46 O'
I3O non-polymer 'tert-butyl 3-[(2S,5S,8S)-14-methoxy-2-(2-methylpropyl)-4,7-bis(oxidanylidene)-3,6,17-triazatetracyclo[8.7.0.0^{3,8}.0^{11,16}]heptadeca-1(10),11,13,15-tetraen-5-yl]propanoate' 'C26 H35 N3 O5'
NAG D-saccharide, beta linking 2-acetamido-2-deoxy-beta-D-glucopyranose 'C8 H15 N O6'
#
# COMPACT_ATOMS: atom_id res chain seq x y z
N VAL A 2 -54.55 11.16 -2.55
CA VAL A 2 -55.32 11.84 -3.59
C VAL A 2 -56.44 12.64 -2.97
N GLN A 3 -56.89 12.24 -1.80
CA GLN A 3 -57.86 13.02 -1.04
C GLN A 3 -57.54 12.85 0.44
N LEU A 4 -56.97 13.88 1.04
CA LEU A 4 -56.45 13.81 2.40
C LEU A 4 -57.32 14.61 3.35
N GLN A 5 -57.39 14.14 4.59
CA GLN A 5 -58.22 14.78 5.61
C GLN A 5 -57.51 14.67 6.95
N GLU A 6 -57.24 15.82 7.58
CA GLU A 6 -56.62 15.84 8.89
C GLU A 6 -57.67 15.75 9.99
N SER A 7 -57.21 15.38 11.18
CA SER A 7 -58.06 15.34 12.36
C SER A 7 -57.17 15.23 13.58
N GLY A 8 -57.70 15.68 14.71
CA GLY A 8 -57.00 15.59 15.97
C GLY A 8 -57.37 16.74 16.89
N PRO A 9 -56.87 16.68 18.12
CA PRO A 9 -57.19 17.72 19.09
C PRO A 9 -56.75 19.10 18.60
N GLY A 10 -57.59 20.10 18.85
CA GLY A 10 -57.30 21.47 18.53
C GLY A 10 -56.72 22.28 19.67
N LEU A 11 -56.39 21.63 20.79
CA LEU A 11 -55.85 22.33 21.94
C LEU A 11 -55.06 21.34 22.78
N VAL A 12 -53.91 21.78 23.27
CA VAL A 12 -52.94 20.91 23.90
C VAL A 12 -52.28 21.62 25.08
N LYS A 13 -52.00 20.86 26.13
CA LYS A 13 -51.23 21.40 27.24
C LYS A 13 -49.73 21.36 26.90
N PRO A 14 -48.96 22.30 27.44
CA PRO A 14 -47.53 22.33 27.14
C PRO A 14 -46.80 21.08 27.59
N SER A 15 -45.82 20.68 26.78
CA SER A 15 -44.87 19.63 27.15
C SER A 15 -45.57 18.32 27.49
N GLN A 16 -46.66 18.00 26.79
CA GLN A 16 -47.34 16.73 27.01
C GLN A 16 -47.30 15.85 25.73
N SER A 17 -47.97 16.28 24.67
CA SER A 17 -47.90 15.58 23.39
C SER A 17 -48.87 16.25 22.43
N LEU A 18 -48.66 15.98 21.14
CA LEU A 18 -49.60 16.34 20.09
C LEU A 18 -49.70 15.17 19.13
N SER A 19 -50.93 14.79 18.79
CA SER A 19 -51.17 13.66 17.92
C SER A 19 -52.20 14.05 16.86
N LEU A 20 -51.81 13.96 15.59
CA LEU A 20 -52.71 14.21 14.48
C LEU A 20 -52.78 12.98 13.59
N THR A 21 -53.91 12.87 12.90
CA THR A 21 -54.20 11.75 12.01
C THR A 21 -54.61 12.28 10.65
N CYS A 22 -54.05 11.69 9.59
CA CYS A 22 -54.41 12.01 8.22
C CYS A 22 -54.96 10.75 7.56
N THR A 23 -56.19 10.82 7.09
CA THR A 23 -56.84 9.73 6.38
C THR A 23 -56.80 10.01 4.89
N VAL A 24 -56.51 8.98 4.11
CA VAL A 24 -56.35 9.08 2.68
C VAL A 24 -57.46 8.30 2.00
N THR A 25 -58.12 8.93 1.05
CA THR A 25 -59.11 8.26 0.20
C THR A 25 -58.77 8.55 -1.25
N GLY A 26 -59.02 7.56 -2.10
CA GLY A 26 -58.66 7.61 -3.50
C GLY A 26 -57.33 6.97 -3.83
N PHE A 27 -56.60 6.48 -2.84
CA PHE A 27 -55.29 5.91 -3.06
C PHE A 27 -54.90 5.07 -1.85
N SER A 28 -53.92 4.20 -2.06
CA SER A 28 -53.38 3.35 -1.01
C SER A 28 -52.00 3.86 -0.63
N ILE A 29 -51.78 4.10 0.67
CA ILE A 29 -50.56 4.73 1.11
C ILE A 29 -49.36 3.82 1.04
N THR A 30 -49.55 2.54 0.75
CA THR A 30 -48.46 1.59 0.64
C THR A 30 -48.07 1.31 -0.80
N SER A 31 -48.62 2.06 -1.75
CA SER A 31 -48.41 1.76 -3.17
C SER A 31 -47.26 2.55 -3.77
N ASP A 32 -47.39 3.88 -3.81
CA ASP A 32 -46.43 4.66 -4.60
C ASP A 32 -45.73 5.80 -3.87
N TYR A 33 -46.48 6.67 -3.19
CA TYR A 33 -46.00 8.01 -2.90
C TYR A 33 -45.35 8.10 -1.52
N ALA A 34 -44.92 9.30 -1.16
CA ALA A 34 -44.49 9.63 0.19
C ALA A 34 -45.47 10.62 0.80
N TRP A 35 -45.60 10.58 2.13
CA TRP A 35 -46.63 11.32 2.84
C TRP A 35 -45.96 12.20 3.88
N ASN A 36 -46.14 13.51 3.74
CA ASN A 36 -45.41 14.50 4.51
C ASN A 36 -46.35 15.24 5.45
N TRP A 37 -45.76 15.79 6.50
CA TRP A 37 -46.40 16.74 7.38
C TRP A 37 -45.71 18.09 7.28
N ILE A 38 -46.51 19.14 7.12
CA ILE A 38 -46.02 20.51 7.03
C ILE A 38 -46.78 21.33 8.06
N ARG A 39 -46.14 22.39 8.56
CA ARG A 39 -46.78 23.31 9.50
C ARG A 39 -46.53 24.75 9.10
N GLN A 40 -47.53 25.62 9.34
CA GLN A 40 -47.48 27.05 8.99
C GLN A 40 -47.69 27.85 10.26
N PHE A 41 -46.72 28.66 10.62
CA PHE A 41 -46.81 29.45 11.82
C PHE A 41 -47.65 30.69 11.60
N PRO A 42 -48.20 31.26 12.67
CA PRO A 42 -48.72 32.62 12.58
C PRO A 42 -47.58 33.56 12.25
N GLY A 43 -47.86 34.54 11.39
CA GLY A 43 -46.77 35.24 10.76
C GLY A 43 -46.18 34.33 9.70
N LYS A 44 -46.97 34.11 8.66
CA LYS A 44 -46.85 32.96 7.78
C LYS A 44 -45.41 32.58 7.48
N LYS A 45 -45.06 31.34 7.82
CA LYS A 45 -43.74 30.78 7.59
C LYS A 45 -43.91 29.26 7.52
N LEU A 46 -43.58 28.67 6.39
CA LEU A 46 -43.77 27.24 6.20
C LEU A 46 -42.55 26.48 6.65
N GLU A 47 -42.80 25.31 7.24
CA GLU A 47 -41.75 24.45 7.75
C GLU A 47 -42.10 23.00 7.45
N TRP A 48 -41.17 22.28 6.84
CA TRP A 48 -41.36 20.87 6.55
C TRP A 48 -40.83 20.04 7.72
N MET A 49 -41.68 19.17 8.25
CA MET A 49 -41.39 18.39 9.44
C MET A 49 -40.80 17.03 9.11
N GLY A 50 -41.48 16.27 8.25
CA GLY A 50 -40.97 14.98 7.85
C GLY A 50 -41.97 14.26 6.98
N TYR A 51 -41.60 13.03 6.62
CA TYR A 51 -42.46 12.18 5.83
C TYR A 51 -42.23 10.72 6.17
N ILE A 52 -43.20 9.93 5.77
CA ILE A 52 -43.10 8.48 5.76
C ILE A 52 -43.33 7.98 4.35
N ASN A 53 -42.48 7.06 3.92
CA ASN A 53 -42.49 6.57 2.56
C ASN A 53 -43.49 5.41 2.42
N PHE A 54 -43.69 4.99 1.18
CA PHE A 54 -44.66 3.94 0.91
C PHE A 54 -44.22 2.59 1.46
N ASP A 55 -42.94 2.43 1.79
CA ASP A 55 -42.40 1.16 2.27
C ASP A 55 -42.15 1.17 3.76
N GLY A 56 -42.65 2.17 4.49
CA GLY A 56 -42.50 2.25 5.92
C GLY A 56 -41.33 3.10 6.38
N GLY A 57 -40.38 3.39 5.51
CA GLY A 57 -39.28 4.25 5.89
C GLY A 57 -39.73 5.67 6.13
N THR A 58 -38.99 6.37 6.99
CA THR A 58 -39.36 7.69 7.44
C THR A 58 -38.14 8.60 7.45
N THR A 59 -38.39 9.90 7.34
CA THR A 59 -37.33 10.89 7.39
C THR A 59 -37.88 12.14 8.07
N TYR A 60 -37.05 12.79 8.89
CA TYR A 60 -37.49 13.89 9.72
C TYR A 60 -36.56 15.09 9.56
N ASN A 61 -37.11 16.26 9.83
CA ASN A 61 -36.33 17.48 9.83
C ASN A 61 -35.38 17.48 11.02
N PRO A 62 -34.09 17.79 10.83
CA PRO A 62 -33.18 17.82 11.97
C PRO A 62 -33.52 18.87 13.03
N SER A 63 -34.22 19.94 12.66
CA SER A 63 -34.59 20.96 13.64
C SER A 63 -35.56 20.42 14.69
N LEU A 64 -36.13 19.25 14.45
CA LEU A 64 -37.00 18.56 15.40
C LEU A 64 -36.25 17.33 15.85
N ARG A 65 -35.39 17.50 16.85
CA ARG A 65 -34.47 16.45 17.28
C ARG A 65 -35.18 15.55 18.27
N GLY A 66 -35.61 14.39 17.80
CA GLY A 66 -36.19 13.37 18.66
C GLY A 66 -37.59 13.65 19.15
N ARG A 67 -38.18 14.78 18.77
CA ARG A 67 -39.51 15.15 19.24
C ARG A 67 -40.63 14.60 18.37
N ILE A 68 -40.32 14.12 17.17
CA ILE A 68 -41.34 13.80 16.18
C ILE A 68 -41.22 12.34 15.77
N SER A 69 -42.37 11.69 15.62
CA SER A 69 -42.45 10.36 15.05
C SER A 69 -43.66 10.29 14.14
N ILE A 70 -43.49 9.62 13.01
CA ILE A 70 -44.56 9.44 12.04
C ILE A 70 -44.80 7.95 11.87
N THR A 71 -46.05 7.54 12.00
CA THR A 71 -46.44 6.14 11.93
C THR A 71 -47.56 5.97 10.91
N ARG A 72 -47.92 4.72 10.65
CA ARG A 72 -48.97 4.46 9.68
C ARG A 72 -49.77 3.25 10.09
N ASP A 73 -50.98 3.17 9.53
CA ASP A 73 -51.88 2.03 9.71
C ASP A 73 -52.51 1.77 8.34
N THR A 74 -52.05 0.71 7.66
CA THR A 74 -52.53 0.39 6.33
C THR A 74 -53.89 -0.26 6.34
N SER A 75 -54.34 -0.76 7.50
CA SER A 75 -55.63 -1.44 7.56
C SER A 75 -56.77 -0.52 7.17
N LYS A 76 -56.66 0.77 7.53
CA LYS A 76 -57.66 1.76 7.14
C LYS A 76 -57.04 2.98 6.48
N ASN A 77 -55.79 2.86 6.00
CA ASN A 77 -55.18 3.89 5.16
C ASN A 77 -55.03 5.22 5.90
N GLN A 78 -54.26 5.19 6.99
CA GLN A 78 -54.02 6.38 7.78
C GLN A 78 -52.54 6.54 8.07
N PHE A 79 -52.12 7.78 8.29
CA PHE A 79 -50.81 8.01 8.89
C PHE A 79 -50.89 9.09 9.94
N PHE A 80 -50.09 8.92 10.99
CA PHE A 80 -50.19 9.68 12.22
C PHE A 80 -48.89 10.42 12.51
N LEU A 81 -49.05 11.59 13.10
CA LEU A 81 -47.96 12.47 13.50
C LEU A 81 -47.99 12.63 15.01
N GLN A 82 -46.86 12.36 15.66
CA GLN A 82 -46.74 12.48 17.11
C GLN A 82 -45.57 13.41 17.42
N LEU A 83 -45.89 14.55 18.00
CA LEU A 83 -44.91 15.58 18.34
C LEU A 83 -44.91 15.74 19.85
N ARG A 84 -43.83 15.33 20.49
CA ARG A 84 -43.79 15.22 21.94
C ARG A 84 -43.00 16.36 22.56
N SER A 85 -43.28 16.62 23.84
CA SER A 85 -42.67 17.71 24.59
C SER A 85 -42.94 19.05 23.90
N VAL A 86 -44.22 19.37 23.82
CA VAL A 86 -44.68 20.52 23.06
C VAL A 86 -44.45 21.79 23.86
N THR A 87 -44.24 22.89 23.14
CA THR A 87 -44.07 24.22 23.69
C THR A 87 -45.01 25.20 22.99
N PRO A 88 -45.32 26.33 23.63
CA PRO A 88 -46.25 27.29 23.00
C PRO A 88 -45.72 27.91 21.73
N GLU A 89 -44.46 27.67 21.36
CA GLU A 89 -43.95 28.20 20.10
C GLU A 89 -44.46 27.38 18.91
N ASP A 90 -44.63 26.08 19.08
CA ASP A 90 -45.13 25.22 18.01
C ASP A 90 -46.66 25.19 18.01
N THR A 91 -47.23 26.39 18.01
CA THR A 91 -48.65 26.59 17.79
C THR A 91 -48.77 27.06 16.34
N ALA A 92 -49.51 26.30 15.55
CA ALA A 92 -49.49 26.48 14.10
C ALA A 92 -50.64 25.73 13.44
N THR A 93 -50.69 25.86 12.12
CA THR A 93 -51.64 25.14 11.29
C THR A 93 -50.91 23.99 10.59
N TYR A 94 -51.41 22.77 10.78
CA TYR A 94 -50.74 21.58 10.30
C TYR A 94 -51.49 21.01 9.09
N TYR A 95 -50.73 20.65 8.07
CA TYR A 95 -51.24 20.04 6.85
C TYR A 95 -50.56 18.71 6.62
N CYS A 96 -51.27 17.78 6.00
CA CYS A 96 -50.67 16.58 5.44
C CYS A 96 -50.66 16.70 3.92
N ALA A 97 -49.56 16.27 3.31
CA ALA A 97 -49.33 16.50 1.90
C ALA A 97 -48.73 15.26 1.26
N THR A 98 -48.75 15.25 -0.07
CA THR A 98 -48.29 14.12 -0.86
C THR A 98 -47.09 14.51 -1.70
N PHE A 99 -46.18 13.56 -1.89
CA PHE A 99 -44.93 13.79 -2.62
C PHE A 99 -44.72 12.63 -3.58
N TYR A 100 -44.66 12.95 -4.89
CA TYR A 100 -44.59 11.91 -5.90
C TYR A 100 -43.17 11.37 -6.05
N GLY A 101 -42.17 12.24 -6.12
CA GLY A 101 -40.81 11.79 -6.23
C GLY A 101 -40.25 11.86 -7.64
N ALA A 102 -40.98 11.27 -8.59
CA ALA A 102 -40.58 11.40 -9.98
C ALA A 102 -40.70 12.83 -10.46
N LYS A 103 -41.60 13.59 -9.86
CA LYS A 103 -41.82 15.00 -10.16
C LYS A 103 -41.17 15.92 -9.14
N GLY A 104 -41.21 15.55 -7.86
CA GLY A 104 -40.48 16.23 -6.83
C GLY A 104 -41.27 17.20 -5.99
N THR A 105 -42.51 17.49 -6.36
CA THR A 105 -43.27 18.55 -5.71
C THR A 105 -44.40 17.99 -4.87
N LEU A 106 -44.86 18.82 -3.94
CA LEU A 106 -46.01 18.52 -3.11
C LEU A 106 -47.26 18.85 -3.91
N ASP A 107 -47.90 17.81 -4.43
CA ASP A 107 -49.00 17.97 -5.37
C ASP A 107 -50.34 18.13 -4.67
N TYR A 108 -50.66 17.24 -3.74
CA TYR A 108 -51.93 17.23 -3.05
C TYR A 108 -51.73 17.61 -1.59
N TRP A 109 -52.64 18.43 -1.09
CA TRP A 109 -52.60 18.95 0.27
C TRP A 109 -53.92 18.67 0.95
N GLY A 110 -53.89 18.75 2.28
CA GLY A 110 -55.08 18.64 3.09
C GLY A 110 -55.72 20.00 3.32
N GLN A 111 -56.79 19.97 4.10
CA GLN A 111 -57.50 21.19 4.44
C GLN A 111 -56.86 21.94 5.59
N GLY A 112 -56.02 21.29 6.36
CA GLY A 112 -55.30 21.95 7.43
C GLY A 112 -56.08 22.06 8.72
N THR A 113 -55.43 21.78 9.85
CA THR A 113 -56.04 21.89 11.15
C THR A 113 -55.18 22.75 12.06
N SER A 114 -55.82 23.66 12.80
CA SER A 114 -55.12 24.56 13.67
C SER A 114 -54.91 23.92 15.04
N VAL A 115 -53.75 24.16 15.62
CA VAL A 115 -53.39 23.59 16.92
C VAL A 115 -52.91 24.73 17.80
N THR A 116 -53.52 24.88 18.97
CA THR A 116 -53.20 25.92 19.92
C THR A 116 -52.61 25.29 21.17
N VAL A 117 -51.40 25.74 21.53
CA VAL A 117 -50.72 25.27 22.72
C VAL A 117 -50.81 26.38 23.76
N SER A 118 -51.61 26.17 24.79
CA SER A 118 -51.83 27.17 25.82
C SER A 118 -52.02 26.45 27.15
N SER A 119 -52.45 27.20 28.16
CA SER A 119 -52.62 26.65 29.49
C SER A 119 -53.64 27.46 30.28
N ASP B 1 -24.16 -9.85 -26.83
CA ASP B 1 -25.29 -8.92 -26.60
C ASP B 1 -26.43 -9.68 -25.94
N ILE B 2 -27.64 -9.13 -26.02
CA ILE B 2 -28.84 -9.76 -25.49
C ILE B 2 -29.70 -10.18 -26.66
N VAL B 3 -30.00 -11.46 -26.75
CA VAL B 3 -30.79 -12.01 -27.83
C VAL B 3 -32.18 -12.31 -27.30
N LEU B 4 -33.20 -11.83 -28.00
CA LEU B 4 -34.58 -12.03 -27.63
C LEU B 4 -35.17 -13.10 -28.53
N THR B 5 -35.86 -14.06 -27.92
CA THR B 5 -36.41 -15.20 -28.63
C THR B 5 -37.91 -15.25 -28.42
N GLN B 6 -38.64 -15.34 -29.52
CA GLN B 6 -40.07 -15.56 -29.50
C GLN B 6 -40.34 -16.97 -30.00
N SER B 7 -40.89 -17.82 -29.13
CA SER B 7 -41.07 -19.23 -29.50
C SER B 7 -42.11 -19.39 -30.60
N PRO B 8 -43.33 -18.88 -30.47
CA PRO B 8 -44.33 -19.11 -31.51
C PRO B 8 -44.10 -18.23 -32.74
N SER B 9 -43.25 -18.70 -33.65
CA SER B 9 -43.00 -17.93 -34.87
C SER B 9 -44.27 -17.69 -35.68
N SER B 10 -45.30 -18.51 -35.48
CA SER B 10 -46.59 -18.28 -36.09
C SER B 10 -47.67 -18.79 -35.16
N PHE B 11 -48.88 -18.26 -35.34
CA PHE B 11 -50.02 -18.63 -34.54
C PHE B 11 -51.22 -18.84 -35.46
N SER B 12 -52.34 -19.24 -34.87
CA SER B 12 -53.57 -19.47 -35.61
C SER B 12 -54.72 -19.39 -34.63
N VAL B 13 -55.61 -18.42 -34.82
CA VAL B 13 -56.71 -18.20 -33.89
C VAL B 13 -57.92 -17.69 -34.65
N SER B 14 -59.01 -17.44 -33.94
CA SER B 14 -60.25 -16.96 -34.52
C SER B 14 -60.76 -15.78 -33.69
N LEU B 15 -61.68 -15.03 -34.26
CA LEU B 15 -62.17 -13.82 -33.61
C LEU B 15 -62.81 -14.16 -32.26
N GLY B 16 -62.75 -13.20 -31.36
CA GLY B 16 -63.21 -13.38 -30.00
C GLY B 16 -62.32 -14.25 -29.13
N ASP B 17 -61.33 -14.93 -29.71
CA ASP B 17 -60.45 -15.80 -28.96
C ASP B 17 -59.42 -14.98 -28.20
N ARG B 18 -58.75 -15.64 -27.26
CA ARG B 18 -57.67 -15.05 -26.48
C ARG B 18 -56.34 -15.65 -26.95
N VAL B 19 -55.36 -14.80 -27.15
CA VAL B 19 -54.05 -15.24 -27.64
C VAL B 19 -52.97 -14.65 -26.74
N THR B 20 -51.87 -15.39 -26.64
CA THR B 20 -50.75 -15.00 -25.79
C THR B 20 -49.45 -15.18 -26.56
N ILE B 21 -48.56 -14.21 -26.46
CA ILE B 21 -47.27 -14.21 -27.12
C ILE B 21 -46.18 -14.07 -26.06
N SER B 22 -45.08 -14.77 -26.25
CA SER B 22 -44.02 -14.86 -25.26
C SER B 22 -42.69 -14.40 -25.84
N CYS B 23 -41.93 -13.67 -25.02
CA CYS B 23 -40.58 -13.26 -25.35
C CYS B 23 -39.67 -13.64 -24.20
N LYS B 24 -38.55 -14.29 -24.53
CA LYS B 24 -37.60 -14.77 -23.56
C LYS B 24 -36.24 -14.16 -23.88
N ALA B 25 -35.61 -13.58 -22.87
CA ALA B 25 -34.35 -12.90 -23.05
C ALA B 25 -33.21 -13.69 -22.42
N SER B 26 -32.02 -13.56 -23.00
CA SER B 26 -30.83 -14.22 -22.53
C SER B 26 -30.21 -13.50 -21.34
N GLY B 27 -30.80 -12.41 -20.89
CA GLY B 27 -30.26 -11.66 -19.79
C GLY B 27 -31.37 -10.88 -19.11
N TYR B 28 -31.07 -10.42 -17.90
CA TYR B 28 -32.05 -9.66 -17.14
C TYR B 28 -32.29 -8.32 -17.81
N ILE B 29 -33.57 -7.94 -17.92
CA ILE B 29 -33.98 -6.78 -18.67
C ILE B 29 -34.66 -5.74 -17.80
N LEU B 30 -35.23 -6.13 -16.66
CA LEU B 30 -35.78 -5.19 -15.70
C LEU B 30 -36.90 -4.35 -16.32
N ASN B 31 -37.80 -5.03 -17.03
CA ASN B 31 -38.99 -4.44 -17.61
C ASN B 31 -38.69 -3.39 -18.68
N ARG B 32 -37.45 -3.34 -19.16
CA ARG B 32 -37.10 -2.52 -20.32
C ARG B 32 -37.45 -3.27 -21.61
N LEU B 33 -38.73 -3.59 -21.71
CA LEU B 33 -39.28 -4.38 -22.80
C LEU B 33 -40.38 -3.60 -23.48
N ALA B 34 -40.38 -3.62 -24.81
CA ALA B 34 -41.39 -2.96 -25.60
C ALA B 34 -41.94 -3.90 -26.65
N TRP B 35 -43.21 -3.69 -27.00
CA TRP B 35 -43.90 -4.48 -27.99
C TRP B 35 -44.37 -3.58 -29.11
N TYR B 36 -44.01 -3.94 -30.34
CA TYR B 36 -44.39 -3.24 -31.56
C TYR B 36 -45.32 -4.10 -32.40
N GLN B 37 -46.29 -3.44 -33.03
CA GLN B 37 -47.21 -4.05 -33.98
C GLN B 37 -46.87 -3.55 -35.39
N GLN B 38 -46.86 -4.45 -36.37
CA GLN B 38 -46.55 -4.11 -37.76
C GLN B 38 -47.59 -4.75 -38.66
N LYS B 39 -48.18 -3.95 -39.53
CA LYS B 39 -49.05 -4.40 -40.59
C LYS B 39 -48.27 -4.48 -41.89
N PRO B 40 -48.74 -5.28 -42.85
CA PRO B 40 -48.05 -5.34 -44.15
C PRO B 40 -48.13 -4.00 -44.87
N GLY B 41 -46.97 -3.48 -45.25
CA GLY B 41 -46.89 -2.21 -45.96
C GLY B 41 -46.78 -1.00 -45.09
N ASN B 42 -46.41 -1.15 -43.82
CA ASN B 42 -46.31 -0.03 -42.90
C ASN B 42 -45.14 -0.26 -41.95
N ALA B 43 -44.69 0.84 -41.36
CA ALA B 43 -43.63 0.75 -40.38
C ALA B 43 -44.19 0.26 -39.05
N PRO B 44 -43.33 -0.30 -38.19
CA PRO B 44 -43.80 -0.75 -36.88
C PRO B 44 -44.36 0.40 -36.07
N ARG B 45 -45.33 0.07 -35.24
CA ARG B 45 -46.03 1.04 -34.42
C ARG B 45 -45.94 0.60 -32.97
N LEU B 46 -45.53 1.51 -32.10
CA LEU B 46 -45.34 1.17 -30.70
C LEU B 46 -46.69 0.83 -30.08
N LEU B 47 -46.73 -0.29 -29.38
CA LEU B 47 -47.93 -0.78 -28.73
C LEU B 47 -47.80 -0.81 -27.22
N ILE B 48 -46.69 -1.31 -26.69
CA ILE B 48 -46.49 -1.35 -25.25
C ILE B 48 -45.07 -0.93 -24.92
N SER B 49 -44.94 -0.16 -23.84
CA SER B 49 -43.66 0.23 -23.28
C SER B 49 -43.62 -0.13 -21.81
N GLY B 50 -42.41 -0.36 -21.30
CA GLY B 50 -42.24 -0.75 -19.91
C GLY B 50 -42.76 -2.13 -19.58
N ALA B 51 -43.18 -2.89 -20.58
CA ALA B 51 -43.65 -4.26 -20.41
C ALA B 51 -45.05 -4.34 -19.79
N THR B 52 -45.54 -3.23 -19.26
CA THR B 52 -46.87 -3.17 -18.69
C THR B 52 -47.68 -2.00 -19.22
N SER B 53 -47.05 -0.86 -19.45
CA SER B 53 -47.78 0.33 -19.85
C SER B 53 -48.31 0.20 -21.26
N LEU B 54 -49.48 0.77 -21.50
CA LEU B 54 -50.14 0.73 -22.80
C LEU B 54 -50.10 2.12 -23.42
N GLU B 55 -49.81 2.17 -24.71
CA GLU B 55 -49.70 3.44 -25.41
C GLU B 55 -51.08 3.98 -25.73
N THR B 56 -51.20 5.30 -25.67
CA THR B 56 -52.45 5.97 -26.01
C THR B 56 -52.73 5.79 -27.50
N GLY B 57 -53.93 5.31 -27.83
CA GLY B 57 -54.28 5.05 -29.20
C GLY B 57 -54.55 3.58 -29.47
N PHE B 58 -54.54 2.76 -28.43
CA PHE B 58 -54.83 1.36 -28.56
C PHE B 58 -55.88 0.94 -27.54
N PRO B 59 -56.72 -0.04 -27.86
CA PRO B 59 -57.76 -0.46 -26.91
C PRO B 59 -57.16 -1.12 -25.69
N SER B 60 -57.98 -1.23 -24.65
CA SER B 60 -57.58 -1.90 -23.41
C SER B 60 -57.83 -3.39 -23.50
N ARG B 61 -57.37 -3.99 -24.60
CA ARG B 61 -57.38 -5.43 -24.79
C ARG B 61 -55.99 -6.03 -24.76
N PHE B 62 -54.98 -5.25 -25.12
CA PHE B 62 -53.60 -5.69 -25.01
C PHE B 62 -53.10 -5.45 -23.59
N SER B 63 -52.43 -6.46 -23.04
CA SER B 63 -51.82 -6.31 -21.73
C SER B 63 -50.42 -6.91 -21.78
N GLY B 64 -49.56 -6.38 -20.92
CA GLY B 64 -48.20 -6.87 -20.82
C GLY B 64 -47.86 -7.31 -19.41
N THR B 65 -47.28 -8.49 -19.27
CA THR B 65 -46.89 -8.99 -17.95
C THR B 65 -45.59 -9.76 -18.06
N GLY B 66 -44.66 -9.49 -17.15
CA GLY B 66 -43.44 -10.26 -17.14
C GLY B 66 -42.52 -9.84 -16.02
N SER B 67 -41.43 -10.59 -15.89
CA SER B 67 -40.43 -10.28 -14.89
C SER B 67 -39.17 -11.05 -15.18
N GLY B 68 -38.02 -10.38 -15.06
CA GLY B 68 -36.75 -11.04 -15.23
C GLY B 68 -36.39 -11.25 -16.68
N LYS B 69 -36.55 -12.48 -17.16
CA LYS B 69 -36.24 -12.83 -18.52
C LYS B 69 -37.45 -13.27 -19.33
N ASP B 70 -38.61 -13.44 -18.69
CA ASP B 70 -39.82 -13.92 -19.35
C ASP B 70 -40.86 -12.80 -19.37
N TYR B 71 -41.36 -12.48 -20.56
CA TYR B 71 -42.39 -11.47 -20.72
C TYR B 71 -43.43 -11.98 -21.69
N THR B 72 -44.65 -11.47 -21.56
CA THR B 72 -45.76 -11.95 -22.35
C THR B 72 -46.72 -10.82 -22.67
N LEU B 73 -47.28 -10.89 -23.88
CA LEU B 73 -48.29 -9.98 -24.38
C LEU B 73 -49.58 -10.77 -24.55
N SER B 74 -50.65 -10.30 -23.93
CA SER B 74 -51.93 -10.97 -23.96
C SER B 74 -52.93 -10.13 -24.74
N ILE B 75 -53.50 -10.70 -25.79
CA ILE B 75 -54.59 -10.08 -26.52
C ILE B 75 -55.86 -10.87 -26.24
N SER B 76 -56.76 -10.30 -25.44
CA SER B 76 -58.02 -10.95 -25.12
C SER B 76 -59.11 -10.42 -26.01
N SER B 77 -59.90 -11.34 -26.59
CA SER B 77 -60.99 -10.97 -27.49
C SER B 77 -60.46 -10.17 -28.68
N LEU B 78 -59.60 -10.84 -29.45
CA LEU B 78 -58.96 -10.20 -30.57
C LEU B 78 -59.95 -9.96 -31.70
N GLN B 79 -59.70 -8.92 -32.48
CA GLN B 79 -60.51 -8.54 -33.62
C GLN B 79 -59.69 -8.72 -34.89
N THR B 80 -60.26 -8.28 -36.01
CA THR B 80 -59.59 -8.43 -37.30
C THR B 80 -58.55 -7.36 -37.55
N GLU B 81 -58.62 -6.23 -36.84
CA GLU B 81 -57.62 -5.18 -36.95
C GLU B 81 -56.37 -5.49 -36.15
N ASP B 82 -56.34 -6.62 -35.44
CA ASP B 82 -55.22 -7.01 -34.61
C ASP B 82 -54.29 -7.99 -35.30
N VAL B 83 -54.64 -8.47 -36.49
CA VAL B 83 -53.79 -9.42 -37.19
C VAL B 83 -52.57 -8.69 -37.74
N GLY B 84 -51.41 -9.31 -37.60
CA GLY B 84 -50.18 -8.71 -38.07
C GLY B 84 -48.99 -9.40 -37.47
N THR B 85 -47.88 -8.68 -37.42
CA THR B 85 -46.64 -9.18 -36.85
C THR B 85 -46.33 -8.40 -35.58
N TYR B 86 -45.83 -9.11 -34.58
CA TYR B 86 -45.56 -8.52 -33.28
C TYR B 86 -44.11 -8.77 -32.90
N TYR B 87 -43.42 -7.71 -32.50
CA TYR B 87 -42.00 -7.76 -32.18
C TYR B 87 -41.76 -7.32 -30.74
N CYS B 88 -40.87 -8.02 -30.06
CA CYS B 88 -40.37 -7.59 -28.76
C CYS B 88 -38.99 -7.00 -28.90
N GLN B 89 -38.80 -5.86 -28.23
CA GLN B 89 -37.55 -5.11 -28.26
C GLN B 89 -37.10 -4.85 -26.83
N GLN B 90 -35.80 -4.92 -26.61
CA GLN B 90 -35.20 -4.55 -25.34
C GLN B 90 -34.36 -3.29 -25.51
N TYR B 91 -34.55 -2.34 -24.61
CA TYR B 91 -33.81 -1.08 -24.62
C TYR B 91 -33.05 -0.91 -23.32
N TRP B 92 -32.43 -1.98 -22.86
CA TRP B 92 -31.58 -1.98 -21.68
C TRP B 92 -30.12 -1.69 -22.03
N SER B 93 -29.56 -2.43 -22.98
CA SER B 93 -28.18 -2.26 -23.41
C SER B 93 -28.13 -1.59 -24.78
N THR B 94 -27.02 -0.89 -25.04
CA THR B 94 -26.96 -0.01 -26.20
C THR B 94 -27.23 -0.70 -27.52
N PRO B 95 -26.71 -1.89 -27.81
CA PRO B 95 -27.10 -2.57 -29.05
C PRO B 95 -28.50 -3.14 -28.96
N TRP B 96 -29.49 -2.28 -29.17
CA TRP B 96 -30.88 -2.69 -29.04
C TRP B 96 -31.19 -3.80 -30.02
N THR B 97 -31.90 -4.81 -29.55
CA THR B 97 -32.18 -6.01 -30.30
C THR B 97 -33.67 -6.26 -30.33
N PHE B 98 -34.15 -6.73 -31.48
CA PHE B 98 -35.53 -7.10 -31.67
C PHE B 98 -35.70 -8.61 -31.64
N GLY B 99 -36.92 -9.04 -31.47
CA GLY B 99 -37.25 -10.44 -31.62
C GLY B 99 -37.47 -10.83 -33.06
N GLY B 100 -37.61 -12.12 -33.28
CA GLY B 100 -37.79 -12.64 -34.63
C GLY B 100 -39.14 -12.31 -35.22
N GLY B 101 -40.13 -12.05 -34.39
CA GLY B 101 -41.45 -11.73 -34.87
C GLY B 101 -42.38 -12.92 -34.86
N THR B 102 -43.65 -12.66 -34.50
CA THR B 102 -44.68 -13.68 -34.50
C THR B 102 -45.84 -13.18 -35.33
N LYS B 103 -46.23 -13.97 -36.33
CA LYS B 103 -47.31 -13.61 -37.22
C LYS B 103 -48.61 -14.27 -36.78
N LEU B 104 -49.67 -13.49 -36.69
CA LEU B 104 -50.99 -13.99 -36.35
C LEU B 104 -51.77 -14.30 -37.62
N GLU B 105 -52.63 -15.30 -37.52
CA GLU B 105 -53.48 -15.74 -38.61
C GLU B 105 -54.93 -15.79 -38.13
N ILE B 106 -55.81 -16.12 -39.05
CA ILE B 106 -57.24 -16.23 -38.77
C ILE B 106 -57.74 -17.55 -39.33
N ARG B 107 -58.43 -18.32 -38.49
CA ARG B 107 -58.99 -19.59 -38.91
C ARG B 107 -60.44 -19.44 -39.37
N VAL C 2 -40.63 14.44 -35.32
CA VAL C 2 -42.08 14.36 -35.18
C VAL C 2 -42.74 14.03 -36.50
N GLN C 3 -42.07 14.39 -37.59
CA GLN C 3 -42.53 13.99 -38.92
C GLN C 3 -41.29 13.74 -39.77
N LEU C 4 -40.99 12.47 -40.04
CA LEU C 4 -39.77 12.08 -40.71
C LEU C 4 -40.05 11.58 -42.10
N GLN C 5 -39.08 11.81 -43.00
CA GLN C 5 -39.22 11.43 -44.39
C GLN C 5 -37.86 10.99 -44.91
N GLU C 6 -37.79 9.75 -45.41
CA GLU C 6 -36.56 9.23 -45.98
C GLU C 6 -36.47 9.58 -47.46
N SER C 7 -35.25 9.50 -47.97
CA SER C 7 -35.01 9.69 -49.40
C SER C 7 -33.61 9.19 -49.72
N GLY C 8 -33.40 8.84 -50.98
CA GLY C 8 -32.12 8.38 -51.44
C GLY C 8 -32.24 7.38 -52.56
N PRO C 9 -31.11 7.00 -53.15
CA PRO C 9 -31.15 6.04 -54.26
C PRO C 9 -31.79 4.73 -53.85
N GLY C 10 -32.59 4.18 -54.75
CA GLY C 10 -33.21 2.89 -54.57
C GLY C 10 -32.47 1.73 -55.18
N LEU C 11 -31.25 1.96 -55.68
CA LEU C 11 -30.47 0.90 -56.31
C LEU C 11 -29.00 1.29 -56.24
N VAL C 12 -28.15 0.30 -55.94
CA VAL C 12 -26.76 0.55 -55.62
C VAL C 12 -25.91 -0.57 -56.20
N LYS C 13 -24.71 -0.21 -56.68
CA LYS C 13 -23.74 -1.21 -57.08
C LYS C 13 -23.02 -1.79 -55.87
N PRO C 14 -22.59 -3.05 -55.93
CA PRO C 14 -21.92 -3.64 -54.78
C PRO C 14 -20.63 -2.94 -54.43
N SER C 15 -20.35 -2.87 -53.12
CA SER C 15 -19.07 -2.42 -52.60
C SER C 15 -18.70 -1.02 -53.07
N GLN C 16 -19.69 -0.14 -53.22
CA GLN C 16 -19.44 1.24 -53.59
C GLN C 16 -19.85 2.23 -52.46
N SER C 17 -21.14 2.33 -52.18
CA SER C 17 -21.62 3.13 -51.07
C SER C 17 -23.13 3.14 -51.08
N LEU C 18 -23.72 3.50 -49.95
CA LEU C 18 -25.14 3.78 -49.84
C LEU C 18 -25.32 5.02 -49.00
N SER C 19 -26.15 5.95 -49.47
CA SER C 19 -26.37 7.21 -48.78
C SER C 19 -27.85 7.49 -48.73
N LEU C 20 -28.39 7.62 -47.52
CA LEU C 20 -29.79 7.98 -47.32
C LEU C 20 -29.88 9.25 -46.49
N THR C 21 -30.99 9.98 -46.69
CA THR C 21 -31.24 11.23 -46.03
C THR C 21 -32.61 11.19 -45.36
N CYS C 22 -32.69 11.65 -44.12
CA CYS C 22 -33.95 11.76 -43.40
C CYS C 22 -34.15 13.22 -43.03
N THR C 23 -35.27 13.78 -43.50
CA THR C 23 -35.65 15.15 -43.20
C THR C 23 -36.71 15.14 -42.12
N VAL C 24 -36.58 16.06 -41.17
CA VAL C 24 -37.46 16.16 -40.01
C VAL C 24 -38.24 17.45 -40.10
N THR C 25 -39.56 17.35 -39.93
CA THR C 25 -40.42 18.51 -39.81
C THR C 25 -41.29 18.37 -38.57
N GLY C 26 -41.55 19.49 -37.93
CA GLY C 26 -42.26 19.53 -36.66
C GLY C 26 -41.36 19.57 -35.45
N PHE C 27 -40.05 19.52 -35.64
CA PHE C 27 -39.12 19.48 -34.51
C PHE C 27 -37.74 19.84 -35.01
N SER C 28 -36.88 20.22 -34.08
CA SER C 28 -35.49 20.55 -34.36
C SER C 28 -34.60 19.43 -33.84
N ILE C 29 -33.73 18.91 -34.71
CA ILE C 29 -32.95 17.73 -34.36
C ILE C 29 -31.84 18.02 -33.35
N THR C 30 -31.60 19.29 -33.05
CA THR C 30 -30.57 19.67 -32.10
C THR C 30 -31.14 19.99 -30.73
N SER C 31 -32.42 19.74 -30.51
CA SER C 31 -33.08 20.17 -29.27
C SER C 31 -33.10 19.07 -28.21
N ASP C 32 -33.78 17.95 -28.49
CA ASP C 32 -34.03 16.98 -27.43
C ASP C 32 -33.62 15.55 -27.72
N TYR C 33 -34.04 14.99 -28.85
CA TYR C 33 -34.14 13.55 -28.99
C TYR C 33 -32.88 12.94 -29.62
N ALA C 34 -32.90 11.63 -29.82
CA ALA C 34 -31.90 10.92 -30.60
C ALA C 34 -32.54 10.35 -31.85
N TRP C 35 -31.75 10.24 -32.91
CA TRP C 35 -32.25 9.91 -34.24
C TRP C 35 -31.55 8.65 -34.73
N ASN C 36 -32.32 7.60 -34.97
CA ASN C 36 -31.81 6.28 -35.25
C ASN C 36 -32.11 5.86 -36.69
N TRP C 37 -31.29 4.93 -37.17
CA TRP C 37 -31.54 4.23 -38.41
C TRP C 37 -31.78 2.76 -38.12
N ILE C 38 -32.84 2.21 -38.70
CA ILE C 38 -33.17 0.80 -38.56
C ILE C 38 -33.35 0.23 -39.96
N ARG C 39 -33.08 -1.08 -40.10
CA ARG C 39 -33.28 -1.77 -41.37
C ARG C 39 -34.01 -3.09 -41.17
N GLN C 40 -34.87 -3.46 -42.14
CA GLN C 40 -35.68 -4.68 -42.09
C GLN C 40 -35.35 -5.50 -43.32
N PHE C 41 -34.86 -6.71 -43.09
CA PHE C 41 -34.47 -7.58 -44.18
C PHE C 41 -35.69 -8.27 -44.78
N PRO C 42 -35.59 -8.71 -46.03
CA PRO C 42 -36.57 -9.66 -46.54
C PRO C 42 -36.48 -10.95 -45.73
N GLY C 43 -37.64 -11.53 -45.44
CA GLY C 43 -37.67 -12.52 -44.38
C GLY C 43 -37.60 -11.78 -43.06
N LYS C 44 -38.66 -11.06 -42.76
CA LYS C 44 -38.65 -9.95 -41.82
C LYS C 44 -37.78 -10.19 -40.60
N LYS C 45 -36.80 -9.32 -40.41
CA LYS C 45 -35.88 -9.36 -39.29
C LYS C 45 -35.37 -7.94 -39.09
N LEU C 46 -35.64 -7.36 -37.93
CA LEU C 46 -35.27 -5.98 -37.66
C LEU C 46 -33.86 -5.91 -37.08
N GLU C 47 -33.13 -4.87 -37.47
CA GLU C 47 -31.76 -4.67 -37.01
C GLU C 47 -31.55 -3.19 -36.77
N TRP C 48 -31.06 -2.85 -35.59
CA TRP C 48 -30.73 -1.48 -35.26
C TRP C 48 -29.29 -1.18 -35.63
N MET C 49 -29.10 -0.13 -36.43
CA MET C 49 -27.80 0.22 -36.98
C MET C 49 -27.06 1.23 -36.12
N GLY C 50 -27.69 2.34 -35.79
CA GLY C 50 -27.07 3.33 -34.93
C GLY C 50 -27.94 4.55 -34.81
N TYR C 51 -27.41 5.53 -34.09
CA TYR C 51 -28.10 6.80 -33.90
C TYR C 51 -27.09 7.93 -33.77
N ILE C 52 -27.61 9.13 -33.95
CA ILE C 52 -26.91 10.36 -33.64
C ILE C 52 -27.77 11.13 -32.64
N ASN C 53 -27.10 11.66 -31.62
CA ASN C 53 -27.77 12.34 -30.53
C ASN C 53 -27.98 13.81 -30.87
N PHE C 54 -28.73 14.50 -30.00
CA PHE C 54 -29.05 15.89 -30.24
C PHE C 54 -27.83 16.79 -30.14
N ASP C 55 -26.75 16.32 -29.52
CA ASP C 55 -25.55 17.11 -29.31
C ASP C 55 -24.42 16.74 -30.27
N GLY C 56 -24.71 15.96 -31.29
CA GLY C 56 -23.72 15.56 -32.27
C GLY C 56 -23.07 14.22 -32.01
N GLY C 57 -23.15 13.70 -30.79
CA GLY C 57 -22.59 12.40 -30.51
C GLY C 57 -23.34 11.30 -31.24
N THR C 58 -22.63 10.21 -31.51
CA THR C 58 -23.15 9.13 -32.32
C THR C 58 -22.78 7.79 -31.69
N THR C 59 -23.58 6.78 -32.00
CA THR C 59 -23.32 5.42 -31.54
C THR C 59 -23.77 4.44 -32.61
N TYR C 60 -23.01 3.38 -32.79
CA TYR C 60 -23.22 2.44 -33.88
C TYR C 60 -23.26 1.02 -33.38
N ASN C 61 -23.94 0.18 -34.14
CA ASN C 61 -23.99 -1.25 -33.83
C ASN C 61 -22.63 -1.88 -34.11
N PRO C 62 -22.09 -2.67 -33.20
CA PRO C 62 -20.79 -3.31 -33.45
C PRO C 62 -20.78 -4.26 -34.64
N SER C 63 -21.91 -4.84 -35.01
CA SER C 63 -21.96 -5.73 -36.14
C SER C 63 -21.64 -5.03 -37.46
N LEU C 64 -21.65 -3.70 -37.46
CA LEU C 64 -21.29 -2.88 -38.60
C LEU C 64 -19.97 -2.19 -38.24
N ARG C 65 -18.87 -2.90 -38.45
CA ARG C 65 -17.57 -2.45 -37.98
C ARG C 65 -16.97 -1.51 -39.02
N GLY C 66 -17.03 -0.21 -38.75
CA GLY C 66 -16.39 0.78 -39.58
C GLY C 66 -17.08 1.05 -40.91
N ARG C 67 -18.18 0.38 -41.21
CA ARG C 67 -18.87 0.57 -42.47
C ARG C 67 -19.89 1.69 -42.45
N ILE C 68 -20.26 2.19 -41.29
CA ILE C 68 -21.41 3.08 -41.15
C ILE C 68 -20.95 4.40 -40.52
N SER C 69 -21.49 5.49 -41.04
CA SER C 69 -21.32 6.80 -40.44
C SER C 69 -22.64 7.56 -40.53
N ILE C 70 -22.98 8.27 -39.46
CA ILE C 70 -24.20 9.06 -39.40
C ILE C 70 -23.81 10.51 -39.17
N THR C 71 -24.32 11.40 -40.00
CA THR C 71 -23.99 12.81 -39.95
C THR C 71 -25.27 13.62 -39.90
N ARG C 72 -25.14 14.94 -39.72
CA ARG C 72 -26.30 15.79 -39.64
C ARG C 72 -26.01 17.15 -40.24
N ASP C 73 -27.09 17.84 -40.60
CA ASP C 73 -27.04 19.21 -41.11
C ASP C 73 -28.21 19.95 -40.46
N THR C 74 -27.89 20.79 -39.49
CA THR C 74 -28.91 21.52 -38.74
C THR C 74 -29.47 22.69 -39.53
N SER C 75 -28.78 23.13 -40.58
CA SER C 75 -29.25 24.28 -41.34
C SER C 75 -30.62 24.02 -41.95
N LYS C 76 -30.89 22.79 -42.38
CA LYS C 76 -32.20 22.42 -42.90
C LYS C 76 -32.76 21.18 -42.21
N ASN C 77 -32.25 20.82 -41.03
CA ASN C 77 -32.86 19.79 -40.19
C ASN C 77 -32.86 18.43 -40.89
N GLN C 78 -31.67 17.92 -41.19
CA GLN C 78 -31.52 16.63 -41.84
C GLN C 78 -30.47 15.79 -41.12
N PHE C 79 -30.61 14.47 -41.23
CA PHE C 79 -29.50 13.60 -40.85
C PHE C 79 -29.35 12.49 -41.88
N PHE C 80 -28.09 12.12 -42.11
CA PHE C 80 -27.70 11.28 -43.22
C PHE C 80 -27.03 10.01 -42.72
N LEU C 81 -27.24 8.93 -43.47
CA LEU C 81 -26.69 7.61 -43.21
C LEU C 81 -25.81 7.23 -44.38
N GLN C 82 -24.57 6.85 -44.10
CA GLN C 82 -23.60 6.46 -45.10
C GLN C 82 -23.08 5.08 -44.75
N LEU C 83 -23.40 4.09 -45.59
CA LEU C 83 -23.02 2.70 -45.37
C LEU C 83 -22.11 2.29 -46.53
N ARG C 84 -20.84 2.07 -46.24
CA ARG C 84 -19.83 1.90 -47.26
C ARG C 84 -19.44 0.44 -47.42
N SER C 85 -18.90 0.11 -48.59
CA SER C 85 -18.51 -1.25 -48.94
C SER C 85 -19.70 -2.19 -48.84
N VAL C 86 -20.69 -1.89 -49.66
CA VAL C 86 -21.98 -2.58 -49.60
C VAL C 86 -21.88 -3.95 -50.27
N THR C 87 -22.68 -4.88 -49.78
CA THR C 87 -22.80 -6.22 -50.32
C THR C 87 -24.27 -6.55 -50.58
N PRO C 88 -24.55 -7.52 -51.45
CA PRO C 88 -25.95 -7.86 -51.74
C PRO C 88 -26.72 -8.41 -50.57
N GLU C 89 -26.06 -8.69 -49.44
CA GLU C 89 -26.79 -9.16 -48.26
C GLU C 89 -27.52 -8.01 -47.57
N ASP C 90 -26.95 -6.81 -47.58
CA ASP C 90 -27.59 -5.66 -46.95
C ASP C 90 -28.53 -4.95 -47.93
N THR C 91 -29.40 -5.77 -48.52
CA THR C 91 -30.53 -5.28 -49.30
C THR C 91 -31.75 -5.39 -48.39
N ALA C 92 -32.38 -4.26 -48.14
CA ALA C 92 -33.39 -4.18 -47.10
C ALA C 92 -34.20 -2.91 -47.21
N THR C 93 -35.15 -2.77 -46.29
CA THR C 93 -35.97 -1.57 -46.16
C THR C 93 -35.45 -0.75 -44.98
N TYR C 94 -35.11 0.50 -45.22
CA TYR C 94 -34.48 1.36 -44.23
C TYR C 94 -35.49 2.39 -43.71
N TYR C 95 -35.52 2.56 -42.40
CA TYR C 95 -36.35 3.53 -41.72
C TYR C 95 -35.49 4.45 -40.87
N CYS C 96 -35.93 5.69 -40.72
CA CYS C 96 -35.40 6.57 -39.70
C CYS C 96 -36.43 6.73 -38.59
N ALA C 97 -35.95 6.73 -37.35
CA ALA C 97 -36.82 6.68 -36.19
C ALA C 97 -36.31 7.62 -35.12
N THR C 98 -37.17 7.87 -34.13
CA THR C 98 -36.91 8.80 -33.06
C THR C 98 -36.88 8.08 -31.72
N PHE C 99 -36.01 8.54 -30.82
CA PHE C 99 -35.81 7.93 -29.52
C PHE C 99 -35.80 9.03 -28.47
N TYR C 100 -36.73 8.95 -27.51
CA TYR C 100 -36.90 10.00 -26.52
C TYR C 100 -35.87 9.89 -25.41
N GLY C 101 -35.68 8.71 -24.87
CA GLY C 101 -34.69 8.52 -23.82
C GLY C 101 -35.29 8.47 -22.43
N ALA C 102 -36.10 9.45 -22.08
CA ALA C 102 -36.81 9.41 -20.81
C ALA C 102 -37.82 8.28 -20.78
N LYS C 103 -38.32 7.89 -21.96
CA LYS C 103 -39.27 6.81 -22.12
C LYS C 103 -38.61 5.54 -22.61
N GLY C 104 -37.65 5.65 -23.53
CA GLY C 104 -36.80 4.56 -23.94
C GLY C 104 -37.19 3.91 -25.24
N THR C 105 -38.34 4.24 -25.82
CA THR C 105 -38.86 3.54 -26.97
C THR C 105 -38.77 4.39 -28.23
N LEU C 106 -38.81 3.69 -29.37
CA LEU C 106 -38.86 4.32 -30.68
C LEU C 106 -40.30 4.71 -30.95
N ASP C 107 -40.59 6.00 -30.79
CA ASP C 107 -41.96 6.50 -30.84
C ASP C 107 -42.41 6.82 -32.25
N TYR C 108 -41.61 7.58 -32.98
CA TYR C 108 -41.96 8.03 -34.32
C TYR C 108 -41.06 7.35 -35.34
N TRP C 109 -41.66 6.93 -36.44
CA TRP C 109 -40.98 6.23 -37.52
C TRP C 109 -41.24 6.93 -38.83
N GLY C 110 -40.40 6.62 -39.80
CA GLY C 110 -40.59 7.09 -41.16
C GLY C 110 -41.41 6.13 -41.99
N GLN C 111 -41.57 6.49 -43.25
CA GLN C 111 -42.33 5.67 -44.18
C GLN C 111 -41.52 4.52 -44.75
N GLY C 112 -40.19 4.60 -44.67
CA GLY C 112 -39.35 3.51 -45.11
C GLY C 112 -39.06 3.54 -46.59
N THR C 113 -37.80 3.30 -46.96
CA THR C 113 -37.38 3.25 -48.35
C THR C 113 -36.64 1.95 -48.61
N SER C 114 -36.95 1.32 -49.73
CA SER C 114 -36.33 0.05 -50.08
C SER C 114 -35.04 0.28 -50.84
N VAL C 115 -34.04 -0.54 -50.57
CA VAL C 115 -32.74 -0.42 -51.20
C VAL C 115 -32.36 -1.78 -51.75
N THR C 116 -32.06 -1.84 -53.04
CA THR C 116 -31.69 -3.08 -53.70
C THR C 116 -30.24 -3.00 -54.15
N VAL C 117 -29.45 -3.98 -53.73
CA VAL C 117 -28.04 -4.08 -54.08
C VAL C 117 -27.91 -5.20 -55.10
N SER C 118 -27.66 -4.83 -56.36
CA SER C 118 -27.56 -5.80 -57.43
C SER C 118 -26.51 -5.32 -58.41
N SER C 119 -26.45 -5.96 -59.57
CA SER C 119 -25.45 -5.63 -60.58
C SER C 119 -25.94 -6.04 -61.96
N ALA D 45 52.35 19.22 16.43
CA ALA D 45 51.16 19.40 17.25
C ALA D 45 51.19 18.48 18.46
N VAL D 46 50.77 19.00 19.61
CA VAL D 46 50.75 18.25 20.86
C VAL D 46 49.39 18.47 21.50
N LEU D 47 48.62 17.41 21.67
CA LEU D 47 47.30 17.48 22.26
C LEU D 47 47.36 16.92 23.67
N SER D 48 47.07 17.76 24.66
CA SER D 48 47.17 17.39 26.07
C SER D 48 45.80 17.50 26.71
N PHE D 49 45.37 16.42 27.36
CA PHE D 49 44.09 16.37 28.04
C PHE D 49 44.33 16.16 29.52
N HIS D 50 43.68 16.98 30.34
CA HIS D 50 43.92 17.02 31.78
C HIS D 50 42.59 16.91 32.51
N ASN D 51 42.50 15.93 33.40
CA ASN D 51 41.37 15.74 34.31
C ASN D 51 40.04 15.75 33.56
N ILE D 52 39.98 14.98 32.48
CA ILE D 52 38.77 14.83 31.70
C ILE D 52 37.78 13.96 32.47
N CYS D 53 36.53 14.42 32.56
CA CYS D 53 35.44 13.69 33.20
C CYS D 53 34.17 14.02 32.45
N TYR D 54 33.73 13.12 31.57
CA TYR D 54 32.53 13.34 30.78
C TYR D 54 31.36 12.57 31.38
N ARG D 55 30.24 13.26 31.56
CA ARG D 55 29.04 12.68 32.12
C ARG D 55 27.88 12.91 31.17
N VAL D 56 27.04 11.89 31.01
CA VAL D 56 25.92 11.97 30.09
C VAL D 56 24.67 12.43 30.81
N LYS D 71 24.92 9.72 35.24
CA LYS D 71 25.74 8.66 34.66
C LYS D 71 27.03 9.22 34.09
N GLU D 72 28.13 8.49 34.26
CA GLU D 72 29.44 8.89 33.80
C GLU D 72 30.06 7.80 32.94
N ILE D 73 30.85 8.21 31.96
CA ILE D 73 31.54 7.29 31.08
C ILE D 73 33.04 7.33 31.28
N LEU D 74 33.62 8.50 31.55
CA LEU D 74 35.04 8.66 31.84
C LEU D 74 35.20 9.20 33.24
N SER D 75 36.05 8.56 34.04
CA SER D 75 36.19 8.94 35.44
C SER D 75 37.24 10.03 35.62
N ASN D 76 38.47 9.76 35.21
CA ASN D 76 39.54 10.74 35.32
C ASN D 76 40.67 10.30 34.39
N ILE D 77 40.98 11.13 33.39
CA ILE D 77 41.92 10.78 32.34
C ILE D 77 42.89 11.93 32.16
N ASN D 78 44.18 11.59 32.02
CA ASN D 78 45.24 12.55 31.79
C ASN D 78 46.20 11.98 30.76
N GLY D 79 46.76 12.85 29.94
CA GLY D 79 47.76 12.40 28.99
C GLY D 79 48.11 13.47 27.99
N ILE D 80 49.12 13.14 27.19
CA ILE D 80 49.54 13.98 26.07
C ILE D 80 49.80 13.10 24.86
N MET D 81 49.65 13.69 23.68
CA MET D 81 49.86 13.01 22.41
C MET D 81 50.69 13.91 21.52
N LYS D 82 51.86 13.43 21.13
CA LYS D 82 52.82 14.16 20.32
C LYS D 82 52.82 13.62 18.90
N PRO D 83 53.53 14.29 17.99
CA PRO D 83 53.56 13.81 16.60
C PRO D 83 53.95 12.34 16.51
N GLY D 84 53.18 11.58 15.76
CA GLY D 84 53.42 10.17 15.62
C GLY D 84 52.14 9.35 15.63
N LEU D 85 52.26 8.11 16.08
CA LEU D 85 51.16 7.15 16.10
C LEU D 85 50.74 6.95 17.55
N ASN D 86 49.53 7.38 17.88
CA ASN D 86 49.00 7.27 19.23
C ASN D 86 47.71 6.46 19.18
N ALA D 87 47.69 5.36 19.91
CA ALA D 87 46.60 4.41 19.87
C ALA D 87 45.85 4.41 21.19
N ILE D 88 44.56 4.11 21.11
CA ILE D 88 43.69 4.07 22.27
C ILE D 88 43.03 2.69 22.26
N LEU D 89 43.46 1.83 23.18
CA LEU D 89 43.03 0.44 23.23
C LEU D 89 42.19 0.20 24.47
N GLY D 90 41.54 -0.96 24.48
CA GLY D 90 40.71 -1.36 25.57
C GLY D 90 39.48 -2.11 25.10
N PRO D 91 38.69 -2.60 26.04
CA PRO D 91 37.45 -3.28 25.68
C PRO D 91 36.42 -2.32 25.11
N THR D 92 35.34 -2.87 24.56
CA THR D 92 34.34 -2.05 23.88
C THR D 92 33.58 -1.18 24.86
N GLY D 93 33.34 -1.67 26.08
CA GLY D 93 32.60 -0.87 27.05
C GLY D 93 33.35 0.37 27.48
N GLY D 94 34.66 0.28 27.58
CA GLY D 94 35.46 1.39 28.06
C GLY D 94 35.33 2.61 27.18
N GLY D 95 36.03 3.66 27.59
CA GLY D 95 36.00 4.91 26.86
C GLY D 95 36.97 4.94 25.70
N LYS D 96 37.09 3.81 25.01
CA LYS D 96 37.98 3.74 23.86
C LYS D 96 37.53 4.68 22.76
N SER D 97 36.23 4.69 22.46
CA SER D 97 35.68 5.53 21.40
C SER D 97 35.16 6.86 21.93
N SER D 98 34.91 6.97 23.23
CA SER D 98 34.42 8.23 23.79
C SER D 98 35.54 9.25 23.95
N LEU D 99 36.69 8.83 24.43
CA LEU D 99 37.82 9.74 24.53
C LEU D 99 38.20 10.30 23.18
N LEU D 100 38.07 9.48 22.13
CA LEU D 100 38.40 9.95 20.79
C LEU D 100 37.47 11.07 20.35
N ASP D 101 36.17 10.91 20.61
CA ASP D 101 35.23 11.98 20.29
C ASP D 101 35.50 13.22 21.12
N VAL D 102 35.79 13.04 22.41
CA VAL D 102 36.06 14.18 23.27
C VAL D 102 37.26 14.97 22.79
N LEU D 103 38.34 14.27 22.47
CA LEU D 103 39.52 14.94 21.94
C LEU D 103 39.23 15.63 20.62
N ALA D 104 38.31 15.09 19.84
CA ALA D 104 38.02 15.58 18.50
C ALA D 104 36.91 16.62 18.48
N ALA D 105 36.37 16.97 19.64
CA ALA D 105 35.32 17.98 19.75
C ALA D 105 34.04 17.55 19.05
N ARG D 106 33.83 16.25 18.94
CA ARG D 106 32.62 15.68 18.36
C ARG D 106 31.64 15.21 19.42
N LYS D 107 31.70 15.81 20.60
CA LYS D 107 30.78 15.49 21.68
C LYS D 107 30.34 16.80 22.33
N ASP D 108 29.20 16.73 23.01
CA ASP D 108 28.63 17.93 23.59
C ASP D 108 29.51 18.41 24.74
N PRO D 109 30.02 19.66 24.70
CA PRO D 109 30.83 20.16 25.81
C PRO D 109 30.08 20.30 27.12
N SER D 110 28.77 20.07 27.13
CA SER D 110 28.00 20.26 28.35
C SER D 110 28.46 19.31 29.45
N GLY D 111 28.68 18.05 29.12
CA GLY D 111 29.11 17.06 30.09
C GLY D 111 30.59 17.02 30.35
N LEU D 112 31.39 17.78 29.61
CA LEU D 112 32.83 17.76 29.75
C LEU D 112 33.24 18.59 30.97
N SER D 113 34.31 18.13 31.63
CA SER D 113 34.81 18.76 32.85
C SER D 113 36.22 19.28 32.70
N GLY D 114 37.15 18.44 32.25
CA GLY D 114 38.55 18.78 32.23
C GLY D 114 38.90 19.72 31.08
N ASP D 115 40.19 19.87 30.86
CA ASP D 115 40.70 20.82 29.88
C ASP D 115 41.51 20.11 28.80
N VAL D 116 41.23 20.47 27.55
CA VAL D 116 41.95 19.97 26.40
C VAL D 116 42.72 21.14 25.79
N LEU D 117 43.98 20.91 25.49
CA LEU D 117 44.89 21.98 25.11
C LEU D 117 45.75 21.55 23.93
N ILE D 118 46.11 22.52 23.11
CA ILE D 118 46.96 22.31 21.95
C ILE D 118 48.07 23.33 22.00
N ASN D 119 49.31 22.88 22.14
CA ASN D 119 50.46 23.75 22.19
C ASN D 119 50.28 24.85 23.25
N GLY D 120 49.56 24.52 24.32
CA GLY D 120 49.34 25.44 25.41
C GLY D 120 48.08 26.28 25.30
N ALA D 121 47.45 26.32 24.12
CA ALA D 121 46.25 27.10 23.93
C ALA D 121 45.02 26.19 23.87
N PRO D 122 43.90 26.60 24.45
CA PRO D 122 42.69 25.77 24.37
C PRO D 122 42.26 25.57 22.93
N ARG D 123 41.33 24.64 22.73
CA ARG D 123 40.87 24.32 21.40
C ARG D 123 39.97 25.43 20.87
N PRO D 124 40.32 26.08 19.76
CA PRO D 124 39.47 27.15 19.24
C PRO D 124 38.23 26.60 18.55
N ALA D 125 37.31 27.51 18.24
CA ALA D 125 36.12 27.14 17.50
C ALA D 125 36.44 26.73 16.06
N ASN D 126 37.63 27.11 15.58
CA ASN D 126 38.14 26.75 14.27
C ASN D 126 38.84 25.39 14.28
N PHE D 127 38.56 24.57 15.29
CA PHE D 127 39.30 23.32 15.48
C PHE D 127 38.85 22.26 14.49
N LYS D 128 37.56 21.91 14.52
CA LYS D 128 37.06 20.83 13.68
C LYS D 128 37.27 21.10 12.20
N CYS D 129 37.40 22.36 11.80
CA CYS D 129 37.67 22.67 10.40
C CYS D 129 39.12 22.40 10.02
N ASN D 130 40.05 22.60 10.96
CA ASN D 130 41.46 22.34 10.71
C ASN D 130 41.90 20.94 11.10
N SER D 131 41.00 20.13 11.64
CA SER D 131 41.31 18.78 12.07
C SER D 131 40.47 17.77 11.29
N GLY D 132 41.12 16.70 10.86
CA GLY D 132 40.44 15.66 10.12
C GLY D 132 39.93 14.56 11.03
N TYR D 133 38.78 14.00 10.67
CA TYR D 133 38.19 12.89 11.41
C TYR D 133 37.69 11.86 10.40
N VAL D 134 38.20 10.65 10.50
CA VAL D 134 37.85 9.56 9.60
C VAL D 134 36.91 8.62 10.35
N VAL D 135 35.75 8.36 9.76
CA VAL D 135 34.78 7.49 10.39
C VAL D 135 35.16 6.04 10.16
N GLN D 136 34.64 5.19 11.03
CA GLN D 136 34.85 3.75 10.95
C GLN D 136 34.27 3.20 9.66
N ASP D 137 32.96 3.32 9.48
CA ASP D 137 32.32 2.89 8.25
C ASP D 137 32.47 3.95 7.17
N ASP D 138 32.19 3.56 5.93
CA ASP D 138 32.41 4.44 4.79
C ASP D 138 31.31 5.48 4.67
N VAL D 139 31.70 6.70 4.34
CA VAL D 139 30.76 7.76 4.02
C VAL D 139 31.15 8.36 2.67
N VAL D 140 31.87 7.59 1.87
CA VAL D 140 32.21 8.01 0.52
C VAL D 140 31.05 7.68 -0.39
N MET D 141 30.84 8.53 -1.39
CA MET D 141 29.77 8.31 -2.36
C MET D 141 30.18 7.20 -3.31
N GLY D 142 29.59 6.02 -3.13
CA GLY D 142 29.99 4.87 -3.93
C GLY D 142 29.73 5.02 -5.41
N THR D 143 28.90 5.98 -5.80
CA THR D 143 28.53 6.18 -7.19
C THR D 143 29.49 7.12 -7.92
N LEU D 144 30.20 7.97 -7.21
CA LEU D 144 31.18 8.86 -7.81
C LEU D 144 32.48 8.10 -8.03
N THR D 145 33.52 8.81 -8.43
CA THR D 145 34.84 8.26 -8.59
C THR D 145 35.78 8.84 -7.54
N VAL D 146 36.92 8.18 -7.40
CA VAL D 146 37.89 8.58 -6.38
C VAL D 146 38.33 10.02 -6.59
N ARG D 147 38.31 10.49 -7.83
CA ARG D 147 38.64 11.89 -8.10
C ARG D 147 37.49 12.82 -7.77
N GLU D 148 36.26 12.40 -8.04
CA GLU D 148 35.11 13.28 -7.86
C GLU D 148 34.86 13.56 -6.38
N ASN D 149 35.01 12.54 -5.53
CA ASN D 149 34.82 12.75 -4.10
C ASN D 149 35.82 13.77 -3.57
N LEU D 150 37.08 13.64 -3.97
CA LEU D 150 38.09 14.60 -3.53
C LEU D 150 37.80 15.99 -4.08
N GLN D 151 37.32 16.09 -5.32
CA GLN D 151 36.95 17.39 -5.85
C GLN D 151 35.85 18.04 -5.02
N PHE D 152 34.83 17.26 -4.68
CA PHE D 152 33.74 17.79 -3.87
C PHE D 152 34.24 18.23 -2.51
N SER D 153 35.09 17.43 -1.88
CA SER D 153 35.66 17.81 -0.59
C SER D 153 36.46 19.08 -0.69
N ALA D 154 37.25 19.22 -1.75
CA ALA D 154 38.13 20.38 -1.89
C ALA D 154 37.34 21.65 -2.17
N ALA D 155 36.24 21.53 -2.91
CA ALA D 155 35.47 22.72 -3.27
C ALA D 155 34.86 23.39 -2.06
N LEU D 156 34.55 22.62 -1.02
CA LEU D 156 33.86 23.13 0.15
C LEU D 156 34.75 23.27 1.37
N ARG D 157 35.83 22.51 1.45
CA ARG D 157 36.74 22.60 2.58
C ARG D 157 37.87 23.58 2.38
N LEU D 158 38.19 23.92 1.14
CA LEU D 158 39.24 24.88 0.83
C LEU D 158 38.65 26.27 0.60
N ALA D 159 39.54 27.24 0.52
CA ALA D 159 39.13 28.62 0.36
C ALA D 159 38.83 28.93 -1.10
N THR D 160 37.89 29.85 -1.31
CA THR D 160 37.52 30.25 -2.66
C THR D 160 38.59 31.13 -3.30
N THR D 161 39.50 31.69 -2.50
CA THR D 161 40.58 32.49 -3.06
C THR D 161 41.43 31.66 -4.01
N MET D 162 41.56 30.36 -3.75
CA MET D 162 42.39 29.52 -4.57
C MET D 162 41.78 29.33 -5.96
N THR D 163 42.61 28.83 -6.87
CA THR D 163 42.21 28.55 -8.23
C THR D 163 41.92 27.06 -8.41
N ASN D 164 41.06 26.74 -9.37
CA ASN D 164 40.77 25.34 -9.66
C ASN D 164 42.05 24.57 -10.00
N HIS D 165 43.02 25.25 -10.60
CA HIS D 165 44.30 24.59 -10.86
C HIS D 165 44.99 24.20 -9.56
N GLU D 166 44.98 25.10 -8.57
CA GLU D 166 45.59 24.78 -7.28
C GLU D 166 44.86 23.62 -6.60
N LYS D 167 43.54 23.63 -6.64
CA LYS D 167 42.78 22.52 -6.06
C LYS D 167 43.11 21.21 -6.75
N ASN D 168 43.20 21.22 -8.07
CA ASN D 168 43.55 20.01 -8.79
C ASN D 168 44.96 19.53 -8.43
N GLU D 169 45.90 20.46 -8.26
CA GLU D 169 47.24 20.06 -7.85
C GLU D 169 47.24 19.44 -6.47
N ARG D 170 46.49 20.02 -5.54
CA ARG D 170 46.39 19.44 -4.20
C ARG D 170 45.82 18.03 -4.28
N ILE D 171 44.78 17.84 -5.09
CA ILE D 171 44.16 16.54 -5.22
C ILE D 171 45.15 15.54 -5.83
N ASN D 172 45.90 15.96 -6.83
CA ASN D 172 46.87 15.08 -7.45
C ASN D 172 47.94 14.67 -6.45
N ARG D 173 48.43 15.63 -5.66
CA ARG D 173 49.42 15.31 -4.64
C ARG D 173 48.87 14.32 -3.63
N VAL D 174 47.63 14.51 -3.19
CA VAL D 174 47.03 13.61 -2.23
C VAL D 174 46.90 12.21 -2.82
N ILE D 175 46.43 12.11 -4.06
CA ILE D 175 46.27 10.81 -4.69
C ILE D 175 47.61 10.11 -4.82
N GLN D 176 48.64 10.85 -5.19
CA GLN D 176 49.97 10.28 -5.29
C GLN D 176 50.46 9.78 -3.94
N GLU D 177 50.29 10.57 -2.89
CA GLU D 177 50.74 10.15 -1.57
C GLU D 177 50.01 8.90 -1.10
N LEU D 178 48.70 8.84 -1.30
CA LEU D 178 47.96 7.65 -0.90
C LEU D 178 48.24 6.45 -1.78
N GLY D 179 48.58 6.68 -3.05
CA GLY D 179 48.79 5.59 -3.98
C GLY D 179 47.50 5.12 -4.64
N LEU D 180 46.68 6.08 -5.08
CA LEU D 180 45.42 5.79 -5.75
C LEU D 180 45.46 6.20 -7.22
N ASP D 181 46.65 6.23 -7.82
CA ASP D 181 46.78 6.73 -9.18
C ASP D 181 46.02 5.87 -10.16
N LYS D 182 46.10 4.54 -10.01
CA LYS D 182 45.50 3.63 -10.96
C LYS D 182 44.00 3.44 -10.78
N VAL D 183 43.42 4.01 -9.73
CA VAL D 183 41.99 3.85 -9.46
C VAL D 183 41.36 5.23 -9.31
N ALA D 184 42.12 6.27 -9.64
CA ALA D 184 41.64 7.63 -9.47
C ALA D 184 40.40 7.92 -10.28
N ASP D 185 40.12 7.13 -11.32
CA ASP D 185 38.99 7.37 -12.21
C ASP D 185 38.08 6.16 -12.28
N SER D 186 38.05 5.36 -11.22
CA SER D 186 37.15 4.22 -11.12
C SER D 186 36.14 4.45 -10.00
N LYS D 187 34.94 3.93 -10.21
CA LYS D 187 33.87 4.16 -9.25
C LYS D 187 34.14 3.40 -7.96
N VAL D 188 33.85 4.06 -6.84
CA VAL D 188 34.11 3.48 -5.53
C VAL D 188 33.26 2.25 -5.31
N GLY D 189 32.03 2.26 -5.79
CA GLY D 189 31.21 1.07 -5.79
C GLY D 189 29.95 1.14 -4.94
N THR D 190 28.85 0.62 -5.48
CA THR D 190 27.60 0.50 -4.75
C THR D 190 27.02 -0.89 -4.97
N GLN D 191 25.77 -1.10 -4.57
CA GLN D 191 25.11 -2.37 -4.79
C GLN D 191 25.13 -2.75 -6.27
N PHE D 192 24.56 -1.89 -7.12
CA PHE D 192 24.47 -2.21 -8.54
C PHE D 192 25.81 -2.05 -9.25
N ILE D 193 26.68 -1.18 -8.75
CA ILE D 193 27.93 -0.83 -9.42
C ILE D 193 29.05 -1.63 -8.78
N ARG D 194 29.85 -2.28 -9.62
CA ARG D 194 31.08 -2.91 -9.14
C ARG D 194 32.14 -1.85 -8.91
N GLY D 195 32.84 -1.95 -7.78
CA GLY D 195 33.80 -0.93 -7.42
C GLY D 195 35.10 -1.45 -6.86
N VAL D 196 35.86 -0.56 -6.24
CA VAL D 196 37.18 -0.87 -5.73
C VAL D 196 37.07 -1.71 -4.47
N SER D 197 38.16 -2.34 -4.07
CA SER D 197 38.17 -3.15 -2.87
C SER D 197 37.98 -2.27 -1.63
N GLY D 198 37.59 -2.91 -0.53
CA GLY D 198 37.41 -2.20 0.72
C GLY D 198 38.67 -1.59 1.28
N GLY D 199 39.84 -2.02 0.81
CA GLY D 199 41.09 -1.47 1.29
C GLY D 199 41.44 -0.11 0.73
N GLU D 200 40.86 0.27 -0.40
CA GLU D 200 41.13 1.55 -1.02
C GLU D 200 40.00 2.57 -0.82
N ARG D 201 38.79 2.11 -0.51
CA ARG D 201 37.76 3.03 -0.04
C ARG D 201 38.24 3.77 1.20
N LYS D 202 38.89 3.06 2.11
CA LYS D 202 39.40 3.70 3.32
C LYS D 202 40.43 4.75 2.97
N ARG D 203 41.30 4.47 2.00
CA ARG D 203 42.29 5.45 1.60
C ARG D 203 41.64 6.65 0.94
N THR D 204 40.54 6.44 0.21
CA THR D 204 39.81 7.57 -0.35
C THR D 204 39.21 8.42 0.76
N SER D 205 38.65 7.78 1.78
CA SER D 205 38.11 8.52 2.92
C SER D 205 39.19 9.32 3.62
N ILE D 206 40.37 8.73 3.80
CA ILE D 206 41.48 9.44 4.42
C ILE D 206 41.89 10.63 3.55
N GLY D 207 41.87 10.47 2.24
CA GLY D 207 42.21 11.58 1.36
C GLY D 207 41.22 12.72 1.44
N MET D 208 39.93 12.39 1.56
CA MET D 208 38.93 13.43 1.69
C MET D 208 39.18 14.33 2.90
N GLU D 209 39.86 13.84 3.91
CA GLU D 209 40.23 14.64 5.07
C GLU D 209 41.61 15.27 4.93
N LEU D 210 42.54 14.60 4.26
CA LEU D 210 43.86 15.17 4.03
C LEU D 210 43.86 16.30 3.02
N ILE D 211 42.75 16.47 2.28
CA ILE D 211 42.69 17.56 1.30
C ILE D 211 43.13 18.88 1.92
N THR D 212 42.60 19.20 3.10
CA THR D 212 42.92 20.46 3.76
C THR D 212 44.29 20.44 4.43
N ASP D 213 44.98 19.31 4.43
CA ASP D 213 46.29 19.18 5.06
C ASP D 213 46.22 19.58 6.52
N PRO D 214 45.53 18.83 7.36
CA PRO D 214 45.48 19.15 8.77
C PRO D 214 46.74 18.69 9.49
N SER D 215 46.87 19.16 10.73
CA SER D 215 48.00 18.78 11.57
C SER D 215 47.64 17.66 12.54
N ILE D 216 46.36 17.43 12.79
CA ILE D 216 45.89 16.38 13.68
C ILE D 216 44.86 15.55 12.93
N LEU D 217 45.00 14.24 13.00
CA LEU D 217 44.15 13.31 12.25
C LEU D 217 43.60 12.25 13.20
N PHE D 218 42.28 12.21 13.33
CA PHE D 218 41.60 11.25 14.19
C PHE D 218 41.00 10.12 13.37
N LEU D 219 41.16 8.89 13.84
CA LEU D 219 40.66 7.70 13.15
C LEU D 219 39.93 6.79 14.14
N ASP D 220 38.69 6.46 13.80
CA ASP D 220 37.86 5.59 14.61
C ASP D 220 37.86 4.20 13.99
N GLU D 221 38.65 3.29 14.57
CA GLU D 221 38.69 1.90 14.13
C GLU D 221 39.00 1.81 12.65
N PRO D 222 40.18 2.26 12.22
CA PRO D 222 40.49 2.24 10.78
C PRO D 222 40.60 0.85 10.19
N THR D 223 40.76 -0.18 11.00
CA THR D 223 40.97 -1.53 10.50
C THR D 223 39.78 -2.44 10.68
N THR D 224 38.82 -2.09 11.53
CA THR D 224 37.65 -2.93 11.74
C THR D 224 36.90 -3.08 10.42
N GLY D 225 36.60 -4.32 10.04
CA GLY D 225 35.97 -4.64 8.78
C GLY D 225 36.97 -5.07 7.72
N LEU D 226 38.18 -4.55 7.75
CA LEU D 226 39.20 -4.90 6.78
C LEU D 226 39.81 -6.26 7.13
N ASP D 227 40.52 -6.82 6.16
CA ASP D 227 41.26 -8.05 6.35
C ASP D 227 42.65 -7.75 6.91
N SER D 228 43.35 -8.81 7.30
CA SER D 228 44.64 -8.65 7.96
C SER D 228 45.66 -7.99 7.02
N SER D 229 45.79 -8.52 5.81
CA SER D 229 46.75 -7.97 4.86
C SER D 229 46.39 -6.56 4.44
N THR D 230 45.10 -6.24 4.36
CA THR D 230 44.68 -4.87 4.08
C THR D 230 45.00 -3.95 5.25
N ALA D 231 44.69 -4.40 6.47
CA ALA D 231 44.90 -3.58 7.65
C ALA D 231 46.38 -3.26 7.85
N ASN D 232 47.24 -4.25 7.64
CA ASN D 232 48.67 -4.01 7.78
C ASN D 232 49.14 -2.91 6.84
N ALA D 233 48.70 -2.97 5.58
CA ALA D 233 49.10 -1.96 4.61
C ALA D 233 48.55 -0.58 5.00
N VAL D 234 47.31 -0.55 5.45
CA VAL D 234 46.71 0.72 5.86
C VAL D 234 47.52 1.34 6.99
N LEU D 235 47.89 0.55 7.99
CA LEU D 235 48.62 1.09 9.13
C LEU D 235 50.05 1.46 8.77
N LEU D 236 50.68 0.72 7.86
CA LEU D 236 51.98 1.15 7.37
C LEU D 236 51.88 2.49 6.66
N LEU D 237 50.81 2.69 5.89
CA LEU D 237 50.58 3.98 5.26
C LEU D 237 50.42 5.08 6.31
N LEU D 238 49.67 4.79 7.37
CA LEU D 238 49.48 5.77 8.43
C LEU D 238 50.81 6.14 9.07
N LYS D 239 51.67 5.15 9.30
CA LYS D 239 52.97 5.43 9.89
C LYS D 239 53.81 6.29 8.95
N ARG D 240 53.78 5.99 7.65
CA ARG D 240 54.51 6.81 6.69
C ARG D 240 53.99 8.23 6.70
N MET D 241 52.68 8.43 6.86
CA MET D 241 52.13 9.77 6.98
C MET D 241 52.64 10.45 8.23
N SER D 242 52.58 9.75 9.36
CA SER D 242 52.99 10.32 10.64
C SER D 242 54.44 10.75 10.66
N LYS D 243 55.31 10.03 9.95
CA LYS D 243 56.72 10.41 9.90
C LYS D 243 56.93 11.77 9.24
N GLN D 244 55.94 12.26 8.50
CA GLN D 244 56.07 13.58 7.88
C GLN D 244 55.90 14.71 8.89
N GLY D 245 55.30 14.42 10.05
CA GLY D 245 55.08 15.45 11.05
C GLY D 245 53.63 15.65 11.42
N ARG D 246 52.80 14.63 11.22
CA ARG D 246 51.39 14.70 11.58
C ARG D 246 51.14 13.89 12.84
N THR D 247 50.20 14.37 13.64
CA THR D 247 49.79 13.67 14.85
C THR D 247 48.57 12.82 14.52
N ILE D 248 48.73 11.51 14.53
CA ILE D 248 47.65 10.58 14.22
C ILE D 248 47.21 9.92 15.51
N ILE D 249 45.90 9.97 15.75
CA ILE D 249 45.30 9.46 16.96
C ILE D 249 44.17 8.53 16.54
N PHE D 250 44.26 7.26 16.90
CA PHE D 250 43.29 6.30 16.42
C PHE D 250 42.90 5.34 17.53
N SER D 251 41.74 4.71 17.33
CA SER D 251 41.22 3.71 18.25
C SER D 251 41.15 2.37 17.52
N ILE D 252 41.90 1.39 18.01
CA ILE D 252 41.96 0.07 17.40
C ILE D 252 41.17 -0.91 18.25
N HIS D 253 40.76 -2.01 17.62
CA HIS D 253 40.08 -3.10 18.29
C HIS D 253 40.92 -4.36 18.17
N GLN D 254 41.50 -4.80 19.30
CA GLN D 254 42.30 -6.02 19.41
C GLN D 254 43.22 -6.19 18.20
N PRO D 255 44.31 -5.43 18.12
CA PRO D 255 45.23 -5.56 16.99
C PRO D 255 46.05 -6.83 17.06
N ARG D 256 46.84 -7.03 16.01
CA ARG D 256 47.87 -8.06 15.95
C ARG D 256 49.23 -7.43 16.23
N TYR D 257 50.20 -8.30 16.55
CA TYR D 257 51.50 -7.79 16.94
C TYR D 257 52.19 -7.05 15.80
N SER D 258 51.95 -7.47 14.56
CA SER D 258 52.50 -6.73 13.42
C SER D 258 52.01 -5.30 13.40
N ILE D 259 50.86 -5.03 14.01
CA ILE D 259 50.35 -3.68 14.16
C ILE D 259 50.89 -3.04 15.43
N PHE D 260 50.85 -3.77 16.54
CA PHE D 260 51.27 -3.23 17.82
C PHE D 260 52.72 -2.78 17.79
N LYS D 261 53.53 -3.38 16.92
CA LYS D 261 54.94 -3.01 16.84
C LYS D 261 55.17 -1.65 16.21
N LEU D 262 54.11 -1.03 15.67
CA LEU D 262 54.24 0.25 15.00
C LEU D 262 53.85 1.44 15.86
N PHE D 263 53.10 1.21 16.95
CA PHE D 263 52.61 2.31 17.75
C PHE D 263 53.76 3.08 18.39
N ASP D 264 53.55 4.38 18.59
CA ASP D 264 54.49 5.23 19.28
C ASP D 264 54.00 5.66 20.65
N SER D 265 52.70 5.57 20.91
CA SER D 265 52.16 5.84 22.22
C SER D 265 50.86 5.06 22.39
N LEU D 266 50.59 4.63 23.61
CA LEU D 266 49.48 3.75 23.92
C LEU D 266 48.67 4.33 25.08
N THR D 267 47.35 4.24 24.97
CA THR D 267 46.44 4.69 26.02
C THR D 267 45.42 3.59 26.23
N LEU D 268 45.51 2.89 27.36
CA LEU D 268 44.66 1.75 27.65
C LEU D 268 43.54 2.20 28.59
N LEU D 269 42.31 2.05 28.13
CA LEU D 269 41.13 2.42 28.89
C LEU D 269 40.23 1.21 29.09
N ALA D 270 39.65 1.12 30.28
CA ALA D 270 38.67 0.07 30.57
C ALA D 270 37.64 0.62 31.53
N SER D 271 36.37 0.52 31.14
CA SER D 271 35.25 0.93 31.99
C SER D 271 35.43 2.36 32.47
N GLY D 272 35.91 3.23 31.57
CA GLY D 272 36.06 4.62 31.90
C GLY D 272 37.26 4.95 32.74
N ARG D 273 38.13 3.98 33.00
CA ARG D 273 39.31 4.17 33.83
C ARG D 273 40.57 3.99 33.00
N LEU D 274 41.59 4.77 33.33
CA LEU D 274 42.87 4.74 32.64
C LEU D 274 43.75 3.68 33.29
N MET D 275 43.89 2.52 32.63
CA MET D 275 44.71 1.46 33.19
C MET D 275 46.18 1.66 32.85
N PHE D 276 46.49 2.44 31.82
CA PHE D 276 47.86 2.72 31.46
C PHE D 276 47.89 3.81 30.41
N HIS D 277 48.89 4.68 30.51
CA HIS D 277 49.19 5.63 29.44
C HIS D 277 50.69 5.83 29.38
N GLY D 278 51.24 5.70 28.19
CA GLY D 278 52.66 5.90 27.98
C GLY D 278 53.07 5.31 26.65
N PRO D 279 54.37 5.22 26.41
CA PRO D 279 54.84 4.59 25.19
C PRO D 279 54.33 3.16 25.09
N ALA D 280 53.95 2.77 23.88
CA ALA D 280 53.36 1.45 23.66
C ALA D 280 54.34 0.33 23.87
N GLN D 281 55.65 0.60 23.80
CA GLN D 281 56.66 -0.43 23.92
C GLN D 281 56.98 -0.80 25.35
N GLU D 282 56.48 -0.04 26.32
CA GLU D 282 56.78 -0.26 27.73
C GLU D 282 55.61 -0.81 28.52
N ALA D 283 54.44 -0.97 27.89
CA ALA D 283 53.29 -1.53 28.60
C ALA D 283 53.57 -2.96 29.02
N LEU D 284 54.30 -3.70 28.17
CA LEU D 284 54.69 -5.06 28.53
C LEU D 284 55.50 -5.07 29.82
N GLY D 285 56.51 -4.21 29.91
CA GLY D 285 57.31 -4.14 31.13
C GLY D 285 56.49 -3.69 32.32
N TYR D 286 55.60 -2.72 32.11
CA TYR D 286 54.77 -2.23 33.20
C TYR D 286 53.92 -3.36 33.79
N PHE D 287 53.24 -4.11 32.92
CA PHE D 287 52.39 -5.19 33.42
C PHE D 287 53.20 -6.35 33.95
N GLU D 288 54.41 -6.57 33.42
CA GLU D 288 55.28 -7.59 34.00
C GLU D 288 55.68 -7.24 35.42
N SER D 289 56.02 -5.98 35.66
CA SER D 289 56.42 -5.53 36.99
C SER D 289 55.25 -5.25 37.91
N ALA D 290 54.03 -5.20 37.37
CA ALA D 290 52.84 -4.92 38.18
C ALA D 290 52.27 -6.15 38.87
N GLY D 291 52.86 -7.32 38.66
CA GLY D 291 52.37 -8.55 39.23
C GLY D 291 51.75 -9.51 38.26
N TYR D 292 52.14 -9.46 36.98
CA TYR D 292 51.59 -10.34 35.97
C TYR D 292 52.72 -10.81 35.07
N HIS D 293 52.50 -11.90 34.36
CA HIS D 293 53.47 -12.44 33.43
C HIS D 293 52.79 -12.89 32.15
N CYS D 294 53.43 -12.62 31.02
CA CYS D 294 52.94 -13.03 29.72
C CYS D 294 53.80 -14.17 29.20
N GLU D 295 53.16 -15.24 28.76
CA GLU D 295 53.87 -16.37 28.19
C GLU D 295 54.24 -16.08 26.74
N ALA D 296 55.10 -16.91 26.18
CA ALA D 296 55.55 -16.71 24.81
C ALA D 296 54.43 -16.99 23.83
N TYR D 297 54.53 -16.38 22.65
CA TYR D 297 53.55 -16.56 21.58
C TYR D 297 52.16 -16.06 21.98
N ASN D 298 52.12 -15.07 22.87
CA ASN D 298 50.88 -14.43 23.27
C ASN D 298 50.95 -12.96 22.89
N ASN D 299 49.92 -12.48 22.22
CA ASN D 299 49.93 -11.10 21.73
C ASN D 299 49.78 -10.15 22.92
N PRO D 300 50.66 -9.15 23.06
CA PRO D 300 50.52 -8.22 24.19
C PRO D 300 49.17 -7.51 24.22
N ALA D 301 48.64 -7.19 23.04
CA ALA D 301 47.31 -6.57 22.99
C ALA D 301 46.24 -7.52 23.51
N ASP D 302 46.36 -8.81 23.18
CA ASP D 302 45.46 -9.80 23.77
C ASP D 302 45.76 -9.97 25.25
N PHE D 303 47.03 -9.83 25.64
CA PHE D 303 47.41 -9.96 27.04
C PHE D 303 46.74 -8.91 27.91
N PHE D 304 46.69 -7.67 27.42
CA PHE D 304 46.08 -6.58 28.19
C PHE D 304 44.59 -6.83 28.41
N LEU D 305 43.86 -7.16 27.34
CA LEU D 305 42.44 -7.44 27.49
C LEU D 305 42.20 -8.70 28.31
N ASP D 306 43.11 -9.67 28.26
CA ASP D 306 42.98 -10.83 29.14
C ASP D 306 43.08 -10.41 30.59
N ILE D 307 44.01 -9.50 30.91
CA ILE D 307 44.09 -8.95 32.26
C ILE D 307 42.77 -8.26 32.61
N ILE D 308 42.26 -7.43 31.70
CA ILE D 308 41.07 -6.65 32.00
C ILE D 308 39.89 -7.57 32.28
N ASN D 309 39.71 -8.61 31.46
CA ASN D 309 38.59 -9.53 31.66
C ASN D 309 38.78 -10.35 32.93
N GLY D 310 39.99 -10.80 33.21
CA GLY D 310 40.26 -11.59 34.39
C GLY D 310 40.99 -12.90 34.09
N ASP D 311 41.63 -12.96 32.93
CA ASP D 311 42.37 -14.16 32.52
C ASP D 311 41.45 -15.38 32.48
N LEU D 338 37.90 -4.72 40.89
CA LEU D 338 39.03 -4.98 40.00
C LEU D 338 39.32 -3.76 39.13
N ILE D 339 38.25 -3.12 38.64
CA ILE D 339 38.43 -1.92 37.83
C ILE D 339 39.12 -0.84 38.66
N GLU D 340 38.58 -0.55 39.85
CA GLU D 340 39.23 0.38 40.75
C GLU D 340 40.60 -0.09 41.19
N LYS D 341 40.83 -1.41 41.24
CA LYS D 341 42.14 -1.93 41.61
C LYS D 341 43.22 -1.48 40.63
N LEU D 342 43.01 -1.73 39.33
CA LEU D 342 43.93 -1.26 38.31
C LEU D 342 43.98 0.26 38.21
N ALA D 343 42.83 0.93 38.37
CA ALA D 343 42.84 2.38 38.34
C ALA D 343 43.76 2.95 39.42
N GLU D 344 43.62 2.44 40.65
CA GLU D 344 44.46 2.91 41.74
C GLU D 344 45.93 2.55 41.50
N ILE D 345 46.19 1.34 41.00
CA ILE D 345 47.57 0.96 40.71
C ILE D 345 48.20 1.96 39.76
N TYR D 346 47.50 2.32 38.68
CA TYR D 346 48.08 3.28 37.76
C TYR D 346 48.21 4.65 38.39
N VAL D 347 47.19 5.09 39.15
CA VAL D 347 47.27 6.40 39.79
C VAL D 347 48.48 6.47 40.69
N ASN D 348 48.91 5.34 41.25
CA ASN D 348 50.12 5.27 42.05
C ASN D 348 51.36 4.95 41.22
N SER D 349 51.21 4.82 39.92
CA SER D 349 52.32 4.47 39.03
C SER D 349 53.16 5.71 38.72
N SER D 350 54.35 5.46 38.17
CA SER D 350 55.24 6.56 37.78
C SER D 350 54.72 7.31 36.57
N PHE D 351 54.11 6.60 35.62
CA PHE D 351 53.62 7.24 34.41
C PHE D 351 52.58 8.30 34.74
N TYR D 352 51.72 8.01 35.72
CA TYR D 352 50.72 8.99 36.13
C TYR D 352 51.40 10.25 36.67
N LYS D 353 52.47 10.07 37.44
CA LYS D 353 53.19 11.22 37.99
C LYS D 353 53.82 12.05 36.88
N GLU D 354 54.44 11.38 35.90
CA GLU D 354 55.02 12.11 34.79
C GLU D 354 53.96 12.87 34.00
N THR D 355 52.82 12.23 33.73
CA THR D 355 51.75 12.90 33.01
C THR D 355 51.24 14.11 33.77
N LYS D 356 51.01 13.95 35.08
CA LYS D 356 50.51 15.08 35.87
C LYS D 356 51.52 16.21 35.91
N ALA D 357 52.81 15.88 36.04
CA ALA D 357 53.83 16.92 36.04
C ALA D 357 53.85 17.67 34.71
N GLU D 358 53.81 16.94 33.61
CA GLU D 358 53.83 17.61 32.31
C GLU D 358 52.60 18.47 32.10
N LEU D 359 51.42 17.99 32.53
CA LEU D 359 50.21 18.77 32.37
C LEU D 359 50.20 20.02 33.23
N HIS D 360 50.75 19.96 34.45
CA HIS D 360 50.86 21.12 35.30
C HIS D 360 52.02 22.03 34.88
N GLN D 361 52.91 21.55 34.02
CA GLN D 361 53.96 22.40 33.49
C GLN D 361 53.39 23.45 32.55
N LEU D 362 52.51 23.05 31.63
CA LEU D 362 52.00 23.96 30.62
C LEU D 362 50.91 24.87 31.17
N SER D 363 49.80 24.27 31.62
CA SER D 363 48.71 25.06 32.17
C SER D 363 49.15 25.85 33.39
N GLY D 364 49.86 25.22 34.31
CA GLY D 364 50.32 25.89 35.52
C GLY D 364 51.33 26.98 35.24
N TYR D 379 30.50 31.48 7.27
CA TYR D 379 31.01 30.22 6.76
C TYR D 379 32.17 30.43 5.80
N THR D 380 32.84 29.33 5.44
CA THR D 380 34.00 29.42 4.57
C THR D 380 33.62 29.97 3.19
N THR D 381 32.50 29.50 2.65
CA THR D 381 32.12 29.81 1.28
C THR D 381 30.75 30.47 1.24
N SER D 382 30.31 30.79 0.03
CA SER D 382 29.04 31.43 -0.20
C SER D 382 27.92 30.41 -0.34
N PHE D 383 26.69 30.89 -0.18
CA PHE D 383 25.53 30.02 -0.25
C PHE D 383 25.38 29.40 -1.63
N CYS D 384 25.52 30.20 -2.68
CA CYS D 384 25.31 29.70 -4.03
C CYS D 384 26.30 28.62 -4.40
N HIS D 385 27.57 28.79 -4.00
CA HIS D 385 28.58 27.78 -4.30
C HIS D 385 28.24 26.45 -3.65
N GLN D 386 27.87 26.48 -2.37
CA GLN D 386 27.50 25.26 -1.66
C GLN D 386 26.30 24.59 -2.33
N LEU D 387 25.29 25.39 -2.65
CA LEU D 387 24.09 24.84 -3.25
C LEU D 387 24.40 24.21 -4.61
N ARG D 388 25.22 24.89 -5.42
CA ARG D 388 25.57 24.38 -6.73
C ARG D 388 26.28 23.04 -6.62
N TRP D 389 27.25 22.94 -5.71
CA TRP D 389 28.02 21.71 -5.62
C TRP D 389 27.20 20.57 -5.04
N VAL D 390 26.36 20.86 -4.05
CA VAL D 390 25.48 19.83 -3.53
C VAL D 390 24.55 19.32 -4.62
N SER D 391 24.01 20.23 -5.42
CA SER D 391 23.12 19.83 -6.50
C SER D 391 23.84 18.97 -7.52
N LYS D 392 25.06 19.37 -7.89
CA LYS D 392 25.83 18.61 -8.86
C LYS D 392 26.09 17.20 -8.35
N ARG D 393 26.51 17.07 -7.09
CA ARG D 393 26.78 15.74 -6.56
C ARG D 393 25.50 14.90 -6.51
N SER D 394 24.39 15.49 -6.07
CA SER D 394 23.15 14.73 -5.99
C SER D 394 22.69 14.27 -7.37
N PHE D 395 22.84 15.12 -8.38
CA PHE D 395 22.41 14.72 -9.72
C PHE D 395 23.34 13.67 -10.31
N LYS D 396 24.64 13.78 -10.05
CA LYS D 396 25.55 12.72 -10.47
C LYS D 396 25.16 11.39 -9.83
N ASN D 397 24.79 11.43 -8.54
CA ASN D 397 24.38 10.20 -7.88
C ASN D 397 23.08 9.68 -8.45
N LEU D 398 22.17 10.57 -8.83
CA LEU D 398 20.89 10.16 -9.42
C LEU D 398 21.10 9.50 -10.78
N LEU D 399 21.95 10.08 -11.62
CA LEU D 399 22.23 9.46 -12.92
C LEU D 399 23.03 8.17 -12.75
N GLY D 400 23.99 8.18 -11.84
CA GLY D 400 24.83 7.01 -11.63
C GLY D 400 24.17 5.88 -10.90
N ASN D 401 22.88 6.01 -10.59
CA ASN D 401 22.06 4.94 -10.03
C ASN D 401 20.84 4.81 -10.92
N PRO D 402 21.03 4.42 -12.18
CA PRO D 402 19.90 4.45 -13.12
C PRO D 402 18.80 3.47 -12.76
N GLN D 403 19.09 2.49 -11.90
CA GLN D 403 18.11 1.44 -11.65
C GLN D 403 16.86 1.99 -10.99
N ALA D 404 17.01 2.63 -9.83
CA ALA D 404 15.88 3.04 -9.02
C ALA D 404 15.18 4.29 -9.53
N SER D 405 15.72 4.95 -10.55
CA SER D 405 15.05 6.07 -11.20
C SER D 405 14.44 5.69 -12.54
N ILE D 406 15.13 4.86 -13.32
CA ILE D 406 14.56 4.35 -14.56
C ILE D 406 13.38 3.43 -14.26
N ALA D 407 13.45 2.69 -13.16
CA ALA D 407 12.38 1.76 -12.83
C ALA D 407 11.06 2.49 -12.63
N GLN D 408 11.09 3.65 -11.97
CA GLN D 408 9.87 4.42 -11.77
C GLN D 408 9.28 4.88 -13.09
N ILE D 409 10.12 5.31 -14.03
CA ILE D 409 9.62 5.73 -15.34
C ILE D 409 9.01 4.55 -16.07
N ILE D 410 9.67 3.40 -16.03
CA ILE D 410 9.15 2.21 -16.72
C ILE D 410 7.80 1.82 -16.14
N VAL D 411 7.70 1.81 -14.81
CA VAL D 411 6.44 1.49 -14.16
C VAL D 411 5.36 2.49 -14.55
N THR D 412 5.71 3.77 -14.57
CA THR D 412 4.75 4.79 -14.96
C THR D 412 4.22 4.55 -16.36
N VAL D 413 5.11 4.30 -17.31
CA VAL D 413 4.68 4.08 -18.69
C VAL D 413 3.79 2.85 -18.80
N VAL D 414 4.21 1.75 -18.17
CA VAL D 414 3.45 0.51 -18.25
C VAL D 414 2.07 0.69 -17.66
N LEU D 415 2.02 1.30 -16.48
CA LEU D 415 0.74 1.52 -15.81
C LEU D 415 -0.15 2.43 -16.63
N GLY D 416 0.41 3.48 -17.22
CA GLY D 416 -0.38 4.35 -18.06
C GLY D 416 -0.96 3.64 -19.27
N LEU D 417 -0.16 2.80 -19.92
CA LEU D 417 -0.68 2.04 -21.05
C LEU D 417 -1.78 1.07 -20.64
N VAL D 418 -1.60 0.40 -19.51
CA VAL D 418 -2.64 -0.51 -19.02
C VAL D 418 -3.92 0.26 -18.74
N ILE D 419 -3.80 1.41 -18.08
CA ILE D 419 -4.97 2.21 -17.76
C ILE D 419 -5.67 2.68 -19.03
N GLY D 420 -4.89 3.12 -20.03
CA GLY D 420 -5.47 3.53 -21.28
C GLY D 420 -6.13 2.43 -22.05
N ALA D 421 -5.66 1.19 -21.88
CA ALA D 421 -6.30 0.04 -22.50
C ALA D 421 -7.57 -0.37 -21.80
N ILE D 422 -7.59 -0.35 -20.47
CA ILE D 422 -8.78 -0.72 -19.73
C ILE D 422 -9.90 0.30 -19.92
N TYR D 423 -9.57 1.58 -19.81
CA TYR D 423 -10.55 2.66 -19.91
C TYR D 423 -10.64 3.25 -21.30
N PHE D 424 -10.28 2.50 -22.32
CA PHE D 424 -10.23 3.05 -23.67
C PHE D 424 -11.62 3.43 -24.15
N GLY D 425 -11.74 4.65 -24.67
CA GLY D 425 -12.98 5.09 -25.26
C GLY D 425 -14.09 5.31 -24.26
N LEU D 426 -13.93 6.31 -23.40
CA LEU D 426 -14.97 6.63 -22.44
C LEU D 426 -16.24 7.05 -23.18
N LYS D 427 -17.37 6.53 -22.74
CA LYS D 427 -18.65 6.79 -23.37
C LYS D 427 -19.45 7.80 -22.56
N ASN D 428 -20.27 8.56 -23.26
CA ASN D 428 -21.20 9.50 -22.65
C ASN D 428 -22.54 8.81 -22.45
N ASP D 429 -22.54 7.83 -21.56
CA ASP D 429 -23.71 7.03 -21.27
C ASP D 429 -23.75 6.77 -19.78
N SER D 430 -24.59 5.82 -19.36
CA SER D 430 -24.77 5.54 -17.94
C SER D 430 -23.47 5.19 -17.24
N THR D 431 -22.50 4.63 -17.94
CA THR D 431 -21.26 4.16 -17.35
C THR D 431 -20.12 5.16 -17.46
N GLY D 432 -20.34 6.32 -18.06
CA GLY D 432 -19.28 7.28 -18.20
C GLY D 432 -18.87 7.90 -16.88
N ILE D 433 -19.85 8.24 -16.04
CA ILE D 433 -19.57 8.84 -14.74
C ILE D 433 -18.71 7.91 -13.90
N GLN D 434 -19.12 6.65 -13.79
CA GLN D 434 -18.42 5.69 -12.96
C GLN D 434 -16.97 5.57 -13.38
N ASN D 435 -16.73 5.38 -14.68
CA ASN D 435 -15.38 5.16 -15.17
C ASN D 435 -14.52 6.40 -15.04
N ARG D 436 -15.07 7.57 -15.35
CA ARG D 436 -14.30 8.81 -15.21
C ARG D 436 -13.88 9.01 -13.76
N ALA D 437 -14.84 8.91 -12.84
CA ALA D 437 -14.51 9.08 -11.43
C ALA D 437 -13.48 8.05 -10.98
N GLY D 438 -13.64 6.80 -11.40
CA GLY D 438 -12.70 5.77 -10.99
C GLY D 438 -11.29 6.02 -11.48
N VAL D 439 -11.14 6.40 -12.74
CA VAL D 439 -9.80 6.60 -13.28
C VAL D 439 -9.13 7.79 -12.62
N LEU D 440 -9.88 8.88 -12.42
CA LEU D 440 -9.28 10.04 -11.75
C LEU D 440 -8.87 9.70 -10.32
N PHE D 441 -9.72 8.96 -9.61
CA PHE D 441 -9.41 8.54 -8.25
C PHE D 441 -8.15 7.69 -8.22
N PHE D 442 -8.03 6.75 -9.15
CA PHE D 442 -6.85 5.90 -9.19
C PHE D 442 -5.60 6.72 -9.46
N LEU D 443 -5.67 7.65 -10.42
CA LEU D 443 -4.49 8.47 -10.72
C LEU D 443 -4.03 9.23 -9.49
N THR D 444 -4.97 9.87 -8.80
CA THR D 444 -4.60 10.69 -7.66
C THR D 444 -4.00 9.85 -6.54
N THR D 445 -4.68 8.77 -6.17
CA THR D 445 -4.17 7.93 -5.09
C THR D 445 -2.84 7.28 -5.47
N ASN D 446 -2.64 6.97 -6.75
CA ASN D 446 -1.37 6.38 -7.15
C ASN D 446 -0.25 7.39 -7.04
N GLN D 447 -0.49 8.65 -7.38
CA GLN D 447 0.53 9.66 -7.14
C GLN D 447 0.87 9.74 -5.66
N CYS D 448 -0.15 9.80 -4.81
CA CYS D 448 0.11 9.91 -3.38
C CYS D 448 0.90 8.72 -2.85
N PHE D 449 0.54 7.50 -3.25
CA PHE D 449 1.22 6.32 -2.75
C PHE D 449 2.59 6.10 -3.37
N SER D 450 2.80 6.48 -4.62
CA SER D 450 4.10 6.40 -5.23
C SER D 450 5.05 7.47 -4.71
N SER D 451 4.52 8.52 -4.09
CA SER D 451 5.36 9.52 -3.44
C SER D 451 5.82 9.10 -2.06
N VAL D 452 5.78 7.80 -1.76
CA VAL D 452 6.32 7.30 -0.50
C VAL D 452 7.83 7.08 -0.56
N SER D 453 8.40 6.95 -1.75
CA SER D 453 9.84 6.73 -1.89
C SER D 453 10.66 7.92 -1.40
N ALA D 454 10.05 9.09 -1.24
CA ALA D 454 10.77 10.26 -0.74
C ALA D 454 11.25 10.08 0.68
N VAL D 455 10.73 9.08 1.40
CA VAL D 455 11.22 8.78 2.74
C VAL D 455 12.71 8.45 2.70
N GLU D 456 13.18 7.93 1.57
CA GLU D 456 14.57 7.55 1.39
C GLU D 456 15.50 8.74 1.18
N LEU D 457 14.96 9.93 0.93
CA LEU D 457 15.80 11.06 0.53
C LEU D 457 16.79 11.44 1.63
N PHE D 458 16.28 11.85 2.79
CA PHE D 458 17.11 12.32 3.88
C PHE D 458 17.44 11.24 4.90
N VAL D 459 17.03 10.00 4.66
CA VAL D 459 17.28 8.93 5.62
C VAL D 459 18.52 8.14 5.26
N VAL D 460 18.72 7.88 3.97
CA VAL D 460 19.87 7.08 3.53
C VAL D 460 21.18 7.80 3.82
N GLU D 461 21.19 9.12 3.70
CA GLU D 461 22.41 9.92 3.81
C GLU D 461 22.43 10.78 5.06
N LYS D 462 21.89 10.25 6.17
CA LYS D 462 21.88 11.00 7.41
C LYS D 462 23.28 11.14 8.00
N LYS D 463 24.02 10.04 8.08
CA LYS D 463 25.32 10.06 8.71
C LYS D 463 26.29 10.94 7.93
N LEU D 464 26.25 10.85 6.60
CA LEU D 464 27.09 11.71 5.78
C LEU D 464 26.74 13.17 5.99
N PHE D 465 25.46 13.48 6.09
CA PHE D 465 25.04 14.86 6.31
C PHE D 465 25.58 15.38 7.63
N ILE D 466 25.44 14.59 8.68
CA ILE D 466 25.92 15.02 9.99
C ILE D 466 27.42 15.23 9.97
N HIS D 467 28.16 14.28 9.40
CA HIS D 467 29.61 14.38 9.34
C HIS D 467 30.04 15.62 8.58
N GLU D 468 29.39 15.90 7.45
CA GLU D 468 29.79 17.04 6.63
C GLU D 468 29.35 18.36 7.23
N TYR D 469 28.26 18.38 8.00
CA TYR D 469 27.86 19.61 8.66
C TYR D 469 28.79 19.96 9.81
N ILE D 470 29.14 18.95 10.62
CA ILE D 470 30.07 19.20 11.72
C ILE D 470 31.40 19.72 11.18
N SER D 471 31.85 19.15 10.07
CA SER D 471 33.14 19.50 9.49
C SER D 471 33.14 20.85 8.81
N GLY D 472 32.00 21.51 8.69
CA GLY D 472 31.95 22.84 8.11
C GLY D 472 31.85 22.88 6.60
N TYR D 473 31.31 21.84 5.97
CA TYR D 473 31.15 21.85 4.52
C TYR D 473 30.17 22.91 4.09
N TYR D 474 28.98 22.92 4.68
CA TYR D 474 27.88 23.74 4.20
C TYR D 474 26.89 23.96 5.34
N ARG D 475 25.90 24.81 5.08
CA ARG D 475 24.81 25.04 5.99
C ARG D 475 23.70 24.02 5.75
N VAL D 476 22.71 24.03 6.63
CA VAL D 476 21.55 23.16 6.44
C VAL D 476 20.71 23.64 5.27
N SER D 477 20.53 24.96 5.14
CA SER D 477 19.69 25.50 4.09
C SER D 477 20.16 25.07 2.72
N SER D 478 21.46 25.21 2.46
CA SER D 478 21.98 24.92 1.13
C SER D 478 21.85 23.44 0.80
N TYR D 479 22.21 22.58 1.75
CA TYR D 479 22.07 21.14 1.54
C TYR D 479 20.62 20.78 1.26
N PHE D 480 19.70 21.32 2.06
CA PHE D 480 18.29 21.00 1.92
C PHE D 480 17.77 21.43 0.56
N LEU D 481 18.02 22.68 0.18
CA LEU D 481 17.52 23.18 -1.10
C LEU D 481 18.15 22.44 -2.27
N GLY D 482 19.45 22.18 -2.22
CA GLY D 482 20.09 21.48 -3.31
C GLY D 482 19.55 20.08 -3.49
N LYS D 483 19.36 19.37 -2.38
CA LYS D 483 18.85 18.01 -2.46
C LYS D 483 17.41 17.99 -2.95
N LEU D 484 16.62 19.01 -2.60
CA LEU D 484 15.29 19.13 -3.18
C LEU D 484 15.36 19.40 -4.67
N LEU D 485 16.27 20.27 -5.07
CA LEU D 485 16.34 20.74 -6.45
C LEU D 485 16.87 19.67 -7.38
N SER D 486 17.64 18.72 -6.87
CA SER D 486 18.28 17.72 -7.71
C SER D 486 17.49 16.43 -7.81
N ASP D 487 16.90 15.96 -6.72
CA ASP D 487 16.24 14.66 -6.68
C ASP D 487 14.72 14.77 -6.77
N LEU D 488 14.10 15.53 -5.87
CA LEU D 488 12.65 15.53 -5.79
C LEU D 488 12.01 16.16 -7.02
N LEU D 489 12.47 17.35 -7.40
CA LEU D 489 11.79 18.13 -8.42
C LEU D 489 11.70 17.37 -9.74
N PRO D 490 12.82 16.95 -10.36
CA PRO D 490 12.72 16.34 -11.69
C PRO D 490 12.08 14.97 -11.70
N MET D 491 12.28 14.17 -10.65
CA MET D 491 11.73 12.83 -10.60
C MET D 491 10.31 12.78 -10.07
N ARG D 492 9.75 13.92 -9.66
CA ARG D 492 8.33 14.01 -9.40
C ARG D 492 7.58 14.80 -10.47
N MET D 493 8.27 15.61 -11.27
CA MET D 493 7.61 16.33 -12.34
C MET D 493 7.35 15.46 -13.56
N LEU D 494 8.15 14.42 -13.76
CA LEU D 494 8.14 13.68 -15.01
C LEU D 494 7.01 12.66 -15.07
N PRO D 495 6.79 11.88 -14.00
CA PRO D 495 5.71 10.88 -14.04
C PRO D 495 4.36 11.48 -14.37
N SER D 496 4.06 12.67 -13.84
CA SER D 496 2.78 13.30 -14.14
C SER D 496 2.66 13.61 -15.62
N ILE D 497 3.72 14.17 -16.21
CA ILE D 497 3.70 14.49 -17.63
C ILE D 497 3.48 13.24 -18.44
N ILE D 498 4.19 12.16 -18.10
CA ILE D 498 4.07 10.92 -18.86
C ILE D 498 2.65 10.38 -18.75
N PHE D 499 2.14 10.28 -17.53
CA PHE D 499 0.79 9.75 -17.32
C PHE D 499 -0.24 10.53 -18.12
N THR D 500 -0.19 11.86 -18.04
CA THR D 500 -1.16 12.67 -18.75
C THR D 500 -1.03 12.47 -20.25
N CYS D 501 0.18 12.65 -20.79
CA CYS D 501 0.37 12.56 -22.23
C CYS D 501 -0.08 11.21 -22.76
N ILE D 502 0.06 10.15 -21.97
CA ILE D 502 -0.32 8.83 -22.43
C ILE D 502 -1.83 8.64 -22.37
N VAL D 503 -2.42 8.83 -21.18
CA VAL D 503 -3.80 8.42 -20.97
C VAL D 503 -4.83 9.42 -21.50
N TYR D 504 -4.49 10.71 -21.58
CA TYR D 504 -5.51 11.72 -21.82
C TYR D 504 -6.25 11.46 -23.13
N PHE D 505 -5.54 11.08 -24.17
CA PHE D 505 -6.13 10.92 -25.49
C PHE D 505 -6.59 9.50 -25.78
N MET D 506 -5.98 8.50 -25.13
CA MET D 506 -6.53 7.15 -25.21
C MET D 506 -7.92 7.09 -24.57
N LEU D 507 -8.05 7.65 -23.36
CA LEU D 507 -9.34 7.67 -22.70
C LEU D 507 -10.35 8.50 -23.46
N GLY D 508 -9.94 9.66 -23.96
CA GLY D 508 -10.84 10.54 -24.67
C GLY D 508 -11.50 11.54 -23.74
N LEU D 509 -10.69 12.18 -22.91
CA LEU D 509 -11.18 13.18 -21.99
C LEU D 509 -11.42 14.49 -22.73
N LYS D 510 -11.77 15.52 -21.97
CA LYS D 510 -12.11 16.82 -22.52
C LYS D 510 -11.01 17.30 -23.47
N PRO D 511 -11.29 17.44 -24.77
CA PRO D 511 -10.24 17.77 -25.75
C PRO D 511 -9.98 19.26 -25.88
N LYS D 512 -9.47 19.85 -24.81
CA LYS D 512 -9.01 21.23 -24.80
C LYS D 512 -7.60 21.29 -24.25
N ALA D 513 -6.85 22.32 -24.67
CA ALA D 513 -5.48 22.46 -24.20
C ALA D 513 -5.44 22.85 -22.74
N ASP D 514 -6.28 23.79 -22.32
CA ASP D 514 -6.28 24.24 -20.94
C ASP D 514 -6.63 23.10 -19.99
N ALA D 515 -7.60 22.27 -20.35
CA ALA D 515 -7.92 21.11 -19.51
C ALA D 515 -6.73 20.18 -19.39
N PHE D 516 -6.06 19.91 -20.51
CA PHE D 516 -4.89 19.04 -20.50
C PHE D 516 -3.84 19.55 -19.53
N PHE D 517 -3.51 20.84 -19.63
CA PHE D 517 -2.46 21.39 -18.79
C PHE D 517 -2.89 21.54 -17.34
N VAL D 518 -4.17 21.79 -17.09
CA VAL D 518 -4.66 21.83 -15.72
C VAL D 518 -4.52 20.46 -15.08
N MET D 519 -4.87 19.41 -15.82
CA MET D 519 -4.72 18.06 -15.29
C MET D 519 -3.26 17.75 -14.98
N MET D 520 -2.37 18.10 -15.90
CA MET D 520 -0.95 17.91 -15.67
C MET D 520 -0.48 18.63 -14.40
N PHE D 521 -0.82 19.90 -14.29
CA PHE D 521 -0.39 20.70 -13.15
C PHE D 521 -0.96 20.16 -11.84
N THR D 522 -2.21 19.71 -11.85
CA THR D 522 -2.80 19.18 -10.64
C THR D 522 -2.09 17.91 -10.19
N LEU D 523 -1.78 17.02 -11.14
CA LEU D 523 -1.04 15.81 -10.78
C LEU D 523 0.32 16.17 -10.20
N MET D 524 0.99 17.14 -10.81
CA MET D 524 2.29 17.58 -10.32
C MET D 524 2.20 18.08 -8.88
N MET D 525 1.20 18.92 -8.61
CA MET D 525 1.05 19.50 -7.28
C MET D 525 0.75 18.44 -6.24
N VAL D 526 -0.12 17.49 -6.55
CA VAL D 526 -0.44 16.46 -5.58
C VAL D 526 0.79 15.61 -5.29
N ALA D 527 1.59 15.31 -6.32
CA ALA D 527 2.82 14.57 -6.11
C ALA D 527 3.77 15.33 -5.18
N TYR D 528 3.97 16.61 -5.45
CA TYR D 528 4.86 17.41 -4.63
C TYR D 528 4.39 17.48 -3.19
N SER D 529 3.09 17.66 -2.99
CA SER D 529 2.57 17.77 -1.63
C SER D 529 2.77 16.47 -0.86
N ALA D 530 2.48 15.32 -1.49
CA ALA D 530 2.69 14.06 -0.81
C ALA D 530 4.18 13.84 -0.49
N SER D 531 5.05 14.20 -1.43
CA SER D 531 6.49 14.06 -1.18
C SER D 531 6.94 14.92 -0.01
N SER D 532 6.43 16.16 0.05
CA SER D 532 6.79 17.05 1.15
C SER D 532 6.31 16.49 2.48
N MET D 533 5.10 15.95 2.51
CA MET D 533 4.61 15.33 3.74
C MET D 533 5.51 14.18 4.16
N ALA D 534 5.94 13.37 3.19
CA ALA D 534 6.84 12.26 3.50
C ALA D 534 8.16 12.76 4.08
N LEU D 535 8.71 13.82 3.48
CA LEU D 535 9.97 14.37 3.99
C LEU D 535 9.79 14.87 5.41
N ALA D 536 8.70 15.58 5.68
CA ALA D 536 8.46 16.09 7.01
C ALA D 536 8.36 14.97 8.03
N ILE D 537 7.68 13.88 7.66
CA ILE D 537 7.54 12.77 8.59
C ILE D 537 8.87 12.06 8.80
N ALA D 538 9.67 11.91 7.75
CA ALA D 538 10.85 11.07 7.79
C ALA D 538 12.15 11.81 7.97
N ALA D 539 12.13 13.14 8.02
CA ALA D 539 13.37 13.90 8.20
C ALA D 539 13.87 13.73 9.63
N GLY D 540 15.16 13.42 9.75
CA GLY D 540 15.80 13.24 11.03
C GLY D 540 15.80 11.82 11.54
N GLN D 541 14.91 10.97 11.03
CA GLN D 541 14.90 9.57 11.44
C GLN D 541 16.04 8.82 10.77
N SER D 542 16.14 7.53 11.11
CA SER D 542 17.16 6.67 10.52
C SER D 542 16.61 5.33 10.05
N VAL D 543 15.34 5.03 10.26
CA VAL D 543 14.74 3.76 9.86
C VAL D 543 13.56 4.05 8.94
N VAL D 544 13.52 3.37 7.81
CA VAL D 544 12.49 3.63 6.81
C VAL D 544 11.17 2.99 7.19
N SER D 545 11.20 1.91 7.97
CA SER D 545 9.99 1.08 8.15
C SER D 545 8.88 1.87 8.81
N VAL D 546 9.18 2.51 9.95
CA VAL D 546 8.14 3.21 10.71
C VAL D 546 7.59 4.37 9.89
N ALA D 547 8.46 5.12 9.24
CA ALA D 547 8.01 6.24 8.42
C ALA D 547 7.10 5.76 7.30
N THR D 548 7.48 4.66 6.64
CA THR D 548 6.65 4.14 5.55
C THR D 548 5.28 3.71 6.07
N LEU D 549 5.27 3.04 7.22
CA LEU D 549 3.99 2.59 7.78
C LEU D 549 3.10 3.77 8.12
N LEU D 550 3.66 4.80 8.76
CA LEU D 550 2.87 5.97 9.12
C LEU D 550 2.35 6.68 7.87
N MET D 551 3.18 6.79 6.83
CA MET D 551 2.74 7.39 5.59
C MET D 551 1.57 6.62 4.99
N THR D 552 1.69 5.30 4.96
CA THR D 552 0.63 4.48 4.39
C THR D 552 -0.68 4.67 5.14
N ILE D 553 -0.62 4.66 6.47
CA ILE D 553 -1.83 4.83 7.26
C ILE D 553 -2.47 6.19 6.99
N CYS D 554 -1.67 7.25 7.00
CA CYS D 554 -2.21 8.59 6.76
C CYS D 554 -2.86 8.66 5.40
N PHE D 555 -2.22 8.09 4.38
CA PHE D 555 -2.78 8.14 3.03
C PHE D 555 -4.05 7.32 2.92
N VAL D 556 -4.14 6.23 3.66
CA VAL D 556 -5.37 5.44 3.66
C VAL D 556 -6.54 6.28 4.19
N PHE D 557 -6.33 6.95 5.31
CA PHE D 557 -7.40 7.79 5.86
C PHE D 557 -7.72 8.94 4.91
N MET D 558 -6.70 9.54 4.30
CA MET D 558 -6.94 10.57 3.31
C MET D 558 -7.79 10.07 2.17
N MET D 559 -7.53 8.86 1.68
CA MET D 559 -8.33 8.29 0.60
C MET D 559 -9.77 8.09 1.02
N ILE D 560 -9.98 7.64 2.26
CA ILE D 560 -11.35 7.54 2.75
C ILE D 560 -12.06 8.87 2.61
N PHE D 561 -11.38 9.98 2.92
CA PHE D 561 -12.00 11.30 2.89
C PHE D 561 -11.78 12.01 1.56
N SER D 562 -11.72 11.29 0.44
CA SER D 562 -11.44 11.90 -0.85
C SER D 562 -12.68 12.30 -1.62
N GLY D 563 -13.78 11.56 -1.49
CA GLY D 563 -15.03 11.92 -2.13
C GLY D 563 -15.62 10.88 -3.05
N LEU D 564 -15.07 9.66 -3.07
CA LEU D 564 -15.64 8.57 -3.85
C LEU D 564 -16.26 7.49 -2.98
N LEU D 565 -15.52 7.02 -1.97
CA LEU D 565 -16.00 5.94 -1.13
C LEU D 565 -17.12 6.40 -0.21
N VAL D 566 -17.12 7.67 0.17
CA VAL D 566 -18.15 8.24 1.02
C VAL D 566 -18.48 9.63 0.51
N ASN D 567 -19.77 9.95 0.50
CA ASN D 567 -20.19 11.29 0.14
C ASN D 567 -19.88 12.26 1.27
N LEU D 568 -19.21 13.36 0.94
CA LEU D 568 -18.73 14.28 1.96
C LEU D 568 -19.83 15.15 2.52
N THR D 569 -21.00 15.19 1.89
CA THR D 569 -22.11 15.96 2.43
C THR D 569 -22.94 15.18 3.43
N THR D 570 -22.66 13.89 3.62
CA THR D 570 -23.42 13.05 4.54
C THR D 570 -22.72 12.84 5.86
N ILE D 571 -21.50 13.30 6.00
CA ILE D 571 -20.74 13.06 7.22
C ILE D 571 -21.20 14.02 8.30
N ALA D 572 -21.14 13.54 9.54
CA ALA D 572 -21.57 14.33 10.68
C ALA D 572 -20.68 15.55 10.86
N SER D 573 -21.27 16.61 11.41
CA SER D 573 -20.56 17.88 11.53
C SER D 573 -19.33 17.75 12.42
N TRP D 574 -19.41 16.95 13.47
CA TRP D 574 -18.29 16.81 14.39
C TRP D 574 -17.14 16.01 13.79
N LEU D 575 -17.24 15.59 12.54
CA LEU D 575 -16.19 14.84 11.88
C LEU D 575 -15.83 15.37 10.50
N SER D 576 -16.76 16.05 9.81
CA SER D 576 -16.54 16.46 8.43
C SER D 576 -15.28 17.30 8.27
N TRP D 577 -14.92 18.09 9.27
CA TRP D 577 -13.77 18.97 9.15
C TRP D 577 -12.50 18.21 8.76
N LEU D 578 -12.41 16.92 9.08
CA LEU D 578 -11.20 16.18 8.73
C LEU D 578 -10.95 16.16 7.24
N GLN D 579 -11.97 16.38 6.42
CA GLN D 579 -11.78 16.35 4.98
C GLN D 579 -10.82 17.42 4.51
N TYR D 580 -10.56 18.43 5.33
CA TYR D 580 -9.65 19.49 4.95
C TYR D 580 -8.19 19.11 5.14
N PHE D 581 -7.92 17.90 5.63
CA PHE D 581 -6.57 17.38 5.79
C PHE D 581 -6.30 16.25 4.79
N SER D 582 -6.82 16.39 3.57
CA SER D 582 -6.72 15.34 2.55
C SER D 582 -6.23 15.95 1.25
N ILE D 583 -5.01 15.59 0.87
CA ILE D 583 -4.41 15.98 -0.41
C ILE D 583 -5.19 15.35 -1.56
N PRO D 584 -5.48 14.04 -1.49
CA PRO D 584 -6.25 13.42 -2.57
C PRO D 584 -7.58 14.09 -2.79
N ARG D 585 -8.21 14.60 -1.74
CA ARG D 585 -9.49 15.28 -1.92
C ARG D 585 -9.35 16.48 -2.85
N TYR D 586 -8.35 17.33 -2.58
CA TYR D 586 -8.15 18.50 -3.41
C TYR D 586 -7.82 18.12 -4.84
N GLY D 587 -6.92 17.15 -5.03
CA GLY D 587 -6.58 16.75 -6.38
C GLY D 587 -7.76 16.19 -7.14
N PHE D 588 -8.49 15.28 -6.50
CA PHE D 588 -9.62 14.62 -7.14
C PHE D 588 -10.72 15.62 -7.47
N THR D 589 -10.98 16.56 -6.55
CA THR D 589 -11.96 17.60 -6.81
C THR D 589 -11.57 18.45 -8.01
N ALA D 590 -10.30 18.85 -8.10
CA ALA D 590 -9.88 19.65 -9.23
C ALA D 590 -10.03 18.88 -10.54
N LEU D 591 -9.65 17.61 -10.54
CA LEU D 591 -9.78 16.81 -11.76
C LEU D 591 -11.23 16.65 -12.17
N GLN D 592 -12.11 16.37 -11.21
CA GLN D 592 -13.53 16.26 -11.51
C GLN D 592 -14.08 17.56 -12.07
N HIS D 593 -13.74 18.69 -11.45
CA HIS D 593 -14.24 19.96 -11.92
C HIS D 593 -13.79 20.21 -13.36
N ASN D 594 -12.53 19.91 -13.66
CA ASN D 594 -12.02 20.12 -15.00
C ASN D 594 -12.71 19.21 -16.02
N GLU D 595 -13.07 18.00 -15.61
CA GLU D 595 -13.54 16.99 -16.56
C GLU D 595 -15.05 17.02 -16.80
N PHE D 596 -15.84 17.15 -15.75
CA PHE D 596 -17.28 16.87 -15.81
C PHE D 596 -18.12 18.06 -16.26
N LEU D 597 -17.56 19.26 -16.37
CA LEU D 597 -18.38 20.45 -16.44
C LEU D 597 -19.42 20.38 -17.54
N GLY D 598 -18.99 20.37 -18.80
CA GLY D 598 -19.91 20.47 -19.90
C GLY D 598 -20.29 19.15 -20.55
N GLN D 599 -20.52 18.12 -19.72
CA GLN D 599 -20.78 16.78 -20.23
C GLN D 599 -22.26 16.43 -20.08
N ASN D 600 -22.73 15.62 -21.03
CA ASN D 600 -24.03 14.98 -20.97
C ASN D 600 -23.84 13.48 -20.87
N PHE D 601 -24.73 12.82 -20.12
CA PHE D 601 -24.58 11.39 -19.84
C PHE D 601 -25.89 10.63 -19.95
N CYS D 602 -26.93 11.21 -20.55
CA CYS D 602 -28.19 10.51 -20.77
C CYS D 602 -28.55 10.65 -22.24
N PRO D 603 -28.23 9.67 -23.09
CA PRO D 603 -28.50 9.81 -24.52
C PRO D 603 -29.98 9.97 -24.80
N GLY D 604 -30.31 10.85 -25.73
CA GLY D 604 -31.67 11.12 -26.10
C GLY D 604 -32.37 12.17 -25.27
N LEU D 605 -31.73 12.66 -24.21
CA LEU D 605 -32.38 13.53 -23.23
C LEU D 605 -31.59 14.82 -23.08
N ASN D 606 -32.28 15.95 -23.14
CA ASN D 606 -31.67 17.25 -22.93
C ASN D 606 -31.92 17.70 -21.50
N ALA D 607 -31.12 17.14 -20.59
CA ALA D 607 -31.24 17.47 -19.18
C ALA D 607 -30.73 18.86 -18.89
N THR D 608 -29.76 19.35 -19.68
CA THR D 608 -29.21 20.68 -19.45
C THR D 608 -30.31 21.73 -19.41
N GLY D 609 -31.32 21.60 -20.26
CA GLY D 609 -32.43 22.52 -20.24
C GLY D 609 -33.28 22.35 -19.00
N ASN D 610 -33.91 21.17 -18.87
CA ASN D 610 -34.74 20.87 -17.72
C ASN D 610 -34.53 19.42 -17.32
N ASN D 611 -34.93 19.12 -16.08
CA ASN D 611 -34.88 17.76 -15.55
C ASN D 611 -36.27 17.14 -15.67
N PRO D 612 -36.47 16.14 -16.54
CA PRO D 612 -37.76 15.47 -16.60
C PRO D 612 -38.05 14.69 -15.33
N CYS D 613 -37.12 13.83 -14.94
CA CYS D 613 -37.20 13.09 -13.69
C CYS D 613 -36.15 13.60 -12.72
N ASN D 614 -36.53 13.67 -11.45
CA ASN D 614 -35.74 14.28 -10.39
C ASN D 614 -34.50 13.46 -10.01
N TYR D 615 -34.51 12.16 -10.29
CA TYR D 615 -33.49 11.23 -9.81
C TYR D 615 -32.66 10.64 -10.95
N ALA D 616 -32.33 11.45 -11.95
CA ALA D 616 -31.67 10.94 -13.13
C ALA D 616 -30.16 11.13 -13.14
N THR D 617 -29.67 12.29 -12.76
CA THR D 617 -28.23 12.59 -12.81
C THR D 617 -27.72 12.51 -14.25
N CYS D 618 -28.22 13.41 -15.07
CA CYS D 618 -27.95 13.40 -16.50
C CYS D 618 -26.95 14.45 -16.95
N THR D 619 -26.33 15.19 -16.03
CA THR D 619 -25.31 16.16 -16.39
C THR D 619 -24.18 16.14 -15.38
N GLY D 620 -23.03 16.66 -15.81
CA GLY D 620 -21.88 16.74 -14.93
C GLY D 620 -22.07 17.71 -13.79
N GLU D 621 -22.78 18.81 -14.04
CA GLU D 621 -23.04 19.77 -12.98
C GLU D 621 -23.81 19.11 -11.84
N GLU D 622 -24.80 18.30 -12.15
CA GLU D 622 -25.56 17.61 -11.10
C GLU D 622 -24.66 16.69 -10.30
N TYR D 623 -23.81 15.93 -10.98
CA TYR D 623 -22.90 15.04 -10.27
C TYR D 623 -21.98 15.82 -9.35
N LEU D 624 -21.40 16.92 -9.86
CA LEU D 624 -20.49 17.71 -9.05
C LEU D 624 -21.18 18.28 -7.82
N VAL D 625 -22.37 18.87 -8.01
CA VAL D 625 -23.08 19.46 -6.88
C VAL D 625 -23.49 18.39 -5.89
N LYS D 626 -23.87 17.21 -6.37
CA LYS D 626 -24.22 16.11 -5.50
C LYS D 626 -23.03 15.65 -4.67
N GLN D 627 -21.81 15.85 -5.17
CA GLN D 627 -20.62 15.51 -4.42
C GLN D 627 -20.14 16.64 -3.51
N GLY D 628 -20.77 17.81 -3.57
CA GLY D 628 -20.36 18.92 -2.75
C GLY D 628 -19.33 19.83 -3.37
N ILE D 629 -19.24 19.86 -4.69
CA ILE D 629 -18.21 20.61 -5.40
C ILE D 629 -18.81 21.91 -5.91
N ASP D 630 -18.03 22.98 -5.82
CA ASP D 630 -18.45 24.29 -6.29
C ASP D 630 -18.21 24.41 -7.79
N LEU D 631 -19.15 25.07 -8.48
CA LEU D 631 -19.10 25.15 -9.93
C LEU D 631 -18.40 26.39 -10.44
N SER D 632 -18.01 27.28 -9.58
CA SER D 632 -17.31 28.49 -9.98
C SER D 632 -15.84 28.20 -10.21
N PRO D 633 -15.16 29.02 -11.03
CA PRO D 633 -13.73 28.79 -11.26
C PRO D 633 -12.92 28.79 -9.98
N TRP D 634 -13.27 29.63 -9.01
CA TRP D 634 -12.61 29.55 -7.71
C TRP D 634 -12.66 28.13 -7.17
N GLY D 635 -13.83 27.50 -7.22
CA GLY D 635 -14.01 26.14 -6.76
C GLY D 635 -13.01 25.16 -7.32
N LEU D 636 -12.31 25.53 -8.38
CA LEU D 636 -11.17 24.77 -8.90
C LEU D 636 -9.87 25.22 -8.27
N TRP D 637 -9.49 26.48 -8.49
CA TRP D 637 -8.18 26.96 -8.09
C TRP D 637 -7.99 26.97 -6.59
N LYS D 638 -9.07 27.17 -5.84
CA LYS D 638 -9.02 26.96 -4.40
C LYS D 638 -8.19 25.74 -4.07
N ASN D 639 -8.55 24.59 -4.64
CA ASN D 639 -7.85 23.36 -4.29
C ASN D 639 -6.35 23.53 -4.46
N HIS D 640 -5.92 24.09 -5.59
CA HIS D 640 -4.50 24.25 -5.84
C HIS D 640 -3.81 25.02 -4.73
N VAL D 641 -4.39 26.15 -4.30
CA VAL D 641 -3.70 26.92 -3.28
C VAL D 641 -3.62 26.08 -2.00
N ALA D 642 -4.69 25.35 -1.69
CA ALA D 642 -4.67 24.51 -0.51
C ALA D 642 -3.52 23.52 -0.55
N LEU D 643 -3.14 23.08 -1.75
CA LEU D 643 -1.97 22.22 -1.88
C LEU D 643 -0.69 23.00 -1.67
N ALA D 644 -0.58 24.17 -2.31
CA ALA D 644 0.66 24.93 -2.21
C ALA D 644 1.00 25.23 -0.77
N CYS D 645 0.06 25.78 -0.01
CA CYS D 645 0.32 26.01 1.41
C CYS D 645 0.83 24.75 2.07
N MET D 646 0.13 23.63 1.89
CA MET D 646 0.62 22.37 2.44
C MET D 646 2.09 22.19 2.15
N ILE D 647 2.47 22.25 0.87
CA ILE D 647 3.86 22.08 0.50
C ILE D 647 4.73 22.95 1.40
N VAL D 648 4.49 24.26 1.35
CA VAL D 648 5.29 25.18 2.15
C VAL D 648 5.39 24.67 3.58
N ILE D 649 4.24 24.44 4.21
CA ILE D 649 4.26 24.06 5.62
C ILE D 649 5.12 22.84 5.82
N PHE D 650 4.91 21.80 5.03
CA PHE D 650 5.67 20.58 5.24
C PHE D 650 7.15 20.82 5.01
N LEU D 651 7.49 21.50 3.92
CA LEU D 651 8.90 21.76 3.65
C LEU D 651 9.52 22.67 4.68
N THR D 652 8.70 23.38 5.46
CA THR D 652 9.25 24.10 6.59
C THR D 652 9.54 23.16 7.74
N ILE D 653 8.57 22.31 8.07
CA ILE D 653 8.74 21.39 9.21
C ILE D 653 9.99 20.55 9.01
N ALA D 654 10.14 19.95 7.83
CA ALA D 654 11.34 19.17 7.55
C ALA D 654 12.59 19.95 7.85
N TYR D 655 12.66 21.20 7.38
CA TYR D 655 13.84 22.01 7.64
C TYR D 655 14.09 22.13 9.13
N LEU D 656 13.04 22.41 9.90
CA LEU D 656 13.20 22.55 11.34
C LEU D 656 13.52 21.23 12.01
N LYS D 657 13.20 20.10 11.38
CA LYS D 657 13.62 18.82 11.92
C LYS D 657 15.06 18.49 11.58
N LEU D 658 15.65 19.20 10.61
CA LEU D 658 17.07 19.06 10.33
C LEU D 658 17.90 20.08 11.09
N LEU D 659 17.33 21.26 11.31
CA LEU D 659 18.06 22.32 12.00
C LEU D 659 18.23 22.00 13.48
N PHE D 660 17.18 21.50 14.11
CA PHE D 660 17.21 21.15 15.52
C PHE D 660 17.62 19.71 15.78
N LEU D 661 18.01 19.00 14.73
CA LEU D 661 18.47 17.64 14.89
C LEU D 661 19.80 17.62 15.65
N LYS D 662 19.97 16.62 16.50
CA LYS D 662 21.20 16.50 17.27
C LYS D 662 22.32 16.03 16.36
N LYS D 663 23.34 16.86 16.22
CA LYS D 663 24.49 16.53 15.39
C LYS D 663 25.56 15.75 16.15
N TYR D 664 25.56 15.83 17.46
CA TYR D 664 26.57 15.15 18.28
C TYR D 664 26.18 13.70 18.54
N ALA E 45 34.95 -42.70 18.32
CA ALA E 45 34.66 -42.48 16.91
C ALA E 45 35.86 -41.89 16.20
N VAL E 46 36.11 -42.37 14.99
CA VAL E 46 37.23 -41.91 14.17
C VAL E 46 36.70 -41.63 12.77
N LEU E 47 36.80 -40.38 12.34
CA LEU E 47 36.32 -39.97 11.03
C LEU E 47 37.52 -39.75 10.12
N SER E 48 37.61 -40.54 9.06
CA SER E 48 38.74 -40.49 8.14
C SER E 48 38.26 -40.10 6.76
N PHE E 49 38.88 -39.07 6.20
CA PHE E 49 38.54 -38.59 4.86
C PHE E 49 39.74 -38.76 3.95
N HIS E 50 39.51 -39.35 2.78
CA HIS E 50 40.57 -39.74 1.86
C HIS E 50 40.27 -39.19 0.48
N ASN E 51 41.21 -38.44 -0.07
CA ASN E 51 41.17 -37.93 -1.44
C ASN E 51 39.85 -37.24 -1.75
N ILE E 52 39.47 -36.34 -0.85
CA ILE E 52 38.26 -35.54 -1.04
C ILE E 52 38.52 -34.48 -2.09
N CYS E 53 37.60 -34.36 -3.04
CA CYS E 53 37.66 -33.33 -4.09
C CYS E 53 36.22 -32.94 -4.42
N TYR E 54 35.78 -31.81 -3.89
CA TYR E 54 34.42 -31.34 -4.12
C TYR E 54 34.42 -30.26 -5.19
N ARG E 55 33.54 -30.41 -6.16
CA ARG E 55 33.39 -29.47 -7.26
C ARG E 55 31.95 -29.00 -7.34
N VAL E 56 31.78 -27.71 -7.61
CA VAL E 56 30.45 -27.12 -7.65
C VAL E 56 29.93 -27.11 -9.08
N LYS E 71 34.14 -25.60 -11.73
CA LYS E 71 34.74 -24.92 -10.58
C LYS E 71 34.93 -25.88 -9.42
N GLU E 72 36.04 -25.74 -8.71
CA GLU E 72 36.38 -26.59 -7.59
C GLU E 72 36.70 -25.74 -6.37
N ILE E 73 36.37 -26.28 -5.19
CA ILE E 73 36.64 -25.61 -3.93
C ILE E 73 37.69 -26.35 -3.11
N LEU E 74 37.72 -27.68 -3.15
CA LEU E 74 38.72 -28.48 -2.47
C LEU E 74 39.49 -29.27 -3.51
N SER E 75 40.82 -29.23 -3.43
CA SER E 75 41.65 -29.87 -4.45
C SER E 75 41.94 -31.32 -4.09
N ASN E 76 42.56 -31.55 -2.94
CA ASN E 76 42.87 -32.90 -2.50
C ASN E 76 43.16 -32.85 -1.01
N ILE E 77 42.35 -33.54 -0.21
CA ILE E 77 42.42 -33.46 1.24
C ILE E 77 42.40 -34.86 1.81
N ASN E 78 43.26 -35.10 2.79
CA ASN E 78 43.36 -36.37 3.49
C ASN E 78 43.53 -36.11 4.97
N GLY E 79 42.97 -36.98 5.79
CA GLY E 79 43.18 -36.85 7.22
C GLY E 79 42.30 -37.78 8.01
N ILE E 80 42.54 -37.79 9.32
CA ILE E 80 41.72 -38.52 10.27
C ILE E 80 41.48 -37.65 11.49
N MET E 81 40.37 -37.90 12.17
CA MET E 81 39.98 -37.17 13.36
C MET E 81 39.52 -38.17 14.41
N LYS E 82 40.21 -38.19 15.54
CA LYS E 82 39.97 -39.12 16.63
C LYS E 82 39.28 -38.40 17.78
N PRO E 83 38.85 -39.13 18.80
CA PRO E 83 38.17 -38.48 19.92
C PRO E 83 39.00 -37.35 20.50
N GLY E 84 38.36 -36.20 20.69
CA GLY E 84 39.05 -35.04 21.21
C GLY E 84 38.61 -33.77 20.51
N LEU E 85 39.51 -32.80 20.47
CA LEU E 85 39.27 -31.47 19.92
C LEU E 85 40.02 -31.36 18.59
N ASN E 86 39.29 -31.27 17.50
CA ASN E 86 39.88 -31.17 16.17
C ASN E 86 39.40 -29.90 15.51
N ALA E 87 40.34 -29.03 15.16
CA ALA E 87 40.04 -27.71 14.63
C ALA E 87 40.44 -27.60 13.17
N ILE E 88 39.71 -26.77 12.45
CA ILE E 88 39.93 -26.55 11.02
C ILE E 88 40.12 -25.05 10.84
N LEU E 89 41.36 -24.65 10.60
CA LEU E 89 41.72 -23.24 10.52
C LEU E 89 42.11 -22.87 9.10
N GLY E 90 42.22 -21.57 8.88
CA GLY E 90 42.58 -21.03 7.59
C GLY E 90 41.83 -19.76 7.27
N PRO E 91 42.16 -19.15 6.15
CA PRO E 91 41.45 -17.94 5.75
C PRO E 91 40.02 -18.23 5.33
N THR E 92 39.23 -17.18 5.14
CA THR E 92 37.81 -17.35 4.85
C THR E 92 37.58 -17.96 3.48
N GLY E 93 38.43 -17.63 2.51
CA GLY E 93 38.26 -18.18 1.17
C GLY E 93 38.46 -19.68 1.11
N GLY E 94 39.38 -20.20 1.91
CA GLY E 94 39.71 -21.61 1.87
C GLY E 94 38.52 -22.48 2.23
N GLY E 95 38.77 -23.78 2.20
CA GLY E 95 37.74 -24.74 2.50
C GLY E 95 37.58 -24.98 3.98
N LYS E 96 37.70 -23.92 4.77
CA LYS E 96 37.54 -24.05 6.22
C LYS E 96 36.13 -24.49 6.57
N SER E 97 35.13 -23.87 5.96
CA SER E 97 33.73 -24.20 6.24
C SER E 97 33.16 -25.24 5.28
N SER E 98 33.81 -25.46 4.14
CA SER E 98 33.31 -26.44 3.18
C SER E 98 33.66 -27.86 3.60
N LEU E 99 34.89 -28.08 4.07
CA LEU E 99 35.26 -29.39 4.57
C LEU E 99 34.37 -29.81 5.72
N LEU E 100 33.96 -28.85 6.55
CA LEU E 100 33.10 -29.18 7.68
C LEU E 100 31.75 -29.68 7.21
N ASP E 101 31.17 -29.02 6.20
CA ASP E 101 29.90 -29.50 5.64
C ASP E 101 30.08 -30.85 4.99
N VAL E 102 31.18 -31.05 4.26
CA VAL E 102 31.40 -32.32 3.57
C VAL E 102 31.49 -33.46 4.58
N LEU E 103 32.26 -33.26 5.65
CA LEU E 103 32.36 -34.28 6.68
C LEU E 103 31.03 -34.53 7.36
N ALA E 104 30.18 -33.51 7.44
CA ALA E 104 28.92 -33.58 8.15
C ALA E 104 27.76 -34.01 7.27
N ALA E 105 28.02 -34.29 5.99
CA ALA E 105 26.99 -34.75 5.06
C ALA E 105 25.94 -33.68 4.82
N ARG E 106 26.30 -32.41 5.00
CA ARG E 106 25.42 -31.29 4.75
C ARG E 106 25.69 -30.63 3.41
N LYS E 107 26.23 -31.39 2.46
CA LYS E 107 26.50 -30.90 1.13
C LYS E 107 26.08 -31.96 0.12
N ASP E 108 25.84 -31.53 -1.09
CA ASP E 108 25.34 -32.43 -2.12
C ASP E 108 26.41 -33.45 -2.49
N PRO E 109 26.15 -34.76 -2.33
CA PRO E 109 27.17 -35.74 -2.72
C PRO E 109 27.48 -35.77 -4.20
N SER E 110 26.77 -35.00 -5.02
CA SER E 110 26.99 -35.04 -6.46
C SER E 110 28.41 -34.61 -6.81
N GLY E 111 28.88 -33.52 -6.20
CA GLY E 111 30.21 -33.02 -6.48
C GLY E 111 31.33 -33.67 -5.69
N LEU E 112 31.00 -34.56 -4.77
CA LEU E 112 32.02 -35.20 -3.95
C LEU E 112 32.70 -36.32 -4.71
N SER E 113 33.99 -36.50 -4.45
CA SER E 113 34.82 -37.48 -5.13
C SER E 113 35.38 -38.53 -4.19
N GLY E 114 36.03 -38.12 -3.12
CA GLY E 114 36.74 -39.03 -2.25
C GLY E 114 35.80 -39.80 -1.35
N ASP E 115 36.41 -40.47 -0.36
CA ASP E 115 35.67 -41.36 0.53
C ASP E 115 35.79 -40.90 1.97
N VAL E 116 34.65 -40.88 2.66
CA VAL E 116 34.57 -40.55 4.07
C VAL E 116 34.14 -41.81 4.81
N LEU E 117 34.85 -42.12 5.89
CA LEU E 117 34.70 -43.38 6.58
C LEU E 117 34.66 -43.17 8.08
N ILE E 118 33.92 -44.04 8.76
CA ILE E 118 33.80 -44.03 10.21
C ILE E 118 34.08 -45.43 10.70
N ASN E 119 35.14 -45.59 11.48
CA ASN E 119 35.52 -46.88 12.04
C ASN E 119 35.61 -47.95 10.95
N GLY E 120 36.00 -47.53 9.75
CA GLY E 120 36.15 -48.44 8.63
C GLY E 120 34.94 -48.60 7.76
N ALA E 121 33.76 -48.16 8.22
CA ALA E 121 32.54 -48.29 7.43
C ALA E 121 32.14 -46.95 6.85
N PRO E 122 31.64 -46.92 5.62
CA PRO E 122 31.19 -45.64 5.05
C PRO E 122 30.07 -45.02 5.88
N ARG E 123 29.77 -43.77 5.57
CA ARG E 123 28.76 -43.04 6.32
C ARG E 123 27.38 -43.55 5.94
N PRO E 124 26.59 -44.07 6.88
CA PRO E 124 25.25 -44.56 6.53
C PRO E 124 24.28 -43.41 6.34
N ALA E 125 23.10 -43.76 5.81
CA ALA E 125 22.03 -42.78 5.65
C ALA E 125 21.49 -42.32 7.00
N ASN E 126 21.75 -43.09 8.06
CA ASN E 126 21.38 -42.76 9.42
C ASN E 126 22.41 -41.86 10.11
N PHE E 127 23.25 -41.19 9.32
CA PHE E 127 24.38 -40.46 9.87
C PHE E 127 23.93 -39.15 10.50
N LYS E 128 23.29 -38.28 9.70
CA LYS E 128 22.90 -36.96 10.19
C LYS E 128 21.96 -37.03 11.39
N CYS E 129 21.24 -38.13 11.54
CA CYS E 129 20.37 -38.28 12.70
C CYS E 129 21.14 -38.61 13.97
N ASN E 130 22.25 -39.35 13.84
CA ASN E 130 23.08 -39.70 14.98
C ASN E 130 24.22 -38.72 15.22
N SER E 131 24.35 -37.70 14.38
CA SER E 131 25.42 -36.72 14.50
C SER E 131 24.83 -35.34 14.70
N GLY E 132 25.42 -34.60 15.63
CA GLY E 132 24.98 -33.25 15.92
C GLY E 132 25.73 -32.22 15.11
N TYR E 133 25.03 -31.16 14.73
CA TYR E 133 25.62 -30.05 14.00
C TYR E 133 25.10 -28.76 14.60
N VAL E 134 26.02 -27.92 15.07
CA VAL E 134 25.68 -26.65 15.68
C VAL E 134 26.00 -25.54 14.70
N VAL E 135 25.00 -24.71 14.42
CA VAL E 135 25.18 -23.62 13.48
C VAL E 135 25.90 -22.46 14.16
N GLN E 136 26.51 -21.63 13.32
CA GLN E 136 27.23 -20.45 13.77
C GLN E 136 26.27 -19.48 14.45
N ASP E 137 25.28 -18.98 13.71
CA ASP E 137 24.27 -18.10 14.28
C ASP E 137 23.20 -18.93 14.99
N ASP E 138 22.40 -18.25 15.80
CA ASP E 138 21.42 -18.91 16.64
C ASP E 138 20.19 -19.33 15.84
N VAL E 139 19.69 -20.53 16.12
CA VAL E 139 18.43 -21.00 15.57
C VAL E 139 17.54 -21.46 16.71
N VAL E 140 17.81 -20.95 17.91
CA VAL E 140 16.96 -21.24 19.06
C VAL E 140 15.79 -20.29 19.04
N MET E 141 14.64 -20.76 19.50
CA MET E 141 13.44 -19.93 19.56
C MET E 141 13.57 -18.97 20.74
N GLY E 142 13.83 -17.71 20.43
CA GLY E 142 14.06 -16.72 21.46
C GLY E 142 12.88 -16.49 22.38
N THR E 143 11.69 -16.91 21.96
CA THR E 143 10.47 -16.69 22.72
C THR E 143 10.18 -17.80 23.71
N LEU E 144 10.72 -18.99 23.49
CA LEU E 144 10.56 -20.09 24.42
C LEU E 144 11.55 -19.95 25.57
N THR E 145 11.63 -20.96 26.41
CA THR E 145 12.60 -21.03 27.48
C THR E 145 13.60 -22.13 27.21
N VAL E 146 14.71 -22.07 27.95
CA VAL E 146 15.79 -23.03 27.75
C VAL E 146 15.30 -24.46 27.93
N ARG E 147 14.28 -24.65 28.76
CA ARG E 147 13.71 -25.98 28.95
C ARG E 147 12.79 -26.36 27.79
N GLU E 148 12.03 -25.40 27.28
CA GLU E 148 11.06 -25.70 26.24
C GLU E 148 11.73 -26.09 24.93
N ASN E 149 12.82 -25.41 24.57
CA ASN E 149 13.53 -25.76 23.35
C ASN E 149 14.05 -27.19 23.42
N LEU E 150 14.64 -27.56 24.55
CA LEU E 150 15.13 -28.93 24.72
C LEU E 150 13.99 -29.93 24.70
N GLN E 151 12.84 -29.59 25.28
CA GLN E 151 11.70 -30.49 25.22
C GLN E 151 11.27 -30.72 23.78
N PHE E 152 11.20 -29.64 23.00
CA PHE E 152 10.80 -29.77 21.61
C PHE E 152 11.81 -30.62 20.83
N SER E 153 13.09 -30.39 21.06
CA SER E 153 14.12 -31.20 20.40
C SER E 153 14.00 -32.66 20.78
N ALA E 154 13.74 -32.95 22.06
CA ALA E 154 13.70 -34.32 22.52
C ALA E 154 12.46 -35.05 22.01
N ALA E 155 11.35 -34.34 21.86
CA ALA E 155 10.12 -34.99 21.43
C ALA E 155 10.23 -35.52 20.01
N LEU E 156 11.04 -34.88 19.17
CA LEU E 156 11.14 -35.24 17.77
C LEU E 156 12.43 -35.96 17.41
N ARG E 157 13.50 -35.79 18.19
CA ARG E 157 14.75 -36.46 17.90
C ARG E 157 14.89 -37.78 18.63
N LEU E 158 14.14 -38.00 19.69
CA LEU E 158 14.18 -39.25 20.43
C LEU E 158 13.07 -40.18 19.99
N ALA E 159 13.14 -41.41 20.45
CA ALA E 159 12.18 -42.43 20.07
C ALA E 159 10.91 -42.31 20.90
N THR E 160 9.78 -42.67 20.28
CA THR E 160 8.50 -42.64 20.97
C THR E 160 8.37 -43.77 21.99
N THR E 161 9.21 -44.80 21.89
CA THR E 161 9.18 -45.88 22.86
C THR E 161 9.46 -45.36 24.26
N MET E 162 10.28 -44.32 24.38
CA MET E 162 10.64 -43.78 25.68
C MET E 162 9.43 -43.12 26.34
N THR E 163 9.58 -42.87 27.64
CA THR E 163 8.56 -42.21 28.44
C THR E 163 8.93 -40.74 28.65
N ASN E 164 7.91 -39.92 28.86
CA ASN E 164 8.14 -38.51 29.13
C ASN E 164 9.05 -38.33 30.34
N HIS E 165 8.99 -39.24 31.31
CA HIS E 165 9.91 -39.18 32.44
C HIS E 165 11.35 -39.36 31.98
N GLU E 166 11.59 -40.31 31.09
CA GLU E 166 12.95 -40.53 30.57
C GLU E 166 13.44 -39.31 29.81
N LYS E 167 12.58 -38.72 28.98
CA LYS E 167 12.96 -37.53 28.25
C LYS E 167 13.30 -36.39 29.20
N ASN E 168 12.50 -36.21 30.25
CA ASN E 168 12.78 -35.17 31.22
C ASN E 168 14.10 -35.42 31.94
N GLU E 169 14.39 -36.68 32.26
CA GLU E 169 15.67 -36.99 32.90
C GLU E 169 16.83 -36.67 31.98
N ARG E 170 16.72 -37.03 30.70
CA ARG E 170 17.77 -36.70 29.74
C ARG E 170 17.98 -35.19 29.68
N ILE E 171 16.88 -34.43 29.63
CA ILE E 171 16.99 -32.99 29.56
C ILE E 171 17.65 -32.43 30.82
N ASN E 172 17.27 -32.97 31.99
CA ASN E 172 17.88 -32.51 33.23
C ASN E 172 19.37 -32.77 33.25
N ARG E 173 19.77 -33.97 32.82
CA ARG E 173 21.19 -34.31 32.75
C ARG E 173 21.93 -33.36 31.83
N VAL E 174 21.35 -33.08 30.66
CA VAL E 174 22.00 -32.17 29.71
C VAL E 174 22.15 -30.78 30.31
N ILE E 175 21.08 -30.28 30.95
CA ILE E 175 21.14 -28.95 31.53
C ILE E 175 22.21 -28.89 32.61
N GLN E 176 22.29 -29.94 33.43
CA GLN E 176 23.31 -29.99 34.47
C GLN E 176 24.71 -30.00 33.88
N GLU E 177 24.93 -30.82 32.84
CA GLU E 177 26.25 -30.87 32.22
C GLU E 177 26.65 -29.53 31.62
N LEU E 178 25.73 -28.86 30.94
CA LEU E 178 26.04 -27.56 30.36
C LEU E 178 26.17 -26.47 31.42
N GLY E 179 25.46 -26.61 32.53
CA GLY E 179 25.46 -25.57 33.54
C GLY E 179 24.43 -24.48 33.28
N LEU E 180 23.22 -24.88 32.91
CA LEU E 180 22.13 -23.97 32.65
C LEU E 180 21.02 -24.08 33.69
N ASP E 181 21.36 -24.54 34.90
CA ASP E 181 20.34 -24.80 35.90
C ASP E 181 19.61 -23.52 36.30
N LYS E 182 20.34 -22.42 36.46
CA LYS E 182 19.74 -21.18 36.95
C LYS E 182 19.01 -20.40 35.87
N VAL E 183 19.07 -20.83 34.61
CA VAL E 183 18.42 -20.11 33.52
C VAL E 183 17.53 -21.07 32.77
N ALA E 184 17.34 -22.27 33.31
CA ALA E 184 16.56 -23.29 32.64
C ALA E 184 15.12 -22.86 32.39
N ASP E 185 14.63 -21.86 33.12
CA ASP E 185 13.24 -21.43 33.01
C ASP E 185 13.15 -19.94 32.68
N SER E 186 14.16 -19.41 32.01
CA SER E 186 14.17 -18.03 31.55
C SER E 186 14.16 -17.99 30.03
N LYS E 187 13.51 -16.96 29.49
CA LYS E 187 13.36 -16.87 28.05
C LYS E 187 14.69 -16.54 27.40
N VAL E 188 14.95 -17.20 26.27
CA VAL E 188 16.22 -17.03 25.57
C VAL E 188 16.36 -15.60 25.08
N GLY E 189 15.27 -14.99 24.62
CA GLY E 189 15.27 -13.58 24.30
C GLY E 189 15.02 -13.25 22.85
N THR E 190 14.21 -12.21 22.63
CA THR E 190 13.95 -11.68 21.30
C THR E 190 14.05 -10.16 21.33
N GLN E 191 13.62 -9.51 20.25
CA GLN E 191 13.62 -8.05 20.21
C GLN E 191 12.85 -7.48 21.40
N PHE E 192 11.57 -7.84 21.50
CA PHE E 192 10.72 -7.27 22.56
C PHE E 192 11.04 -7.87 23.92
N ILE E 193 11.51 -9.11 23.96
CA ILE E 193 11.72 -9.84 25.21
C ILE E 193 13.18 -9.74 25.60
N ARG E 194 13.43 -9.37 26.86
CA ARG E 194 14.77 -9.43 27.40
C ARG E 194 15.13 -10.88 27.73
N GLY E 195 16.34 -11.28 27.37
CA GLY E 195 16.72 -12.66 27.54
C GLY E 195 18.12 -12.87 28.06
N VAL E 196 18.61 -14.10 27.93
CA VAL E 196 19.90 -14.50 28.47
C VAL E 196 21.00 -13.91 27.60
N SER E 197 22.23 -13.91 28.12
CA SER E 197 23.36 -13.41 27.37
C SER E 197 23.67 -14.32 26.18
N GLY E 198 24.41 -13.77 25.22
CA GLY E 198 24.79 -14.53 24.05
C GLY E 198 25.69 -15.72 24.35
N GLY E 199 26.30 -15.77 25.53
CA GLY E 199 27.15 -16.89 25.88
C GLY E 199 26.42 -18.14 26.28
N GLU E 200 25.15 -18.02 26.68
CA GLU E 200 24.36 -19.18 27.09
C GLU E 200 23.34 -19.60 26.05
N ARG E 201 22.99 -18.73 25.11
CA ARG E 201 22.24 -19.18 23.94
C ARG E 201 23.02 -20.25 23.19
N LYS E 202 24.33 -20.06 23.07
CA LYS E 202 25.15 -21.05 22.39
C LYS E 202 25.11 -22.38 23.12
N ARG E 203 25.15 -22.34 24.46
CA ARG E 203 25.08 -23.58 25.23
C ARG E 203 23.72 -24.24 25.08
N THR E 204 22.65 -23.45 24.96
CA THR E 204 21.34 -24.01 24.70
C THR E 204 21.31 -24.70 23.34
N SER E 205 21.90 -24.07 22.33
CA SER E 205 21.98 -24.67 21.01
C SER E 205 22.76 -25.98 21.04
N ILE E 206 23.86 -26.00 21.78
CA ILE E 206 24.64 -27.23 21.92
C ILE E 206 23.83 -28.31 22.61
N GLY E 207 23.03 -27.92 23.61
CA GLY E 207 22.20 -28.90 24.29
C GLY E 207 21.13 -29.49 23.38
N MET E 208 20.54 -28.67 22.52
CA MET E 208 19.55 -29.16 21.59
C MET E 208 20.09 -30.28 20.71
N GLU E 209 21.40 -30.31 20.47
CA GLU E 209 22.03 -31.39 19.71
C GLU E 209 22.53 -32.52 20.59
N LEU E 210 22.96 -32.22 21.81
CA LEU E 210 23.38 -33.26 22.74
C LEU E 210 22.23 -34.07 23.30
N ILE E 211 20.99 -33.63 23.10
CA ILE E 211 19.85 -34.38 23.59
C ILE E 211 19.95 -35.84 23.19
N THR E 212 20.24 -36.10 21.91
CA THR E 212 20.31 -37.47 21.41
C THR E 212 21.60 -38.17 21.80
N ASP E 213 22.53 -37.47 22.45
CA ASP E 213 23.82 -38.03 22.86
C ASP E 213 24.54 -38.63 21.66
N PRO E 214 24.99 -37.79 20.72
CA PRO E 214 25.73 -38.31 19.57
C PRO E 214 27.18 -38.58 19.94
N SER E 215 27.86 -39.26 19.03
CA SER E 215 29.28 -39.56 19.19
C SER E 215 30.17 -38.60 18.44
N ILE E 216 29.62 -37.87 17.47
CA ILE E 216 30.37 -36.89 16.69
C ILE E 216 29.60 -35.58 16.72
N LEU E 217 30.31 -34.49 16.99
CA LEU E 217 29.70 -33.18 17.14
C LEU E 217 30.43 -32.16 16.28
N PHE E 218 29.72 -31.57 15.33
CA PHE E 218 30.27 -30.58 14.42
C PHE E 218 29.84 -29.18 14.84
N LEU E 219 30.80 -28.24 14.81
CA LEU E 219 30.56 -26.86 15.20
C LEU E 219 31.13 -25.91 14.16
N ASP E 220 30.28 -25.01 13.67
CA ASP E 220 30.67 -24.02 12.68
C ASP E 220 30.88 -22.68 13.39
N GLU E 221 32.14 -22.34 13.63
CA GLU E 221 32.49 -21.04 14.21
C GLU E 221 31.76 -20.84 15.53
N PRO E 222 32.02 -21.68 16.53
CA PRO E 222 31.30 -21.56 17.81
C PRO E 222 31.58 -20.27 18.56
N THR E 223 32.66 -19.57 18.24
CA THR E 223 33.06 -18.39 18.98
C THR E 223 32.83 -17.08 18.24
N THR E 224 32.63 -17.13 16.92
CA THR E 224 32.40 -15.91 16.16
C THR E 224 31.15 -15.22 16.68
N GLY E 225 31.25 -13.93 16.98
CA GLY E 225 30.18 -13.16 17.57
C GLY E 225 30.31 -13.02 19.08
N LEU E 226 30.86 -14.03 19.73
CA LEU E 226 31.03 -13.98 21.18
C LEU E 226 32.22 -13.12 21.56
N ASP E 227 32.28 -12.77 22.84
CA ASP E 227 33.40 -12.03 23.40
C ASP E 227 34.50 -13.01 23.82
N SER E 228 35.66 -12.43 24.16
CA SER E 228 36.82 -13.27 24.49
C SER E 228 36.55 -14.12 25.73
N SER E 229 36.08 -13.50 26.80
CA SER E 229 35.83 -14.24 28.04
C SER E 229 34.71 -15.27 27.87
N THR E 230 33.73 -14.97 27.03
CA THR E 230 32.68 -15.94 26.73
C THR E 230 33.24 -17.10 25.91
N ALA E 231 34.03 -16.77 24.88
CA ALA E 231 34.56 -17.79 24.00
C ALA E 231 35.48 -18.75 24.74
N ASN E 232 36.31 -18.23 25.64
CA ASN E 232 37.19 -19.09 26.41
C ASN E 232 36.40 -20.10 27.22
N ALA E 233 35.34 -19.64 27.89
CA ALA E 233 34.52 -20.54 28.69
C ALA E 233 33.83 -21.58 27.81
N VAL E 234 33.32 -21.14 26.66
CA VAL E 234 32.67 -22.07 25.74
C VAL E 234 33.62 -23.17 25.33
N LEU E 235 34.85 -22.80 24.96
CA LEU E 235 35.80 -23.81 24.49
C LEU E 235 36.31 -24.69 25.61
N LEU E 236 36.43 -24.16 26.83
CA LEU E 236 36.74 -25.01 27.97
C LEU E 236 35.64 -26.03 28.19
N LEU E 237 34.38 -25.61 28.04
CA LEU E 237 33.26 -26.54 28.13
C LEU E 237 33.37 -27.62 27.06
N LEU E 238 33.71 -27.22 25.84
CA LEU E 238 33.85 -28.19 24.76
C LEU E 238 34.94 -29.21 25.08
N LYS E 239 36.05 -28.74 25.62
CA LYS E 239 37.12 -29.67 25.99
C LYS E 239 36.66 -30.63 27.08
N ARG E 240 35.94 -30.12 28.07
CA ARG E 240 35.41 -31.00 29.12
C ARG E 240 34.47 -32.03 28.53
N MET E 241 33.67 -31.65 27.52
CA MET E 241 32.81 -32.62 26.85
C MET E 241 33.65 -33.67 26.12
N SER E 242 34.66 -33.22 25.38
CA SER E 242 35.49 -34.11 24.59
C SER E 242 36.21 -35.13 25.45
N LYS E 243 36.62 -34.76 26.66
CA LYS E 243 37.29 -35.70 27.54
C LYS E 243 36.41 -36.87 27.93
N GLN E 244 35.09 -36.75 27.76
CA GLN E 244 34.20 -37.86 28.07
C GLN E 244 34.25 -38.95 27.00
N GLY E 245 34.74 -38.65 25.81
CA GLY E 245 34.83 -39.63 24.74
C GLY E 245 34.07 -39.24 23.49
N ARG E 246 33.85 -37.94 23.29
CA ARG E 246 33.17 -37.45 22.10
C ARG E 246 34.19 -36.85 21.14
N THR E 247 33.92 -37.00 19.84
CA THR E 247 34.75 -36.40 18.81
C THR E 247 34.14 -35.07 18.40
N ILE E 248 34.82 -33.98 18.74
CA ILE E 248 34.36 -32.64 18.44
C ILE E 248 35.20 -32.09 17.31
N ILE E 249 34.52 -31.60 16.27
CA ILE E 249 35.15 -31.10 15.07
C ILE E 249 34.58 -29.72 14.83
N PHE E 250 35.42 -28.70 14.84
CA PHE E 250 34.92 -27.33 14.72
C PHE E 250 35.82 -26.51 13.82
N SER E 251 35.23 -25.42 13.32
CA SER E 251 35.94 -24.46 12.47
C SER E 251 36.01 -23.13 13.21
N ILE E 252 37.23 -22.68 13.50
CA ILE E 252 37.45 -21.43 14.22
C ILE E 252 37.93 -20.36 13.25
N HIS E 253 37.74 -19.11 13.64
CA HIS E 253 38.23 -17.96 12.89
C HIS E 253 39.24 -17.20 13.74
N GLN E 254 40.52 -17.25 13.36
CA GLN E 254 41.62 -16.55 14.02
C GLN E 254 41.50 -16.59 15.54
N PRO E 255 41.79 -17.72 16.16
CA PRO E 255 41.68 -17.82 17.62
C PRO E 255 42.80 -17.06 18.33
N ARG E 256 42.70 -17.06 19.65
CA ARG E 256 43.74 -16.59 20.53
C ARG E 256 44.51 -17.78 21.10
N TYR E 257 45.70 -17.49 21.65
CA TYR E 257 46.55 -18.58 22.12
C TYR E 257 45.91 -19.34 23.27
N SER E 258 45.14 -18.65 24.11
CA SER E 258 44.43 -19.34 25.19
C SER E 258 43.48 -20.38 24.63
N ILE E 259 43.04 -20.22 23.39
CA ILE E 259 42.23 -21.23 22.71
C ILE E 259 43.10 -22.25 22.00
N PHE E 260 44.12 -21.77 21.28
CA PHE E 260 44.98 -22.66 20.50
C PHE E 260 45.67 -23.68 21.40
N LYS E 261 45.87 -23.36 22.67
CA LYS E 261 46.54 -24.28 23.58
C LYS E 261 45.68 -25.47 23.95
N LEU E 262 44.40 -25.48 23.56
CA LEU E 262 43.48 -26.54 23.92
C LEU E 262 43.28 -27.57 22.81
N PHE E 263 43.62 -27.22 21.58
CA PHE E 263 43.34 -28.12 20.46
C PHE E 263 44.14 -29.41 20.60
N ASP E 264 43.56 -30.50 20.09
CA ASP E 264 44.24 -31.79 20.04
C ASP E 264 44.64 -32.18 18.62
N SER E 265 44.03 -31.58 17.61
CA SER E 265 44.41 -31.82 16.23
C SER E 265 44.06 -30.58 15.41
N LEU E 266 44.87 -30.30 14.40
CA LEU E 266 44.76 -29.10 13.60
C LEU E 266 44.75 -29.46 12.13
N THR E 267 43.89 -28.78 11.37
CA THR E 267 43.81 -28.96 9.93
C THR E 267 43.79 -27.58 9.29
N LEU E 268 44.88 -27.21 8.64
CA LEU E 268 45.03 -25.88 8.07
C LEU E 268 44.75 -25.94 6.57
N LEU E 269 43.75 -25.18 6.14
CA LEU E 269 43.34 -25.13 4.75
C LEU E 269 43.44 -23.71 4.23
N ALA E 270 43.88 -23.58 2.98
CA ALA E 270 43.92 -22.28 2.32
C ALA E 270 43.65 -22.47 0.85
N SER E 271 42.65 -21.76 0.33
CA SER E 271 42.33 -21.79 -1.10
C SER E 271 42.11 -23.22 -1.59
N GLY E 272 41.46 -24.03 -0.76
CA GLY E 272 41.15 -25.39 -1.14
C GLY E 272 42.31 -26.35 -1.05
N ARG E 273 43.45 -25.92 -0.52
CA ARG E 273 44.63 -26.74 -0.40
C ARG E 273 44.96 -26.99 1.06
N LEU E 274 45.47 -28.18 1.34
CA LEU E 274 45.85 -28.59 2.69
C LEU E 274 47.28 -28.15 2.96
N MET E 275 47.44 -27.08 3.73
CA MET E 275 48.78 -26.61 4.04
C MET E 275 49.40 -27.35 5.22
N PHE E 276 48.57 -28.00 6.04
CA PHE E 276 49.08 -28.79 7.15
C PHE E 276 47.93 -29.58 7.75
N HIS E 277 48.25 -30.80 8.18
CA HIS E 277 47.33 -31.58 8.99
C HIS E 277 48.14 -32.41 9.97
N GLY E 278 47.77 -32.33 11.23
CA GLY E 278 48.42 -33.08 12.27
C GLY E 278 48.07 -32.52 13.64
N PRO E 279 48.78 -32.98 14.67
CA PRO E 279 48.56 -32.40 16.00
C PRO E 279 48.81 -30.90 15.99
N ALA E 280 47.96 -30.18 16.71
CA ALA E 280 48.01 -28.72 16.72
C ALA E 280 49.26 -28.19 17.39
N GLN E 281 49.90 -28.99 18.24
CA GLN E 281 51.06 -28.55 18.99
C GLN E 281 52.36 -28.61 18.19
N GLU E 282 52.34 -29.22 17.00
CA GLU E 282 53.54 -29.41 16.20
C GLU E 282 53.54 -28.55 14.95
N ALA E 283 52.49 -27.79 14.69
CA ALA E 283 52.48 -26.91 13.52
C ALA E 283 53.55 -25.85 13.64
N LEU E 284 53.78 -25.36 14.87
CA LEU E 284 54.85 -24.40 15.09
C LEU E 284 56.19 -24.96 14.66
N GLY E 285 56.51 -26.18 15.10
CA GLY E 285 57.75 -26.80 14.70
C GLY E 285 57.82 -27.06 13.21
N TYR E 286 56.71 -27.49 12.62
CA TYR E 286 56.68 -27.74 11.19
C TYR E 286 57.02 -26.47 10.41
N PHE E 287 56.37 -25.37 10.73
CA PHE E 287 56.62 -24.12 10.01
C PHE E 287 57.99 -23.55 10.34
N GLU E 288 58.50 -23.80 11.55
CA GLU E 288 59.86 -23.37 11.87
C GLU E 288 60.87 -24.10 11.00
N SER E 289 60.69 -25.41 10.82
CA SER E 289 61.60 -26.21 10.03
C SER E 289 61.35 -26.10 8.53
N ALA E 290 60.22 -25.52 8.12
CA ALA E 290 59.88 -25.40 6.71
C ALA E 290 60.50 -24.18 6.05
N GLY E 291 61.24 -23.37 6.79
CA GLY E 291 61.85 -22.17 6.26
C GLY E 291 61.25 -20.87 6.74
N TYR E 292 60.65 -20.87 7.93
CA TYR E 292 60.02 -19.67 8.49
C TYR E 292 60.35 -19.61 9.97
N HIS E 293 60.24 -18.41 10.54
CA HIS E 293 60.48 -18.21 11.96
C HIS E 293 59.42 -17.28 12.54
N CYS E 294 58.98 -17.61 13.75
CA CYS E 294 57.99 -16.80 14.47
C CYS E 294 58.70 -16.09 15.61
N GLU E 295 58.49 -14.79 15.70
CA GLU E 295 59.06 -14.00 16.78
C GLU E 295 58.22 -14.17 18.05
N ALA E 296 58.76 -13.71 19.17
CA ALA E 296 58.07 -13.85 20.44
C ALA E 296 56.85 -12.93 20.49
N TYR E 297 55.88 -13.31 21.33
CA TYR E 297 54.66 -12.54 21.52
C TYR E 297 53.83 -12.45 20.24
N ASN E 298 53.95 -13.45 19.38
CA ASN E 298 53.15 -13.55 18.16
C ASN E 298 52.31 -14.81 18.23
N ASN E 299 51.01 -14.66 17.99
CA ASN E 299 50.10 -15.81 18.11
C ASN E 299 50.37 -16.79 16.97
N PRO E 300 50.57 -18.08 17.26
CA PRO E 300 50.81 -19.03 16.16
C PRO E 300 49.68 -19.07 15.16
N ALA E 301 48.44 -18.92 15.62
CA ALA E 301 47.32 -18.88 14.70
C ALA E 301 47.39 -17.67 13.79
N ASP E 302 47.82 -16.52 14.33
CA ASP E 302 48.07 -15.35 13.49
C ASP E 302 49.29 -15.58 12.60
N PHE E 303 50.26 -16.34 13.11
CA PHE E 303 51.48 -16.63 12.34
C PHE E 303 51.15 -17.42 11.07
N PHE E 304 50.27 -18.40 11.19
CA PHE E 304 49.91 -19.23 10.04
C PHE E 304 49.23 -18.40 8.96
N LEU E 305 48.23 -17.61 9.34
CA LEU E 305 47.56 -16.76 8.36
C LEU E 305 48.48 -15.69 7.81
N ASP E 306 49.45 -15.22 8.60
CA ASP E 306 50.44 -14.30 8.07
C ASP E 306 51.26 -14.97 6.98
N ILE E 307 51.65 -16.23 7.19
CA ILE E 307 52.33 -16.99 6.15
C ILE E 307 51.44 -17.08 4.91
N ILE E 308 50.17 -17.43 5.11
CA ILE E 308 49.27 -17.64 3.98
C ILE E 308 49.12 -16.37 3.17
N ASN E 309 48.94 -15.22 3.84
CA ASN E 309 48.77 -13.96 3.14
C ASN E 309 50.07 -13.53 2.45
N GLY E 310 51.20 -13.73 3.12
CA GLY E 310 52.48 -13.34 2.55
C GLY E 310 53.31 -12.47 3.47
N ASP E 311 52.98 -12.48 4.77
CA ASP E 311 53.70 -11.67 5.75
C ASP E 311 53.63 -10.20 5.39
N LEU E 338 52.21 -19.51 -5.00
CA LEU E 338 52.46 -19.62 -3.57
C LEU E 338 51.53 -20.66 -2.95
N ILE E 339 50.28 -20.68 -3.38
CA ILE E 339 49.33 -21.68 -2.88
C ILE E 339 49.83 -23.08 -3.24
N GLU E 340 50.14 -23.31 -4.51
CA GLU E 340 50.72 -24.57 -4.93
C GLU E 340 52.08 -24.82 -4.29
N LYS E 341 52.82 -23.77 -3.95
CA LYS E 341 54.10 -23.94 -3.28
C LYS E 341 53.94 -24.65 -1.93
N LEU E 342 53.09 -24.11 -1.06
CA LEU E 342 52.79 -24.75 0.22
C LEU E 342 52.11 -26.09 0.05
N ALA E 343 51.19 -26.21 -0.91
CA ALA E 343 50.54 -27.50 -1.14
C ALA E 343 51.56 -28.58 -1.47
N GLU E 344 52.50 -28.29 -2.38
CA GLU E 344 53.53 -29.26 -2.71
C GLU E 344 54.45 -29.54 -1.53
N ILE E 345 54.81 -28.50 -0.78
CA ILE E 345 55.64 -28.72 0.39
C ILE E 345 54.99 -29.72 1.34
N TYR E 346 53.70 -29.53 1.62
CA TYR E 346 53.04 -30.47 2.51
C TYR E 346 52.93 -31.85 1.89
N VAL E 347 52.60 -31.93 0.60
CA VAL E 347 52.49 -33.22 -0.06
C VAL E 347 53.80 -33.98 0.04
N ASN E 348 54.92 -33.27 0.11
CA ASN E 348 56.22 -33.88 0.30
C ASN E 348 56.61 -33.98 1.77
N SER E 349 55.72 -33.57 2.68
CA SER E 349 56.01 -33.60 4.10
C SER E 349 55.78 -35.00 4.67
N SER E 350 56.28 -35.21 5.88
CA SER E 350 56.10 -36.50 6.55
C SER E 350 54.66 -36.72 6.98
N PHE E 351 53.98 -35.67 7.42
CA PHE E 351 52.61 -35.81 7.90
C PHE E 351 51.71 -36.35 6.78
N TYR E 352 51.93 -35.89 5.56
CA TYR E 352 51.15 -36.40 4.43
C TYR E 352 51.37 -37.89 4.25
N LYS E 353 52.61 -38.33 4.41
CA LYS E 353 52.91 -39.75 4.26
C LYS E 353 52.23 -40.56 5.36
N GLU E 354 52.27 -40.07 6.59
CA GLU E 354 51.61 -40.78 7.67
C GLU E 354 50.09 -40.86 7.44
N THR E 355 49.49 -39.75 7.00
CA THR E 355 48.07 -39.74 6.74
C THR E 355 47.70 -40.72 5.63
N LYS E 356 48.47 -40.72 4.54
CA LYS E 356 48.19 -41.61 3.44
C LYS E 356 48.35 -43.07 3.86
N ALA E 357 49.38 -43.37 4.64
CA ALA E 357 49.57 -44.72 5.14
C ALA E 357 48.40 -45.17 6.00
N GLU E 358 47.97 -44.30 6.92
CA GLU E 358 46.85 -44.67 7.78
C GLU E 358 45.57 -44.87 6.98
N LEU E 359 45.32 -44.00 6.00
CA LEU E 359 44.12 -44.14 5.18
C LEU E 359 44.13 -45.39 4.33
N HIS E 360 45.28 -45.78 3.79
CA HIS E 360 45.40 -47.01 3.03
C HIS E 360 45.46 -48.24 3.93
N GLN E 361 45.66 -48.05 5.24
CA GLN E 361 45.61 -49.17 6.16
C GLN E 361 44.19 -49.69 6.31
N LEU E 362 43.22 -48.79 6.48
CA LEU E 362 41.85 -49.20 6.75
C LEU E 362 41.12 -49.62 5.47
N SER E 363 40.98 -48.69 4.52
CA SER E 363 40.30 -49.00 3.27
C SER E 363 41.02 -50.10 2.51
N GLY E 364 42.35 -50.02 2.40
CA GLY E 364 43.12 -51.02 1.68
C GLY E 364 43.09 -52.37 2.35
N TYR E 379 10.01 -42.39 8.85
CA TYR E 379 10.55 -41.40 9.79
C TYR E 379 10.56 -41.93 11.21
N THR E 380 11.23 -41.20 12.09
CA THR E 380 11.35 -41.63 13.47
C THR E 380 9.99 -41.70 14.15
N THR E 381 9.13 -40.70 13.93
CA THR E 381 7.87 -40.56 14.63
C THR E 381 6.70 -40.54 13.65
N SER E 382 5.51 -40.42 14.23
CA SER E 382 4.29 -40.40 13.46
C SER E 382 3.93 -38.99 13.02
N PHE E 383 3.07 -38.90 12.02
CA PHE E 383 2.67 -37.60 11.46
C PHE E 383 1.96 -36.75 12.50
N CYS E 384 1.02 -37.35 13.24
CA CYS E 384 0.22 -36.59 14.18
C CYS E 384 1.08 -35.99 15.29
N HIS E 385 2.06 -36.76 15.78
CA HIS E 385 2.95 -36.27 16.84
C HIS E 385 3.73 -35.05 16.37
N GLN E 386 4.32 -35.14 15.18
CA GLN E 386 5.07 -34.03 14.62
C GLN E 386 4.18 -32.80 14.46
N LEU E 387 2.99 -33.00 13.91
CA LEU E 387 2.09 -31.89 13.67
C LEU E 387 1.69 -31.24 14.98
N ARG E 388 1.37 -32.05 15.99
CA ARG E 388 0.97 -31.53 17.29
C ARG E 388 2.07 -30.67 17.90
N TRP E 389 3.31 -31.17 17.87
CA TRP E 389 4.39 -30.43 18.52
C TRP E 389 4.75 -29.17 17.75
N VAL E 390 4.74 -29.23 16.42
CA VAL E 390 4.97 -28.02 15.64
C VAL E 390 3.91 -26.98 15.95
N SER E 391 2.66 -27.41 16.03
CA SER E 391 1.58 -26.47 16.32
C SER E 391 1.74 -25.85 17.70
N LYS E 392 2.09 -26.68 18.69
CA LYS E 392 2.28 -26.18 20.04
C LYS E 392 3.38 -25.14 20.08
N ARG E 393 4.51 -25.43 19.44
CA ARG E 393 5.62 -24.46 19.44
C ARG E 393 5.22 -23.17 18.73
N SER E 394 4.54 -23.28 17.59
CA SER E 394 4.16 -22.08 16.85
C SER E 394 3.18 -21.23 17.66
N PHE E 395 2.24 -21.87 18.36
CA PHE E 395 1.28 -21.10 19.14
C PHE E 395 1.94 -20.48 20.36
N LYS E 396 2.87 -21.19 21.00
CA LYS E 396 3.64 -20.57 22.09
C LYS E 396 4.39 -19.35 21.58
N ASN E 397 4.97 -19.44 20.39
CA ASN E 397 5.68 -18.29 19.84
C ASN E 397 4.72 -17.15 19.52
N LEU E 398 3.52 -17.49 19.05
CA LEU E 398 2.52 -16.47 18.73
C LEU E 398 2.06 -15.73 19.99
N LEU E 399 1.79 -16.47 21.07
CA LEU E 399 1.39 -15.82 22.32
C LEU E 399 2.56 -15.07 22.94
N GLY E 400 3.76 -15.64 22.89
CA GLY E 400 4.93 -15.03 23.48
C GLY E 400 5.49 -13.87 22.70
N ASN E 401 4.81 -13.48 21.61
CA ASN E 401 5.14 -12.27 20.86
C ASN E 401 3.86 -11.46 20.75
N PRO E 402 3.33 -10.97 21.88
CA PRO E 402 1.99 -10.35 21.83
C PRO E 402 1.97 -9.07 21.02
N GLN E 403 3.13 -8.47 20.74
CA GLN E 403 3.15 -7.16 20.11
C GLN E 403 2.55 -7.21 18.71
N ALA E 404 3.12 -8.06 17.85
CA ALA E 404 2.75 -8.05 16.43
C ALA E 404 1.44 -8.77 16.14
N SER E 405 0.83 -9.40 17.13
CA SER E 405 -0.49 -9.98 17.00
C SER E 405 -1.57 -9.16 17.66
N ILE E 406 -1.30 -8.59 18.82
CA ILE E 406 -2.23 -7.68 19.47
C ILE E 406 -2.37 -6.41 18.65
N ALA E 407 -1.28 -5.97 18.00
CA ALA E 407 -1.34 -4.74 17.21
C ALA E 407 -2.35 -4.85 16.09
N GLN E 408 -2.40 -6.00 15.42
CA GLN E 408 -3.38 -6.18 14.34
C GLN E 408 -4.80 -6.08 14.87
N ILE E 409 -5.08 -6.69 16.02
CA ILE E 409 -6.41 -6.60 16.60
C ILE E 409 -6.77 -5.16 16.96
N ILE E 410 -5.82 -4.44 17.55
CA ILE E 410 -6.06 -3.05 17.94
C ILE E 410 -6.37 -2.21 16.71
N VAL E 411 -5.57 -2.40 15.66
CA VAL E 411 -5.79 -1.67 14.41
C VAL E 411 -7.15 -2.01 13.83
N THR E 412 -7.51 -3.29 13.85
CA THR E 412 -8.80 -3.71 13.33
C THR E 412 -9.94 -3.02 14.07
N VAL E 413 -9.88 -3.02 15.41
CA VAL E 413 -10.96 -2.41 16.19
C VAL E 413 -11.04 -0.91 15.91
N VAL E 414 -9.90 -0.24 15.89
CA VAL E 414 -9.88 1.22 15.69
C VAL E 414 -10.43 1.55 14.32
N LEU E 415 -9.98 0.83 13.30
CA LEU E 415 -10.42 1.08 11.95
C LEU E 415 -11.92 0.81 11.81
N GLY E 416 -12.40 -0.26 12.44
CA GLY E 416 -13.82 -0.54 12.40
C GLY E 416 -14.65 0.54 13.04
N LEU E 417 -14.21 1.06 14.18
CA LEU E 417 -14.94 2.15 14.82
C LEU E 417 -14.93 3.41 13.98
N VAL E 418 -13.80 3.73 13.36
CA VAL E 418 -13.74 4.90 12.50
C VAL E 418 -14.69 4.74 11.31
N ILE E 419 -14.70 3.55 10.71
CA ILE E 419 -15.57 3.30 9.57
C ILE E 419 -17.02 3.41 9.98
N GLY E 420 -17.37 2.86 11.15
CA GLY E 420 -18.74 2.96 11.64
C GLY E 420 -19.16 4.37 11.97
N ALA E 421 -18.22 5.22 12.36
CA ALA E 421 -18.52 6.62 12.61
C ALA E 421 -18.68 7.42 11.34
N ILE E 422 -17.84 7.18 10.33
CA ILE E 422 -17.93 7.90 9.08
C ILE E 422 -19.20 7.51 8.33
N TYR E 423 -19.49 6.23 8.23
CA TYR E 423 -20.63 5.72 7.47
C TYR E 423 -21.85 5.48 8.35
N PHE E 424 -21.95 6.16 9.48
CA PHE E 424 -23.04 5.88 10.41
C PHE E 424 -24.38 6.23 9.80
N GLY E 425 -25.33 5.31 9.90
CA GLY E 425 -26.69 5.56 9.46
C GLY E 425 -26.82 5.68 7.96
N LEU E 426 -26.60 4.58 7.25
CA LEU E 426 -26.77 4.58 5.81
C LEU E 426 -28.22 4.89 5.47
N LYS E 427 -28.41 5.77 4.49
CA LYS E 427 -29.74 6.21 4.08
C LYS E 427 -30.15 5.54 2.79
N ASN E 428 -31.46 5.34 2.66
CA ASN E 428 -32.05 4.81 1.43
C ASN E 428 -32.47 5.97 0.54
N ASP E 429 -31.45 6.69 0.06
CA ASP E 429 -31.65 7.85 -0.79
C ASP E 429 -30.59 7.83 -1.89
N SER E 430 -30.43 8.96 -2.56
CA SER E 430 -29.51 9.05 -3.69
C SER E 430 -28.08 8.67 -3.31
N THR E 431 -27.70 8.86 -2.05
CA THR E 431 -26.32 8.64 -1.61
C THR E 431 -26.12 7.27 -0.96
N GLY E 432 -27.16 6.45 -0.87
CA GLY E 432 -27.00 5.14 -0.24
C GLY E 432 -26.16 4.20 -1.07
N ILE E 433 -26.37 4.19 -2.38
CA ILE E 433 -25.62 3.30 -3.27
C ILE E 433 -24.14 3.61 -3.17
N GLN E 434 -23.78 4.88 -3.30
CA GLN E 434 -22.38 5.27 -3.29
C GLN E 434 -21.70 4.82 -2.02
N ASN E 435 -22.31 5.11 -0.88
CA ASN E 435 -21.68 4.80 0.40
C ASN E 435 -21.60 3.30 0.64
N ARG E 436 -22.66 2.57 0.32
CA ARG E 436 -22.62 1.12 0.49
C ARG E 436 -21.50 0.50 -0.35
N ALA E 437 -21.47 0.85 -1.63
CA ALA E 437 -20.42 0.32 -2.50
C ALA E 437 -19.04 0.68 -1.98
N GLY E 438 -18.86 1.93 -1.55
CA GLY E 438 -17.57 2.36 -1.07
C GLY E 438 -17.11 1.62 0.15
N VAL E 439 -18.00 1.42 1.13
CA VAL E 439 -17.59 0.76 2.35
C VAL E 439 -17.28 -0.70 2.10
N LEU E 440 -18.08 -1.37 1.27
CA LEU E 440 -17.78 -2.76 0.97
C LEU E 440 -16.45 -2.90 0.22
N PHE E 441 -16.20 -1.99 -0.73
CA PHE E 441 -14.95 -2.00 -1.45
C PHE E 441 -13.77 -1.80 -0.52
N PHE E 442 -13.88 -0.86 0.41
CA PHE E 442 -12.80 -0.62 1.35
C PHE E 442 -12.55 -1.84 2.23
N LEU E 443 -13.62 -2.47 2.73
CA LEU E 443 -13.45 -3.65 3.56
C LEU E 443 -12.69 -4.74 2.81
N THR E 444 -13.11 -5.02 1.59
CA THR E 444 -12.50 -6.10 0.83
C THR E 444 -11.03 -5.81 0.54
N THR E 445 -10.75 -4.63 0.01
CA THR E 445 -9.36 -4.30 -0.30
C THR E 445 -8.49 -4.23 0.95
N ASN E 446 -9.06 -3.83 2.08
CA ASN E 446 -8.27 -3.79 3.31
C ASN E 446 -7.93 -5.19 3.77
N GLN E 447 -8.86 -6.13 3.64
CA GLN E 447 -8.51 -7.52 3.95
C GLN E 447 -7.37 -7.99 3.06
N CYS E 448 -7.49 -7.75 1.76
CA CYS E 448 -6.45 -8.21 0.84
C CYS E 448 -5.09 -7.61 1.17
N PHE E 449 -5.04 -6.30 1.45
CA PHE E 449 -3.78 -5.64 1.72
C PHE E 449 -3.22 -5.93 3.10
N SER E 450 -4.07 -6.14 4.10
CA SER E 450 -3.62 -6.54 5.42
C SER E 450 -3.15 -7.98 5.45
N SER E 451 -3.53 -8.79 4.47
CA SER E 451 -3.04 -10.15 4.36
C SER E 451 -1.66 -10.22 3.71
N VAL E 452 -0.92 -9.11 3.69
CA VAL E 452 0.44 -9.12 3.19
C VAL E 452 1.44 -9.58 4.24
N SER E 453 1.08 -9.51 5.52
CA SER E 453 1.99 -9.92 6.59
C SER E 453 2.30 -11.41 6.55
N ALA E 454 1.51 -12.20 5.83
CA ALA E 454 1.76 -13.63 5.72
C ALA E 454 3.07 -13.94 5.01
N VAL E 455 3.65 -12.95 4.32
CA VAL E 455 4.95 -13.13 3.69
C VAL E 455 5.99 -13.49 4.74
N GLU E 456 5.79 -13.04 5.98
CA GLU E 456 6.72 -13.28 7.07
C GLU E 456 6.64 -14.70 7.62
N LEU E 457 5.61 -15.47 7.25
CA LEU E 457 5.39 -16.76 7.89
C LEU E 457 6.55 -17.72 7.66
N PHE E 458 6.81 -18.06 6.40
CA PHE E 458 7.82 -19.03 6.05
C PHE E 458 9.15 -18.40 5.68
N VAL E 459 9.30 -17.09 5.82
CA VAL E 459 10.53 -16.41 5.45
C VAL E 459 11.42 -16.19 6.66
N VAL E 460 10.83 -15.83 7.79
CA VAL E 460 11.61 -15.54 9.00
C VAL E 460 12.30 -16.80 9.50
N GLU E 461 11.65 -17.96 9.37
CA GLU E 461 12.13 -19.21 9.94
C GLU E 461 12.58 -20.20 8.87
N LYS E 462 13.19 -19.68 7.80
CA LYS E 462 13.67 -20.56 6.74
C LYS E 462 14.85 -21.40 7.18
N LYS E 463 15.84 -20.76 7.79
CA LYS E 463 17.07 -21.46 8.17
C LYS E 463 16.78 -22.52 9.22
N LEU E 464 15.94 -22.20 10.20
CA LEU E 464 15.55 -23.19 11.20
C LEU E 464 14.84 -24.36 10.56
N PHE E 465 13.95 -24.08 9.60
CA PHE E 465 13.23 -25.15 8.93
C PHE E 465 14.20 -26.08 8.21
N ILE E 466 15.15 -25.51 7.47
CA ILE E 466 16.11 -26.33 6.74
C ILE E 466 16.94 -27.16 7.69
N HIS E 467 17.44 -26.55 8.76
CA HIS E 467 18.27 -27.26 9.71
C HIS E 467 17.49 -28.41 10.35
N GLU E 468 16.24 -28.18 10.71
CA GLU E 468 15.46 -29.21 11.38
C GLU E 468 15.00 -30.30 10.42
N TYR E 469 14.81 -29.97 9.15
CA TYR E 469 14.44 -30.99 8.18
C TYR E 469 15.62 -31.90 7.87
N ILE E 470 16.80 -31.31 7.67
CA ILE E 470 17.98 -32.13 7.41
C ILE E 470 18.24 -33.07 8.58
N SER E 471 18.06 -32.57 9.79
CA SER E 471 18.33 -33.34 10.99
C SER E 471 17.30 -34.42 11.27
N GLY E 472 16.22 -34.48 10.51
CA GLY E 472 15.24 -35.53 10.67
C GLY E 472 14.18 -35.26 11.72
N TYR E 473 13.89 -34.00 12.02
CA TYR E 473 12.85 -33.69 12.99
C TYR E 473 11.48 -34.12 12.48
N TYR E 474 11.13 -33.72 11.27
CA TYR E 474 9.77 -33.86 10.78
C TYR E 474 9.79 -33.83 9.26
N ARG E 475 8.63 -34.10 8.67
CA ARG E 475 8.44 -33.98 7.24
C ARG E 475 8.04 -32.55 6.88
N VAL E 476 7.99 -32.28 5.58
CA VAL E 476 7.52 -30.98 5.12
C VAL E 476 6.02 -30.84 5.37
N SER E 477 5.26 -31.90 5.11
CA SER E 477 3.82 -31.83 5.25
C SER E 477 3.40 -31.42 6.65
N SER E 478 3.98 -32.06 7.66
CA SER E 478 3.57 -31.79 9.04
C SER E 478 3.93 -30.38 9.45
N TYR E 479 5.14 -29.94 9.13
CA TYR E 479 5.55 -28.58 9.45
C TYR E 479 4.62 -27.57 8.78
N PHE E 480 4.33 -27.79 7.50
CA PHE E 480 3.50 -26.86 6.75
C PHE E 480 2.10 -26.77 7.34
N LEU E 481 1.47 -27.93 7.57
CA LEU E 481 0.11 -27.93 8.11
C LEU E 481 0.07 -27.35 9.52
N GLY E 482 1.03 -27.70 10.36
CA GLY E 482 1.02 -27.17 11.71
C GLY E 482 1.19 -25.67 11.74
N LYS E 483 2.10 -25.14 10.92
CA LYS E 483 2.32 -23.70 10.88
C LYS E 483 1.11 -22.98 10.31
N LEU E 484 0.40 -23.59 9.36
CA LEU E 484 -0.85 -23.01 8.91
C LEU E 484 -1.89 -23.02 10.02
N LEU E 485 -1.97 -24.12 10.76
CA LEU E 485 -3.02 -24.33 11.74
C LEU E 485 -2.83 -23.45 12.97
N SER E 486 -1.60 -23.05 13.25
CA SER E 486 -1.31 -22.29 14.46
C SER E 486 -1.30 -20.79 14.25
N ASP E 487 -0.76 -20.31 13.13
CA ASP E 487 -0.57 -18.88 12.91
C ASP E 487 -1.63 -18.29 11.97
N LEU E 488 -1.77 -18.85 10.77
CA LEU E 488 -2.63 -18.23 9.78
C LEU E 488 -4.10 -18.30 10.17
N LEU E 489 -4.58 -19.48 10.54
CA LEU E 489 -6.00 -19.68 10.71
C LEU E 489 -6.58 -18.76 11.77
N PRO E 490 -6.10 -18.76 13.01
CA PRO E 490 -6.75 -17.96 14.05
C PRO E 490 -6.56 -16.47 13.88
N MET E 491 -5.41 -16.02 13.38
CA MET E 491 -5.13 -14.61 13.22
C MET E 491 -5.66 -14.04 11.92
N ARG E 492 -6.24 -14.87 11.05
CA ARG E 492 -7.00 -14.39 9.91
C ARG E 492 -8.50 -14.56 10.09
N MET E 493 -8.94 -15.44 10.99
CA MET E 493 -10.36 -15.60 11.22
C MET E 493 -10.93 -14.50 12.11
N LEU E 494 -10.11 -13.90 12.96
CA LEU E 494 -10.60 -13.03 14.02
C LEU E 494 -10.91 -11.62 13.50
N PRO E 495 -10.00 -11.02 12.72
CA PRO E 495 -10.27 -9.66 12.22
C PRO E 495 -11.58 -9.55 11.48
N SER E 496 -11.95 -10.55 10.69
CA SER E 496 -13.22 -10.51 9.97
C SER E 496 -14.40 -10.45 10.93
N ILE E 497 -14.36 -11.31 11.96
CA ILE E 497 -15.43 -11.35 12.95
C ILE E 497 -15.55 -10.00 13.63
N ILE E 498 -14.41 -9.43 14.02
CA ILE E 498 -14.43 -8.14 14.72
C ILE E 498 -15.01 -7.06 13.82
N PHE E 499 -14.50 -6.96 12.59
CA PHE E 499 -14.97 -5.94 11.66
C PHE E 499 -16.47 -6.04 11.47
N THR E 500 -16.97 -7.25 11.20
CA THR E 500 -18.39 -7.42 10.95
C THR E 500 -19.19 -7.04 12.19
N CYS E 501 -18.87 -7.64 13.34
CA CYS E 501 -19.65 -7.39 14.54
C CYS E 501 -19.67 -5.91 14.88
N ILE E 502 -18.61 -5.18 14.57
CA ILE E 502 -18.58 -3.75 14.89
C ILE E 502 -19.39 -2.95 13.90
N VAL E 503 -19.08 -3.06 12.61
CA VAL E 503 -19.62 -2.13 11.63
C VAL E 503 -21.04 -2.47 11.19
N TYR E 504 -21.45 -3.74 11.24
CA TYR E 504 -22.69 -4.14 10.58
C TYR E 504 -23.88 -3.37 11.11
N PHE E 505 -23.93 -3.16 12.42
CA PHE E 505 -25.09 -2.53 13.04
C PHE E 505 -24.95 -1.03 13.21
N MET E 506 -23.72 -0.52 13.30
CA MET E 506 -23.52 0.92 13.23
C MET E 506 -23.94 1.46 11.87
N LEU E 507 -23.48 0.82 10.80
CA LEU E 507 -23.87 1.25 9.46
C LEU E 507 -25.37 1.09 9.23
N GLY E 508 -25.94 -0.01 9.66
CA GLY E 508 -27.34 -0.27 9.45
C GLY E 508 -27.59 -1.04 8.17
N LEU E 509 -26.82 -2.10 7.96
CA LEU E 509 -26.98 -2.93 6.79
C LEU E 509 -28.17 -3.85 6.96
N LYS E 510 -28.35 -4.74 5.99
CA LYS E 510 -29.49 -5.64 5.95
C LYS E 510 -29.62 -6.39 7.28
N PRO E 511 -30.70 -6.16 8.03
CA PRO E 511 -30.83 -6.74 9.38
C PRO E 511 -31.40 -8.15 9.38
N LYS E 512 -30.64 -9.08 8.82
CA LYS E 512 -30.96 -10.50 8.86
C LYS E 512 -29.74 -11.26 9.36
N ALA E 513 -30.00 -12.42 9.97
CA ALA E 513 -28.90 -13.23 10.49
C ALA E 513 -28.08 -13.84 9.36
N ASP E 514 -28.76 -14.38 8.35
CA ASP E 514 -28.06 -15.02 7.24
C ASP E 514 -27.17 -14.03 6.51
N ALA E 515 -27.64 -12.79 6.30
CA ALA E 515 -26.79 -11.79 5.66
C ALA E 515 -25.56 -11.49 6.51
N PHE E 516 -25.75 -11.37 7.82
CA PHE E 516 -24.64 -11.11 8.73
C PHE E 516 -23.58 -12.19 8.60
N PHE E 517 -24.00 -13.45 8.66
CA PHE E 517 -23.04 -14.54 8.62
C PHE E 517 -22.44 -14.74 7.25
N VAL E 518 -23.18 -14.45 6.19
CA VAL E 518 -22.62 -14.51 4.85
C VAL E 518 -21.52 -13.46 4.69
N MET E 519 -21.75 -12.26 5.19
CA MET E 519 -20.73 -11.22 5.14
C MET E 519 -19.49 -11.65 5.91
N MET E 520 -19.68 -12.18 7.11
CA MET E 520 -18.56 -12.67 7.90
C MET E 520 -17.76 -13.73 7.13
N PHE E 521 -18.45 -14.73 6.60
CA PHE E 521 -17.80 -15.82 5.90
C PHE E 521 -17.07 -15.33 4.65
N THR E 522 -17.66 -14.38 3.92
CA THR E 522 -17.01 -13.85 2.73
C THR E 522 -15.72 -13.13 3.09
N LEU E 523 -15.75 -12.31 4.14
CA LEU E 523 -14.53 -11.64 4.57
C LEU E 523 -13.46 -12.64 4.95
N MET E 524 -13.86 -13.68 5.67
CA MET E 524 -12.92 -14.72 6.07
C MET E 524 -12.27 -15.37 4.86
N MET E 525 -13.08 -15.73 3.86
CA MET E 525 -12.57 -16.42 2.68
C MET E 525 -11.61 -15.53 1.89
N VAL E 526 -11.96 -14.25 1.73
CA VAL E 526 -11.07 -13.37 0.99
C VAL E 526 -9.74 -13.21 1.72
N ALA E 527 -9.79 -13.11 3.04
CA ALA E 527 -8.55 -13.03 3.80
C ALA E 527 -7.70 -14.28 3.61
N TYR E 528 -8.31 -15.46 3.71
CA TYR E 528 -7.56 -16.70 3.55
C TYR E 528 -6.95 -16.80 2.16
N SER E 529 -7.71 -16.42 1.13
CA SER E 529 -7.20 -16.52 -0.23
C SER E 529 -6.01 -15.60 -0.45
N ALA E 530 -6.10 -14.35 0.03
CA ALA E 530 -4.97 -13.45 -0.11
C ALA E 530 -3.76 -13.95 0.64
N SER E 531 -3.96 -14.49 1.85
CA SER E 531 -2.85 -15.04 2.62
C SER E 531 -2.19 -16.21 1.89
N SER E 532 -3.00 -17.09 1.31
CA SER E 532 -2.45 -18.22 0.56
C SER E 532 -1.65 -17.75 -0.63
N MET E 533 -2.15 -16.75 -1.34
CA MET E 533 -1.39 -16.20 -2.46
C MET E 533 -0.06 -15.65 -1.99
N ALA E 534 -0.05 -14.96 -0.86
CA ALA E 534 1.19 -14.42 -0.32
C ALA E 534 2.16 -15.54 0.02
N LEU E 535 1.67 -16.61 0.65
CA LEU E 535 2.53 -17.73 0.97
C LEU E 535 3.13 -18.35 -0.28
N ALA E 536 2.30 -18.55 -1.31
CA ALA E 536 2.80 -19.12 -2.54
C ALA E 536 3.88 -18.25 -3.16
N ILE E 537 3.70 -16.95 -3.14
CA ILE E 537 4.69 -16.07 -3.73
C ILE E 537 5.98 -16.05 -2.91
N ALA E 538 5.86 -16.10 -1.58
CA ALA E 538 6.99 -15.86 -0.68
C ALA E 538 7.59 -17.13 -0.11
N ALA E 539 7.04 -18.30 -0.40
CA ALA E 539 7.59 -19.54 0.14
C ALA E 539 8.91 -19.85 -0.56
N GLY E 540 9.93 -20.17 0.23
CA GLY E 540 11.22 -20.51 -0.28
C GLY E 540 12.18 -19.34 -0.41
N GLN E 541 11.67 -18.12 -0.45
CA GLN E 541 12.53 -16.96 -0.53
C GLN E 541 13.14 -16.67 0.84
N SER E 542 13.99 -15.64 0.89
CA SER E 542 14.62 -15.22 2.13
C SER E 542 14.56 -13.71 2.36
N VAL E 543 14.04 -12.93 1.43
CA VAL E 543 13.95 -11.48 1.56
C VAL E 543 12.50 -11.07 1.42
N VAL E 544 12.03 -10.25 2.36
CA VAL E 544 10.63 -9.84 2.40
C VAL E 544 10.32 -8.77 1.37
N SER E 545 11.32 -7.96 1.00
CA SER E 545 11.05 -6.74 0.23
C SER E 545 10.44 -7.07 -1.14
N VAL E 546 11.08 -7.96 -1.89
CA VAL E 546 10.62 -8.25 -3.24
C VAL E 546 9.24 -8.90 -3.21
N ALA E 547 9.03 -9.83 -2.27
CA ALA E 547 7.74 -10.47 -2.15
C ALA E 547 6.65 -9.46 -1.83
N THR E 548 6.93 -8.53 -0.90
CA THR E 548 5.94 -7.53 -0.54
C THR E 548 5.61 -6.64 -1.73
N LEU E 549 6.63 -6.24 -2.48
CA LEU E 549 6.40 -5.39 -3.64
C LEU E 549 5.54 -6.10 -4.68
N LEU E 550 5.86 -7.36 -4.97
CA LEU E 550 5.09 -8.11 -5.95
C LEU E 550 3.64 -8.28 -5.49
N MET E 551 3.45 -8.57 -4.21
CA MET E 551 2.10 -8.70 -3.66
C MET E 551 1.33 -7.40 -3.85
N THR E 552 1.96 -6.28 -3.52
CA THR E 552 1.28 -4.99 -3.63
C THR E 552 0.87 -4.72 -5.07
N ILE E 553 1.77 -4.98 -6.02
CA ILE E 553 1.45 -4.73 -7.42
C ILE E 553 0.27 -5.60 -7.87
N CYS E 554 0.33 -6.90 -7.54
CA CYS E 554 -0.75 -7.79 -7.96
C CYS E 554 -2.08 -7.34 -7.37
N PHE E 555 -2.08 -6.94 -6.09
CA PHE E 555 -3.32 -6.50 -5.47
C PHE E 555 -3.83 -5.21 -6.07
N VAL E 556 -2.94 -4.32 -6.50
CA VAL E 556 -3.37 -3.10 -7.15
C VAL E 556 -4.12 -3.42 -8.44
N PHE E 557 -3.55 -4.30 -9.26
CA PHE E 557 -4.24 -4.66 -10.50
C PHE E 557 -5.56 -5.37 -10.21
N MET E 558 -5.56 -6.24 -9.20
CA MET E 558 -6.81 -6.88 -8.79
C MET E 558 -7.87 -5.86 -8.41
N MET E 559 -7.48 -4.82 -7.67
CA MET E 559 -8.43 -3.79 -7.29
C MET E 559 -8.96 -3.06 -8.50
N ILE E 560 -8.10 -2.78 -9.48
CA ILE E 560 -8.60 -2.17 -10.71
C ILE E 560 -9.71 -3.02 -11.30
N PHE E 561 -9.57 -4.34 -11.28
CA PHE E 561 -10.56 -5.23 -11.88
C PHE E 561 -11.60 -5.73 -10.88
N SER E 562 -11.96 -4.92 -9.89
CA SER E 562 -12.89 -5.37 -8.85
C SER E 562 -14.35 -5.03 -9.14
N GLY E 563 -14.62 -3.93 -9.83
CA GLY E 563 -15.97 -3.59 -10.23
C GLY E 563 -16.47 -2.25 -9.75
N LEU E 564 -15.62 -1.41 -9.17
CA LEU E 564 -16.00 -0.07 -8.76
C LEU E 564 -15.35 1.00 -9.62
N LEU E 565 -14.03 0.93 -9.80
CA LEU E 565 -13.33 1.94 -10.56
C LEU E 565 -13.62 1.86 -12.04
N VAL E 566 -13.93 0.67 -12.55
CA VAL E 566 -14.27 0.48 -13.94
C VAL E 566 -15.41 -0.51 -14.02
N ASN E 567 -16.37 -0.25 -14.90
CA ASN E 567 -17.45 -1.18 -15.14
C ASN E 567 -16.95 -2.35 -15.95
N LEU E 568 -17.22 -3.56 -15.46
CA LEU E 568 -16.66 -4.76 -16.07
C LEU E 568 -17.37 -5.15 -17.35
N THR E 569 -18.52 -4.56 -17.65
CA THR E 569 -19.21 -4.84 -18.90
C THR E 569 -18.74 -3.97 -20.04
N THR E 570 -17.88 -2.99 -19.78
CA THR E 570 -17.39 -2.08 -20.81
C THR E 570 -16.00 -2.42 -21.29
N ILE E 571 -15.35 -3.39 -20.69
CA ILE E 571 -13.99 -3.72 -21.05
C ILE E 571 -13.99 -4.55 -22.33
N ALA E 572 -12.94 -4.37 -23.12
CA ALA E 572 -12.81 -5.08 -24.39
C ALA E 572 -12.68 -6.58 -24.16
N SER E 573 -13.16 -7.35 -25.14
CA SER E 573 -13.19 -8.80 -24.99
C SER E 573 -11.79 -9.37 -24.82
N TRP E 574 -10.81 -8.82 -25.52
CA TRP E 574 -9.45 -9.35 -25.44
C TRP E 574 -8.76 -9.05 -24.12
N LEU E 575 -9.46 -8.41 -23.18
CA LEU E 575 -8.91 -8.09 -21.87
C LEU E 575 -9.81 -8.47 -20.72
N SER E 576 -11.12 -8.55 -20.93
CA SER E 576 -12.06 -8.77 -19.84
C SER E 576 -11.75 -10.03 -19.05
N TRP E 577 -11.22 -11.06 -19.70
CA TRP E 577 -10.97 -12.32 -19.01
C TRP E 577 -10.09 -12.14 -17.77
N LEU E 578 -9.26 -11.10 -17.73
CA LEU E 578 -8.41 -10.90 -16.56
C LEU E 578 -9.21 -10.74 -15.28
N GLN E 579 -10.47 -10.35 -15.38
CA GLN E 579 -11.28 -10.15 -14.19
C GLN E 579 -11.45 -11.44 -13.39
N TYR E 580 -11.19 -12.58 -14.01
CA TYR E 580 -11.34 -13.84 -13.31
C TYR E 580 -10.13 -14.19 -12.45
N PHE E 581 -9.12 -13.33 -12.43
CA PHE E 581 -7.95 -13.48 -11.58
C PHE E 581 -7.94 -12.43 -10.47
N SER E 582 -9.10 -12.11 -9.93
CA SER E 582 -9.24 -11.06 -8.93
C SER E 582 -10.04 -11.58 -7.75
N ILE E 583 -9.38 -11.72 -6.61
CA ILE E 583 -9.99 -12.11 -5.35
C ILE E 583 -10.95 -11.00 -4.88
N PRO E 584 -10.51 -9.74 -4.90
CA PRO E 584 -11.42 -8.67 -4.49
C PRO E 584 -12.69 -8.65 -5.29
N ARG E 585 -12.64 -9.00 -6.58
CA ARG E 585 -13.84 -9.02 -7.38
C ARG E 585 -14.87 -9.97 -6.81
N TYR E 586 -14.45 -11.20 -6.52
CA TYR E 586 -15.37 -12.18 -5.98
C TYR E 586 -15.93 -11.74 -4.63
N GLY E 587 -15.07 -11.24 -3.75
CA GLY E 587 -15.55 -10.81 -2.44
C GLY E 587 -16.53 -9.65 -2.54
N PHE E 588 -16.18 -8.64 -3.34
CA PHE E 588 -17.02 -7.46 -3.48
C PHE E 588 -18.34 -7.81 -4.12
N THR E 589 -18.32 -8.69 -5.13
CA THR E 589 -19.56 -9.13 -5.76
C THR E 589 -20.46 -9.84 -4.77
N ALA E 590 -19.91 -10.73 -3.95
CA ALA E 590 -20.73 -11.42 -2.97
C ALA E 590 -21.33 -10.45 -1.97
N LEU E 591 -20.54 -9.49 -1.50
CA LEU E 591 -21.06 -8.53 -0.53
C LEU E 591 -22.17 -7.69 -1.15
N GLN E 592 -21.98 -7.22 -2.37
CA GLN E 592 -23.00 -6.44 -3.05
C GLN E 592 -24.27 -7.24 -3.22
N HIS E 593 -24.15 -8.50 -3.66
CA HIS E 593 -25.33 -9.33 -3.84
C HIS E 593 -26.08 -9.49 -2.54
N ASN E 594 -25.36 -9.73 -1.45
CA ASN E 594 -26.01 -9.90 -0.15
C ASN E 594 -26.70 -8.63 0.31
N GLU E 595 -26.13 -7.46 -0.02
CA GLU E 595 -26.60 -6.21 0.56
C GLU E 595 -27.71 -5.54 -0.24
N PHE E 596 -27.58 -5.48 -1.56
CA PHE E 596 -28.40 -4.60 -2.39
C PHE E 596 -29.73 -5.20 -2.82
N LEU E 597 -29.97 -6.47 -2.57
CA LEU E 597 -31.05 -7.17 -3.26
C LEU E 597 -32.38 -6.45 -3.11
N GLY E 598 -32.93 -6.43 -1.89
CA GLY E 598 -34.25 -5.91 -1.69
C GLY E 598 -34.33 -4.47 -1.23
N GLN E 599 -33.50 -3.61 -1.80
CA GLN E 599 -33.41 -2.22 -1.37
C GLN E 599 -34.07 -1.28 -2.36
N ASN E 600 -34.63 -0.20 -1.83
CA ASN E 600 -35.14 0.92 -2.61
C ASN E 600 -34.30 2.15 -2.30
N PHE E 601 -34.07 2.99 -3.31
CA PHE E 601 -33.17 4.13 -3.17
C PHE E 601 -33.72 5.40 -3.80
N CYS E 602 -35.01 5.44 -4.13
CA CYS E 602 -35.64 6.64 -4.66
C CYS E 602 -36.88 6.94 -3.83
N PRO E 603 -36.80 7.81 -2.83
CA PRO E 603 -37.96 8.05 -1.96
C PRO E 603 -39.13 8.61 -2.74
N GLY E 604 -40.32 8.13 -2.41
CA GLY E 604 -41.53 8.55 -3.07
C GLY E 604 -41.88 7.79 -4.32
N LEU E 605 -41.02 6.89 -4.77
CA LEU E 605 -41.17 6.25 -6.07
C LEU E 605 -41.14 4.74 -5.90
N ASN E 606 -42.11 4.05 -6.50
CA ASN E 606 -42.16 2.59 -6.48
C ASN E 606 -41.58 2.06 -7.80
N ALA E 607 -40.26 2.06 -7.85
CA ALA E 607 -39.55 1.57 -9.03
C ALA E 607 -39.66 0.06 -9.16
N THR E 608 -39.78 -0.65 -8.03
CA THR E 608 -39.87 -2.11 -8.08
C THR E 608 -40.99 -2.57 -9.00
N GLY E 609 -42.11 -1.86 -9.01
CA GLY E 609 -43.19 -2.20 -9.90
C GLY E 609 -42.85 -1.88 -11.34
N ASN E 610 -42.64 -0.60 -11.63
CA ASN E 610 -42.28 -0.16 -12.97
C ASN E 610 -41.26 0.96 -12.88
N ASN E 611 -40.57 1.18 -14.00
CA ASN E 611 -39.62 2.27 -14.13
C ASN E 611 -40.28 3.44 -14.83
N PRO E 612 -40.53 4.56 -14.14
CA PRO E 612 -41.09 5.73 -14.82
C PRO E 612 -40.11 6.32 -15.81
N CYS E 613 -38.89 6.61 -15.35
CA CYS E 613 -37.81 7.08 -16.20
C CYS E 613 -36.75 6.00 -16.33
N ASN E 614 -36.19 5.88 -17.53
CA ASN E 614 -35.28 4.82 -17.90
C ASN E 614 -33.91 4.93 -17.25
N TYR E 615 -33.53 6.14 -16.81
CA TYR E 615 -32.18 6.42 -16.36
C TYR E 615 -32.14 6.78 -14.88
N ALA E 616 -32.93 6.09 -14.06
CA ALA E 616 -33.06 6.47 -12.66
C ALA E 616 -32.21 5.64 -11.71
N THR E 617 -32.16 4.32 -11.88
CA THR E 617 -31.43 3.45 -10.97
C THR E 617 -32.00 3.55 -9.55
N CYS E 618 -33.24 3.11 -9.43
CA CYS E 618 -33.99 3.25 -8.19
C CYS E 618 -34.12 1.97 -7.38
N THR E 619 -33.46 0.88 -7.79
CA THR E 619 -33.48 -0.36 -7.04
C THR E 619 -32.11 -1.01 -7.05
N GLY E 620 -31.89 -1.89 -6.07
CA GLY E 620 -30.64 -2.62 -6.00
C GLY E 620 -30.45 -3.59 -7.14
N GLU E 621 -31.53 -4.21 -7.60
CA GLU E 621 -31.43 -5.12 -8.73
C GLU E 621 -30.87 -4.42 -9.96
N GLU E 622 -31.35 -3.21 -10.23
CA GLU E 622 -30.85 -2.45 -11.36
C GLU E 622 -29.36 -2.17 -11.23
N TYR E 623 -28.94 -1.75 -10.04
CA TYR E 623 -27.52 -1.49 -9.82
C TYR E 623 -26.69 -2.75 -10.04
N LEU E 624 -27.13 -3.87 -9.49
CA LEU E 624 -26.38 -5.11 -9.63
C LEU E 624 -26.28 -5.52 -11.10
N VAL E 625 -27.39 -5.49 -11.82
CA VAL E 625 -27.37 -5.89 -13.22
C VAL E 625 -26.51 -4.94 -14.03
N LYS E 626 -26.55 -3.65 -13.72
CA LYS E 626 -25.72 -2.68 -14.41
C LYS E 626 -24.25 -2.93 -14.17
N GLN E 627 -23.90 -3.56 -13.05
CA GLN E 627 -22.51 -3.91 -12.78
C GLN E 627 -22.12 -5.28 -13.33
N GLY E 628 -23.06 -6.03 -13.89
CA GLY E 628 -22.76 -7.33 -14.44
C GLY E 628 -22.92 -8.47 -13.47
N ILE E 629 -23.72 -8.31 -12.44
CA ILE E 629 -23.87 -9.29 -11.38
C ILE E 629 -25.14 -10.10 -11.61
N ASP E 630 -25.06 -11.40 -11.35
CA ASP E 630 -26.20 -12.29 -11.51
C ASP E 630 -27.08 -12.24 -10.27
N LEU E 631 -28.39 -12.29 -10.47
CA LEU E 631 -29.35 -12.12 -9.38
C LEU E 631 -29.78 -13.44 -8.77
N SER E 632 -29.36 -14.55 -9.31
CA SER E 632 -29.72 -15.85 -8.77
C SER E 632 -28.81 -16.19 -7.59
N PRO E 633 -29.29 -17.06 -6.69
CA PRO E 633 -28.43 -17.45 -5.55
C PRO E 633 -27.10 -18.03 -5.97
N TRP E 634 -27.06 -18.79 -7.06
CA TRP E 634 -25.78 -19.23 -7.59
C TRP E 634 -24.83 -18.06 -7.79
N GLY E 635 -25.32 -16.98 -8.39
CA GLY E 635 -24.54 -15.77 -8.61
C GLY E 635 -23.86 -15.25 -7.37
N LEU E 636 -24.27 -15.70 -6.20
CA LEU E 636 -23.56 -15.44 -4.96
C LEU E 636 -22.53 -16.52 -4.65
N TRP E 637 -22.99 -17.75 -4.46
CA TRP E 637 -22.12 -18.82 -3.99
C TRP E 637 -21.05 -19.17 -4.98
N LYS E 638 -21.31 -19.00 -6.28
CA LYS E 638 -20.26 -19.09 -7.27
C LYS E 638 -18.99 -18.43 -6.77
N ASN E 639 -19.08 -17.16 -6.38
CA ASN E 639 -17.89 -16.44 -5.97
C ASN E 639 -17.12 -17.22 -4.90
N HIS E 640 -17.84 -17.71 -3.89
CA HIS E 640 -17.17 -18.42 -2.81
C HIS E 640 -16.37 -19.60 -3.32
N VAL E 641 -16.95 -20.41 -4.21
CA VAL E 641 -16.19 -21.57 -4.66
C VAL E 641 -14.96 -21.10 -5.41
N ALA E 642 -15.09 -20.04 -6.20
CA ALA E 642 -13.94 -19.51 -6.92
C ALA E 642 -12.82 -19.12 -5.97
N LEU E 643 -13.16 -18.70 -4.76
CA LEU E 643 -12.15 -18.43 -3.76
C LEU E 643 -11.55 -19.72 -3.23
N ALA E 644 -12.41 -20.68 -2.88
CA ALA E 644 -11.91 -21.91 -2.27
C ALA E 644 -10.88 -22.57 -3.18
N CYS E 645 -11.23 -22.79 -4.45
CA CYS E 645 -10.25 -23.34 -5.38
C CYS E 645 -8.95 -22.57 -5.32
N MET E 646 -9.02 -21.24 -5.43
CA MET E 646 -7.80 -20.44 -5.31
C MET E 646 -7.00 -20.87 -4.11
N ILE E 647 -7.61 -20.87 -2.93
CA ILE E 647 -6.90 -21.27 -1.73
C ILE E 647 -6.16 -22.56 -1.98
N VAL E 648 -6.91 -23.61 -2.33
CA VAL E 648 -6.30 -24.91 -2.57
C VAL E 648 -5.09 -24.75 -3.47
N ILE E 649 -5.29 -24.17 -4.65
CA ILE E 649 -4.21 -24.08 -5.62
C ILE E 649 -3.00 -23.42 -4.99
N PHE E 650 -3.20 -22.26 -4.36
CA PHE E 650 -2.05 -21.55 -3.81
C PHE E 650 -1.39 -22.38 -2.72
N LEU E 651 -2.18 -22.94 -1.81
CA LEU E 651 -1.58 -23.73 -0.74
C LEU E 651 -0.92 -24.98 -1.27
N THR E 652 -1.24 -25.39 -2.50
CA THR E 652 -0.48 -26.47 -3.10
C THR E 652 0.86 -25.95 -3.61
N ILE E 653 0.84 -24.84 -4.34
CA ILE E 653 2.07 -24.30 -4.90
C ILE E 653 3.09 -24.07 -3.81
N ALA E 654 2.69 -23.40 -2.73
CA ALA E 654 3.60 -23.19 -1.62
C ALA E 654 4.24 -24.48 -1.16
N TYR E 655 3.43 -25.53 -0.98
CA TYR E 655 3.98 -26.81 -0.55
C TYR E 655 5.05 -27.28 -1.52
N LEU E 656 4.77 -27.21 -2.82
CA LEU E 656 5.74 -27.65 -3.80
C LEU E 656 6.95 -26.74 -3.87
N LYS E 657 6.84 -25.50 -3.41
CA LYS E 657 8.01 -24.64 -3.33
C LYS E 657 8.83 -24.91 -2.08
N LEU E 658 8.26 -25.63 -1.11
CA LEU E 658 9.03 -26.07 0.05
C LEU E 658 9.59 -27.47 -0.16
N LEU E 659 8.86 -28.31 -0.89
CA LEU E 659 9.30 -29.67 -1.11
C LEU E 659 10.50 -29.73 -2.04
N PHE E 660 10.48 -28.93 -3.11
CA PHE E 660 11.56 -28.89 -4.09
C PHE E 660 12.61 -27.84 -3.74
N LEU E 661 12.48 -27.20 -2.59
CA LEU E 661 13.48 -26.23 -2.17
C LEU E 661 14.80 -26.93 -1.87
N LYS E 662 15.89 -26.27 -2.22
CA LYS E 662 17.22 -26.83 -1.99
C LYS E 662 17.54 -26.75 -0.50
N LYS E 663 17.72 -27.90 0.13
CA LYS E 663 18.04 -27.98 1.54
C LYS E 663 19.53 -27.88 1.80
N TYR E 664 20.37 -28.18 0.81
CA TYR E 664 21.81 -28.16 0.98
C TYR E 664 22.37 -26.76 0.79
N ASP F 1 -28.15 23.93 6.02
CA ASP F 1 -29.10 23.56 4.95
C ASP F 1 -29.06 24.61 3.85
N ILE F 2 -30.11 24.68 3.04
CA ILE F 2 -30.24 25.66 1.97
C ILE F 2 -31.36 26.60 2.36
N VAL F 3 -31.04 27.88 2.45
CA VAL F 3 -32.00 28.91 2.84
C VAL F 3 -32.39 29.69 1.60
N LEU F 4 -33.68 29.82 1.37
CA LEU F 4 -34.23 30.55 0.25
C LEU F 4 -34.70 31.90 0.72
N THR F 5 -34.32 32.94 -0.02
CA THR F 5 -34.62 34.32 0.36
C THR F 5 -35.41 34.98 -0.76
N GLN F 6 -36.53 35.57 -0.41
CA GLN F 6 -37.32 36.39 -1.30
C GLN F 6 -37.20 37.84 -0.86
N SER F 7 -36.61 38.68 -1.71
CA SER F 7 -36.34 40.06 -1.31
C SER F 7 -37.63 40.84 -1.14
N PRO F 8 -38.53 40.91 -2.12
CA PRO F 8 -39.73 41.73 -1.95
C PRO F 8 -40.77 41.07 -1.04
N SER F 9 -40.63 41.27 0.27
CA SER F 9 -41.59 40.69 1.20
C SER F 9 -43.00 41.17 0.94
N SER F 10 -43.16 42.31 0.27
CA SER F 10 -44.47 42.79 -0.14
C SER F 10 -44.32 43.55 -1.45
N PHE F 11 -45.42 43.64 -2.19
CA PHE F 11 -45.45 44.33 -3.46
C PHE F 11 -46.71 45.19 -3.52
N SER F 12 -46.85 45.93 -4.61
CA SER F 12 -48.00 46.80 -4.82
C SER F 12 -48.12 47.07 -6.30
N VAL F 13 -49.22 46.63 -6.90
CA VAL F 13 -49.40 46.75 -8.35
C VAL F 13 -50.88 46.97 -8.65
N SER F 14 -51.21 47.10 -9.93
CA SER F 14 -52.58 47.31 -10.39
C SER F 14 -52.86 46.36 -11.54
N LEU F 15 -54.14 46.19 -11.84
CA LEU F 15 -54.55 45.23 -12.85
C LEU F 15 -53.94 45.57 -14.20
N GLY F 16 -53.72 44.53 -15.01
CA GLY F 16 -53.05 44.66 -16.27
C GLY F 16 -51.57 44.90 -16.20
N ASP F 17 -51.03 45.15 -15.01
CA ASP F 17 -49.60 45.41 -14.85
C ASP F 17 -48.82 44.10 -14.88
N ARG F 18 -47.51 44.23 -15.03
CA ARG F 18 -46.59 43.10 -15.02
C ARG F 18 -45.81 43.14 -13.71
N VAL F 19 -45.69 41.99 -13.06
CA VAL F 19 -44.99 41.89 -11.79
C VAL F 19 -44.00 40.74 -11.86
N THR F 20 -42.92 40.89 -11.10
CA THR F 20 -41.84 39.91 -11.06
C THR F 20 -41.44 39.64 -9.62
N ILE F 21 -41.25 38.37 -9.29
CA ILE F 21 -40.87 37.93 -7.95
C ILE F 21 -39.57 37.15 -8.06
N SER F 22 -38.69 37.32 -7.09
CA SER F 22 -37.35 36.76 -7.13
C SER F 22 -37.10 35.87 -5.92
N CYS F 23 -36.42 34.76 -6.16
CA CYS F 23 -35.97 33.85 -5.10
C CYS F 23 -34.48 33.59 -5.31
N LYS F 24 -33.73 33.73 -4.24
CA LYS F 24 -32.28 33.58 -4.25
C LYS F 24 -31.90 32.51 -3.25
N ALA F 25 -31.11 31.53 -3.68
CA ALA F 25 -30.73 30.41 -2.85
C ALA F 25 -29.27 30.51 -2.45
N SER F 26 -28.96 29.97 -1.27
CA SER F 26 -27.62 29.95 -0.74
C SER F 26 -26.78 28.84 -1.34
N GLY F 27 -27.34 28.06 -2.24
CA GLY F 27 -26.62 26.96 -2.86
C GLY F 27 -27.20 26.64 -4.21
N TYR F 28 -26.44 25.89 -4.99
CA TYR F 28 -26.90 25.52 -6.31
C TYR F 28 -28.06 24.56 -6.21
N ILE F 29 -29.09 24.80 -7.02
CA ILE F 29 -30.35 24.09 -6.93
C ILE F 29 -30.67 23.31 -8.20
N LEU F 30 -30.12 23.72 -9.34
CA LEU F 30 -30.26 22.96 -10.58
C LEU F 30 -31.71 22.82 -10.99
N ASN F 31 -32.44 23.93 -10.92
CA ASN F 31 -33.82 24.03 -11.36
C ASN F 31 -34.77 23.16 -10.56
N ARG F 32 -34.34 22.66 -9.41
CA ARG F 32 -35.23 21.98 -8.47
C ARG F 32 -35.95 23.02 -7.61
N LEU F 33 -36.69 23.88 -8.30
CA LEU F 33 -37.38 25.00 -7.70
C LEU F 33 -38.85 24.93 -8.05
N ALA F 34 -39.70 25.17 -7.06
CA ALA F 34 -41.14 25.16 -7.24
C ALA F 34 -41.75 26.43 -6.66
N TRP F 35 -42.85 26.85 -7.25
CA TRP F 35 -43.58 28.02 -6.82
C TRP F 35 -45.00 27.63 -6.45
N TYR F 36 -45.41 28.01 -5.24
CA TYR F 36 -46.74 27.76 -4.71
C TYR F 36 -47.49 29.07 -4.53
N GLN F 37 -48.79 29.03 -4.81
CA GLN F 37 -49.71 30.13 -4.59
C GLN F 37 -50.63 29.78 -3.41
N GLN F 38 -50.87 30.75 -2.52
CA GLN F 38 -51.72 30.55 -1.34
C GLN F 38 -52.67 31.73 -1.24
N LYS F 39 -53.95 31.43 -1.12
CA LYS F 39 -54.99 32.40 -0.81
C LYS F 39 -55.30 32.35 0.67
N PRO F 40 -55.87 33.43 1.22
CA PRO F 40 -56.26 33.40 2.64
C PRO F 40 -57.35 32.38 2.89
N GLY F 41 -57.10 31.48 3.83
CA GLY F 41 -58.07 30.46 4.19
C GLY F 41 -57.97 29.17 3.41
N ASN F 42 -56.85 28.94 2.73
CA ASN F 42 -56.68 27.74 1.91
C ASN F 42 -55.23 27.27 2.00
N ALA F 43 -55.04 26.00 1.67
CA ALA F 43 -53.71 25.44 1.63
C ALA F 43 -52.98 25.89 0.37
N PRO F 44 -51.65 25.86 0.39
CA PRO F 44 -50.90 26.22 -0.81
C PRO F 44 -51.23 25.31 -1.97
N ARG F 45 -51.15 25.89 -3.16
CA ARG F 45 -51.48 25.20 -4.39
C ARG F 45 -50.29 25.29 -5.33
N LEU F 46 -49.87 24.16 -5.87
CA LEU F 46 -48.72 24.14 -6.74
C LEU F 46 -49.00 24.92 -8.00
N LEU F 47 -48.08 25.80 -8.35
CA LEU F 47 -48.19 26.65 -9.53
C LEU F 47 -47.13 26.35 -10.56
N ILE F 48 -45.88 26.22 -10.15
CA ILE F 48 -44.80 25.92 -11.08
C ILE F 48 -43.88 24.87 -10.48
N SER F 49 -43.43 23.94 -11.33
CA SER F 49 -42.45 22.93 -10.98
C SER F 49 -41.31 22.99 -11.99
N GLY F 50 -40.13 22.57 -11.55
CA GLY F 50 -38.96 22.60 -12.41
C GLY F 50 -38.46 23.98 -12.74
N ALA F 51 -39.04 25.02 -12.14
CA ALA F 51 -38.63 26.40 -12.33
C ALA F 51 -39.06 26.96 -13.68
N THR F 52 -39.50 26.11 -14.58
CA THR F 52 -40.00 26.55 -15.88
C THR F 52 -41.36 25.97 -16.22
N SER F 53 -41.62 24.72 -15.84
CA SER F 53 -42.85 24.05 -16.23
C SER F 53 -44.03 24.64 -15.49
N LEU F 54 -45.16 24.70 -16.17
CA LEU F 54 -46.40 25.24 -15.63
C LEU F 54 -47.39 24.11 -15.39
N GLU F 55 -48.06 24.17 -14.24
CA GLU F 55 -49.01 23.12 -13.88
C GLU F 55 -50.32 23.30 -14.62
N THR F 56 -50.92 22.18 -14.97
CA THR F 56 -52.21 22.20 -15.65
C THR F 56 -53.27 22.74 -14.69
N GLY F 57 -54.02 23.73 -15.14
CA GLY F 57 -55.02 24.36 -14.30
C GLY F 57 -54.73 25.82 -14.01
N PHE F 58 -53.69 26.36 -14.65
CA PHE F 58 -53.33 27.75 -14.49
C PHE F 58 -53.15 28.40 -15.86
N PRO F 59 -53.45 29.69 -15.99
CA PRO F 59 -53.30 30.35 -17.29
C PRO F 59 -51.85 30.45 -17.70
N SER F 60 -51.65 30.73 -18.98
CA SER F 60 -50.31 30.93 -19.52
C SER F 60 -49.86 32.37 -19.36
N ARG F 61 -50.02 32.88 -18.14
CA ARG F 61 -49.52 34.19 -17.76
C ARG F 61 -48.38 34.12 -16.78
N PHE F 62 -48.31 33.05 -15.99
CA PHE F 62 -47.19 32.81 -15.10
C PHE F 62 -46.06 32.14 -15.87
N SER F 63 -44.85 32.64 -15.67
CA SER F 63 -43.69 32.01 -16.28
C SER F 63 -42.58 31.93 -15.24
N GLY F 64 -41.71 30.94 -15.40
CA GLY F 64 -40.59 30.76 -14.51
C GLY F 64 -39.28 30.75 -15.26
N THR F 65 -38.30 31.52 -14.79
CA THR F 65 -36.99 31.56 -15.43
C THR F 65 -35.91 31.68 -14.38
N GLY F 66 -34.87 30.88 -14.50
CA GLY F 66 -33.75 31.03 -13.58
C GLY F 66 -32.64 30.06 -13.89
N SER F 67 -31.54 30.22 -13.15
CA SER F 67 -30.40 29.33 -13.31
C SER F 67 -29.46 29.52 -12.13
N GLY F 68 -28.97 28.41 -11.60
CA GLY F 68 -27.99 28.47 -10.53
C GLY F 68 -28.62 28.74 -9.19
N LYS F 69 -28.48 29.98 -8.73
CA LYS F 69 -29.03 30.39 -7.45
C LYS F 69 -30.11 31.44 -7.56
N ASP F 70 -30.35 31.98 -8.75
CA ASP F 70 -31.32 33.05 -8.97
C ASP F 70 -32.46 32.53 -9.82
N TYR F 71 -33.69 32.67 -9.32
CA TYR F 71 -34.88 32.26 -10.03
C TYR F 71 -35.94 33.34 -9.89
N THR F 72 -36.84 33.39 -10.87
CA THR F 72 -37.83 34.45 -10.92
C THR F 72 -39.13 33.91 -11.50
N LEU F 73 -40.23 34.43 -10.95
CA LEU F 73 -41.59 34.17 -11.39
C LEU F 73 -42.15 35.46 -11.96
N SER F 74 -42.63 35.40 -13.20
CA SER F 74 -43.16 36.56 -13.89
C SER F 74 -44.65 36.38 -14.11
N ILE F 75 -45.44 37.33 -13.59
CA ILE F 75 -46.86 37.38 -13.86
C ILE F 75 -47.13 38.59 -14.75
N SER F 76 -47.42 38.34 -16.02
CA SER F 76 -47.72 39.40 -16.96
C SER F 76 -49.22 39.57 -17.11
N SER F 77 -49.69 40.81 -17.03
CA SER F 77 -51.10 41.13 -17.12
C SER F 77 -51.89 40.40 -16.03
N LEU F 78 -51.57 40.75 -14.80
CA LEU F 78 -52.18 40.10 -13.65
C LEU F 78 -53.63 40.52 -13.50
N GLN F 79 -54.42 39.61 -12.94
CA GLN F 79 -55.82 39.84 -12.69
C GLN F 79 -56.06 39.86 -11.18
N THR F 80 -57.33 39.92 -10.79
CA THR F 80 -57.68 39.98 -9.38
C THR F 80 -57.66 38.62 -8.70
N GLU F 81 -57.74 37.54 -9.47
CA GLU F 81 -57.65 36.19 -8.92
C GLU F 81 -56.21 35.78 -8.66
N ASP F 82 -55.25 36.64 -8.97
CA ASP F 82 -53.83 36.35 -8.79
C ASP F 82 -53.26 36.94 -7.51
N VAL F 83 -54.04 37.72 -6.77
CA VAL F 83 -53.55 38.30 -5.53
C VAL F 83 -53.47 37.22 -4.46
N GLY F 84 -52.38 37.24 -3.71
CA GLY F 84 -52.18 36.25 -2.67
C GLY F 84 -50.74 36.24 -2.22
N THR F 85 -50.34 35.11 -1.66
CA THR F 85 -48.97 34.91 -1.21
C THR F 85 -48.30 33.87 -2.08
N TYR F 86 -47.03 34.09 -2.39
CA TYR F 86 -46.27 33.22 -3.27
C TYR F 86 -45.02 32.75 -2.57
N TYR F 87 -44.79 31.44 -2.61
CA TYR F 87 -43.68 30.82 -1.92
C TYR F 87 -42.79 30.06 -2.90
N CYS F 88 -41.48 30.18 -2.72
CA CYS F 88 -40.52 29.36 -3.44
C CYS F 88 -40.00 28.26 -2.54
N GLN F 89 -39.95 27.05 -3.10
CA GLN F 89 -39.51 25.85 -2.41
C GLN F 89 -38.42 25.18 -3.22
N GLN F 90 -37.43 24.62 -2.53
CA GLN F 90 -36.40 23.81 -3.16
C GLN F 90 -36.55 22.38 -2.71
N TYR F 91 -36.49 21.45 -3.67
CA TYR F 91 -36.58 20.03 -3.40
C TYR F 91 -35.34 19.31 -3.90
N TRP F 92 -34.19 19.91 -3.65
CA TRP F 92 -32.89 19.33 -3.97
C TRP F 92 -32.33 18.50 -2.82
N SER F 93 -32.28 19.07 -1.62
CA SER F 93 -31.77 18.40 -0.44
C SER F 93 -32.92 18.02 0.48
N THR F 94 -32.70 16.96 1.28
CA THR F 94 -33.79 16.35 2.02
C THR F 94 -34.52 17.31 2.96
N PRO F 95 -33.85 18.19 3.71
CA PRO F 95 -34.61 19.18 4.50
C PRO F 95 -35.17 20.28 3.62
N TRP F 96 -36.30 19.98 2.98
CA TRP F 96 -36.91 20.93 2.06
C TRP F 96 -37.25 22.22 2.79
N THR F 97 -36.95 23.34 2.15
CA THR F 97 -37.08 24.65 2.74
C THR F 97 -37.93 25.53 1.84
N PHE F 98 -38.76 26.35 2.46
CA PHE F 98 -39.59 27.32 1.78
C PHE F 98 -39.01 28.72 1.91
N GLY F 99 -39.49 29.60 1.06
CA GLY F 99 -39.18 31.00 1.20
C GLY F 99 -40.07 31.69 2.21
N GLY F 100 -39.73 32.93 2.50
CA GLY F 100 -40.49 33.70 3.47
C GLY F 100 -41.86 34.11 2.99
N GLY F 101 -42.06 34.17 1.69
CA GLY F 101 -43.33 34.54 1.13
C GLY F 101 -43.38 35.99 0.72
N THR F 102 -44.06 36.26 -0.40
CA THR F 102 -44.25 37.61 -0.89
C THR F 102 -45.74 37.83 -1.11
N LYS F 103 -46.28 38.87 -0.49
CA LYS F 103 -47.69 39.17 -0.59
C LYS F 103 -47.93 40.25 -1.64
N LEU F 104 -48.87 40.00 -2.53
CA LEU F 104 -49.27 40.96 -3.54
C LEU F 104 -50.44 41.79 -3.07
N GLU F 105 -50.47 43.04 -3.51
CA GLU F 105 -51.51 43.99 -3.18
C GLU F 105 -52.09 44.59 -4.46
N ILE F 106 -53.10 45.43 -4.30
CA ILE F 106 -53.77 46.09 -5.40
C ILE F 106 -53.85 47.57 -5.09
N ARG F 107 -53.41 48.41 -6.02
CA ARG F 107 -53.48 49.86 -5.85
C ARG F 107 -54.74 50.43 -6.47
C1 NAG G . -31.44 22.20 -24.65
C2 NAG G . -30.69 22.47 -25.95
C3 NAG G . -30.29 23.94 -26.04
C4 NAG G . -31.47 24.86 -25.74
C5 NAG G . -32.17 24.42 -24.46
C6 NAG G . -33.46 25.18 -24.20
C7 NAG G . -28.66 21.64 -27.06
C8 NAG G . -27.50 20.71 -26.96
N2 NAG G . -29.51 21.62 -26.03
O3 NAG G . -29.81 24.22 -27.35
O4 NAG G . -30.99 26.19 -25.57
O5 NAG G . -32.54 23.04 -24.56
O6 NAG G . -34.49 24.31 -23.79
O7 NAG G . -28.81 22.39 -28.02
C1 NAG G . -31.93 27.13 -26.11
C2 NAG G . -31.64 28.48 -25.46
C3 NAG G . -32.55 29.56 -26.04
C4 NAG G . -32.44 29.57 -27.56
C5 NAG G . -32.72 28.18 -28.12
C6 NAG G . -32.51 28.09 -29.62
C7 NAG G . -30.76 28.18 -23.19
C8 NAG G . -31.10 28.14 -21.73
N2 NAG G . -31.79 28.41 -24.02
O3 NAG G . -32.19 30.82 -25.51
O4 NAG G . -33.37 30.50 -28.11
O5 NAG G . -31.81 27.25 -27.52
O6 NAG G . -31.12 27.96 -29.93
O7 NAG G . -29.62 28.02 -23.60
C1 NAG H . -45.29 -1.56 -5.92
C2 NAG H . -45.77 -1.92 -4.53
C3 NAG H . -46.23 -3.38 -4.45
C4 NAG H . -47.17 -3.71 -5.60
C5 NAG H . -46.60 -3.25 -6.93
C6 NAG H . -47.56 -3.40 -8.09
C7 NAG H . -44.87 -1.89 -2.24
C8 NAG H . -43.67 -1.58 -1.39
N2 NAG H . -44.72 -1.66 -3.55
O3 NAG H . -46.89 -3.59 -3.21
O4 NAG H . -47.35 -5.13 -5.65
O5 NAG H . -46.29 -1.85 -6.85
O6 NAG H . -47.56 -2.24 -8.91
O7 NAG H . -45.91 -2.31 -1.77
C1 NAG H . -48.69 -5.46 -6.02
C2 NAG H . -48.68 -6.89 -6.55
C3 NAG H . -50.10 -7.33 -6.89
C4 NAG H . -51.02 -7.14 -5.70
C5 NAG H . -50.94 -5.69 -5.22
C6 NAG H . -51.74 -5.44 -3.95
C7 NAG H . -46.53 -7.40 -7.62
C8 NAG H . -45.78 -7.47 -8.91
N2 NAG H . -47.81 -7.01 -7.70
O3 NAG H . -50.08 -8.70 -7.27
O4 NAG H . -52.36 -7.45 -6.05
O5 NAG H . -49.58 -5.36 -4.91
O6 NAG H . -51.02 -5.88 -2.80
O7 NAG H . -46.02 -7.69 -6.54
C1 CLR I . -9.96 26.51 3.35
C2 CLR I . -10.99 27.14 2.42
C3 CLR I . -10.47 28.44 1.77
C4 CLR I . -9.15 28.12 1.04
C5 CLR I . -8.10 27.42 1.89
C6 CLR I . -6.87 27.96 2.01
C7 CLR I . -5.78 27.35 2.91
C8 CLR I . -6.13 25.90 3.30
C9 CLR I . -7.60 25.80 3.77
C10 CLR I . -8.61 26.18 2.66
C11 CLR I . -7.93 24.46 4.42
C12 CLR I . -6.94 24.08 5.54
C13 CLR I . -5.51 24.04 4.95
C14 CLR I . -5.24 25.50 4.45
C15 CLR I . -3.70 25.60 4.25
C16 CLR I . -3.13 24.65 5.37
C17 CLR I . -4.38 23.91 6.01
C18 CLR I . -5.31 23.03 3.82
C19 CLR I . -8.82 24.99 1.69
C20 CLR I . -4.02 22.46 6.35
C21 CLR I . -4.88 21.82 7.46
C22 CLR I . -2.55 22.56 6.89
C23 CLR I . -2.50 22.58 8.41
C24 CLR I . -1.02 22.17 8.77
C25 CLR I . -0.80 20.68 8.44
C26 CLR I . 0.30 20.17 9.41
C27 CLR I . -2.09 19.83 8.43
O1 CLR I . -11.41 29.08 0.92
C1 CLR J . 3.81 14.01 12.35
C2 CLR J . 5.06 14.62 13.00
C3 CLR J . 5.96 15.37 11.99
C4 CLR J . 5.10 16.39 11.21
C5 CLR J . 3.80 15.85 10.63
C6 CLR J . 3.56 15.93 9.31
C7 CLR J . 2.23 15.47 8.71
C8 CLR J . 1.17 15.27 9.82
C9 CLR J . 1.77 14.38 10.94
C10 CLR J . 2.93 15.09 11.67
C11 CLR J . 0.71 13.82 11.91
C12 CLR J . -0.54 13.24 11.22
C13 CLR J . -1.14 14.33 10.29
C14 CLR J . -0.05 14.59 9.22
C15 CLR J . -0.74 15.32 8.03
C16 CLR J . -2.26 14.90 8.17
C17 CLR J . -2.29 13.83 9.35
C18 CLR J . -1.54 15.62 11.01
C19 CLR J . 2.37 16.07 12.74
C20 CLR J . -3.68 13.79 9.97
C21 CLR J . -3.98 12.55 10.86
C22 CLR J . -4.65 13.72 8.74
C23 CLR J . -5.19 12.30 8.50
C24 CLR J . -6.14 12.49 7.26
C25 CLR J . -7.56 12.82 7.77
C26 CLR J . -8.46 12.95 6.52
C27 CLR J . -8.09 11.85 8.85
O1 CLR J . 7.09 15.99 12.58
C1 CLR K . 15.51 29.77 3.16
C2 CLR K . 16.63 30.13 4.14
C3 CLR K . 16.09 30.37 5.57
C4 CLR K . 15.35 29.09 6.01
C5 CLR K . 14.29 28.58 5.04
C6 CLR K . 13.12 28.15 5.52
C7 CLR K . 12.01 27.55 4.64
C8 CLR K . 12.49 27.31 3.18
C9 CLR K . 13.42 28.47 2.71
C10 CLR K . 14.72 28.51 3.56
C11 CLR K . 13.66 28.48 1.20
C12 CLR K . 12.36 28.40 0.38
C13 CLR K . 11.57 27.13 0.78
C14 CLR K . 11.26 27.29 2.30
C15 CLR K . 10.19 26.19 2.63
C16 CLR K . 9.39 26.07 1.27
C17 CLR K . 10.10 27.07 0.25
C18 CLR K . 12.31 25.82 0.48
C19 CLR K . 15.56 27.23 3.29
C20 CLR K . 9.89 26.56 -1.18
C21 CLR K . 10.27 27.55 -2.30
C22 CLR K . 8.35 26.32 -1.25
C23 CLR K . 7.74 26.69 -2.61
C24 CLR K . 6.20 26.44 -2.41
C25 CLR K . 5.45 26.62 -3.76
C26 CLR K . 5.97 27.96 -4.38
C27 CLR K . 5.51 25.41 -4.72
O1 CLR K . 17.08 30.78 6.51
C1 CLR L . 23.80 20.82 -13.20
C2 CLR L . 25.23 21.10 -12.76
C3 CLR L . 25.40 22.52 -12.20
C4 CLR L . 24.43 22.66 -11.02
C5 CLR L . 22.97 22.32 -11.32
C6 CLR L . 22.02 23.21 -10.98
C7 CLR L . 20.55 23.02 -11.38
C8 CLR L . 20.26 21.54 -11.77
C9 CLR L . 21.35 21.02 -12.74
C10 CLR L . 22.75 20.99 -12.08
C11 CLR L . 20.97 19.68 -13.39
C12 CLR L . 19.58 19.72 -14.08
C13 CLR L . 18.50 20.12 -13.03
C14 CLR L . 18.93 21.52 -12.49
C15 CLR L . 17.68 22.05 -11.70
C16 CLR L . 16.46 21.40 -12.48
C17 CLR L . 17.12 20.52 -13.64
C18 CLR L . 18.32 19.10 -11.90
C19 CLR L . 22.83 19.78 -11.09
C20 CLR L . 16.19 19.38 -14.03
C21 CLR L . 16.69 18.46 -15.16
C22 CLR L . 14.89 20.08 -14.52
C23 CLR L . 13.68 19.14 -14.51
C24 CLR L . 13.13 19.20 -15.98
C25 CLR L . 11.99 18.17 -16.14
C26 CLR L . 11.32 18.42 -17.52
C27 CLR L . 12.43 16.69 -15.90
O1 CLR L . 26.73 22.86 -11.86
C1 CLR M . -5.96 27.72 -17.71
C2 CLR M . -6.98 28.51 -18.54
C3 CLR M . -6.97 30.03 -18.24
C4 CLR M . -5.52 30.56 -18.32
C5 CLR M . -4.47 29.74 -17.58
C6 CLR M . -3.79 30.30 -16.56
C7 CLR M . -2.68 29.54 -15.83
C8 CLR M . -2.29 28.29 -16.66
C9 CLR M . -3.57 27.45 -16.97
C10 CLR M . -4.51 28.23 -17.92
C11 CLR M . -3.25 26.03 -17.47
C12 CLR M . -2.13 25.31 -16.70
C13 CLR M . -0.86 26.21 -16.69
C14 CLR M . -1.32 27.45 -15.86
C15 CLR M . -0.03 28.15 -15.34
C16 CLR M . 1.01 26.97 -15.16
C17 CLR M . 0.32 25.67 -15.82
C18 CLR M . -0.37 26.63 -18.08
C19 CLR M . -4.07 27.99 -19.40
C20 CLR M . 1.39 24.88 -16.59
C21 CLR M . 0.86 23.79 -17.54
C22 CLR M . 2.23 24.16 -15.48
C23 CLR M . 2.86 22.85 -15.96
C24 CLR M . 3.83 23.28 -17.13
C25 CLR M . 4.85 22.16 -17.41
C26 CLR M . 5.27 22.26 -18.90
C27 CLR M . 6.04 22.13 -16.41
O1 CLR M . -7.85 30.78 -19.06
C1 CLR N . -15.63 -19.64 -13.56
C2 CLR N . -17.14 -19.58 -13.64
C3 CLR N . -17.82 -20.83 -13.05
C4 CLR N . -17.32 -21.01 -11.60
C5 CLR N . -15.81 -21.00 -11.43
C6 CLR N . -15.20 -22.02 -10.81
C7 CLR N . -13.67 -22.12 -10.67
C8 CLR N . -13.00 -20.75 -10.93
C9 CLR N . -13.58 -20.11 -12.22
C10 CLR N . -15.10 -19.81 -12.12
C11 CLR N . -12.77 -18.90 -12.68
C12 CLR N . -11.27 -19.17 -12.80
C13 CLR N . -10.74 -19.68 -11.43
C14 CLR N . -11.53 -20.99 -11.15
C15 CLR N . -10.75 -21.72 -10.01
C16 CLR N . -9.23 -21.32 -10.31
C17 CLR N . -9.28 -20.23 -11.47
C18 CLR N . -10.90 -18.67 -10.29
C19 CLR N . -15.32 -18.50 -11.32
C20 CLR N . -8.21 -19.18 -11.24
C21 CLR N . -7.74 -18.42 -12.50
C22 CLR N . -6.99 -19.99 -10.70
C23 CLR N . -5.97 -20.29 -11.80
C24 CLR N . -4.64 -20.65 -11.04
C25 CLR N . -4.07 -19.37 -10.39
C26 CLR N . -2.53 -19.57 -10.32
C27 CLR N . -4.51 -18.05 -11.07
O1 CLR N . -19.23 -20.84 -13.14
C1 CLR O . 4.26 -16.18 -9.15
C2 CLR O . 5.19 -17.37 -8.93
C3 CLR O . 4.78 -18.26 -7.73
C4 CLR O . 3.28 -18.64 -7.88
C5 CLR O . 2.34 -17.50 -8.20
C6 CLR O . 1.30 -17.24 -7.39
C7 CLR O . 0.27 -16.15 -7.72
C8 CLR O . 0.42 -15.70 -9.20
C9 CLR O . 1.91 -15.37 -9.50
C10 CLR O . 2.80 -16.62 -9.39
C11 CLR O . 2.12 -14.59 -10.80
C12 CLR O . 1.14 -13.41 -10.98
C13 CLR O . -0.31 -13.94 -10.88
C14 CLR O . -0.42 -14.47 -9.42
C15 CLR O . -1.95 -14.60 -9.11
C16 CLR O . -2.63 -13.58 -10.13
C17 CLR O . -1.41 -12.83 -10.84
C18 CLR O . -0.66 -15.02 -11.89
C19 CLR O . 2.70 -17.44 -10.72
C20 CLR O . -1.86 -12.29 -12.19
C21 CLR O . -0.93 -11.23 -12.83
C22 CLR O . -3.23 -11.60 -11.89
C23 CLR O . -3.11 -10.08 -11.81
C24 CLR O . -4.59 -9.61 -11.55
C25 CLR O . -5.29 -9.36 -12.90
C26 CLR O . -6.72 -8.86 -12.57
C27 CLR O . -4.50 -8.46 -13.87
O1 CLR O . 5.59 -19.40 -7.55
C1 CLR P . -1.26 -33.61 2.50
C2 CLR P . -0.09 -34.58 2.43
C3 CLR P . 0.40 -34.81 0.98
C4 CLR P . 0.78 -33.44 0.40
C5 CLR P . -0.29 -32.35 0.52
C6 CLR P . -0.52 -31.54 -0.52
C7 CLR P . -1.52 -30.37 -0.48
C8 CLR P . -2.06 -30.12 0.97
C9 CLR P . -2.28 -31.47 1.70
C10 CLR P . -0.95 -32.22 1.91
C11 CLR P . -3.12 -31.31 2.98
C12 CLR P . -4.44 -30.54 2.77
C13 CLR P . -4.12 -29.14 2.18
C14 CLR P . -3.39 -29.41 0.82
C15 CLR P . -3.37 -28.04 0.07
C16 CLR P . -4.70 -27.34 0.58
C17 CLR P . -5.36 -28.36 1.62
C18 CLR P . -3.28 -28.25 3.10
C19 CLR P . -0.04 -31.41 2.87
C20 CLR P . -6.18 -27.57 2.64
C21 CLR P . -7.10 -28.41 3.54
C22 CLR P . -7.09 -26.66 1.74
C23 CLR P . -8.52 -26.49 2.30
C24 CLR P . -9.24 -25.62 1.20
C25 CLR P . -10.65 -25.24 1.68
C26 CLR P . -11.31 -26.53 2.23
C27 CLR P . -10.70 -24.02 2.63
O1 CLR P . 1.45 -35.76 0.85
C1 CLR Q . -2.76 -26.48 21.57
C2 CLR Q . -1.71 -27.43 22.12
C3 CLR Q . -1.86 -28.87 21.57
C4 CLR Q . -1.77 -28.77 20.03
C5 CLR Q . -2.73 -27.78 19.38
C6 CLR Q . -3.48 -28.20 18.35
C7 CLR Q . -4.57 -27.31 17.72
C8 CLR Q . -4.37 -25.82 18.09
C9 CLR Q . -4.08 -25.67 19.61
C10 CLR Q . -2.77 -26.37 20.02
C11 CLR Q . -4.16 -24.21 20.07
C12 CLR Q . -5.49 -23.53 19.68
C13 CLR Q . -5.66 -23.58 18.14
C14 CLR Q . -5.67 -25.10 17.76
C15 CLR Q . -6.16 -25.16 16.27
C16 CLR Q . -7.14 -23.92 16.18
C17 CLR Q . -7.10 -23.23 17.63
C18 CLR Q . -4.60 -22.80 17.35
C19 CLR Q . -1.56 -25.51 19.54
C20 CLR Q . -7.43 -21.75 17.51
C21 CLR Q . -7.44 -20.95 18.83
C22 CLR Q . -8.87 -21.71 16.90
C23 CLR Q . -9.21 -20.36 16.28
C24 CLR Q . -10.54 -19.91 17.00
C25 CLR Q . -10.89 -18.47 16.57
C26 CLR Q . -12.31 -18.17 17.12
C27 CLR Q . -9.82 -17.41 16.92
O1 CLR Q . -0.95 -29.80 22.11
C1 CLR R . -27.30 -18.79 4.46
C2 CLR R . -28.81 -18.90 4.27
C3 CLR R . -29.27 -20.29 3.79
C4 CLR R . -28.66 -21.38 4.69
C5 CLR R . -27.16 -21.24 4.97
C6 CLR R . -26.32 -22.20 4.55
C7 CLR R . -24.82 -22.15 4.85
C8 CLR R . -24.56 -21.07 5.94
C9 CLR R . -25.20 -19.73 5.50
C10 CLR R . -26.75 -19.83 5.46
C11 CLR R . -24.70 -18.52 6.32
C12 CLR R . -23.20 -18.51 6.60
C13 CLR R . -22.79 -19.86 7.26
C14 CLR R . -23.07 -20.90 6.13
C15 CLR R . -22.24 -22.18 6.45
C16 CLR R . -20.96 -21.61 7.20
C17 CLR R . -21.25 -20.05 7.47
C18 CLR R . -23.56 -20.20 8.53
C19 CLR R . -27.32 -19.56 6.87
C20 CLR R . -20.73 -19.69 8.87
C21 CLR R . -21.22 -18.33 9.42
C22 CLR R . -19.17 -19.61 8.72
C23 CLR R . -18.52 -18.65 9.71
C24 CLR R . -18.86 -19.25 11.13
C25 CLR R . -17.91 -18.65 12.19
C26 CLR R . -18.66 -18.67 13.54
C27 CLR R . -16.52 -19.32 12.22
O1 CLR R . -30.68 -20.43 3.69
C10 I3O S . -1.18 -2.06 4.31
C13 I3O S . -3.37 -0.59 6.87
C15 I3O S . -5.48 -0.91 8.27
C17 I3O S . -1.70 -3.27 6.61
C20 I3O S . 0.35 -4.22 8.01
C21 I3O S . -0.35 -3.48 9.20
C22 I3O S . 0.58 -3.23 10.44
C24 I3O S . 2.30 -2.26 12.86
C26 I3O S . -0.11 -3.10 13.14
C01 I3O S . -4.51 0.82 0.10
C02 I3O S . -5.91 0.62 0.44
C03 I3O S . -6.23 0.05 1.68
C04 I3O S . -5.17 -0.32 2.61
C05 I3O S . -3.79 -0.13 2.28
C06 I3O S . -3.49 0.45 0.99
C07 I3O S . -3.88 -1.06 4.37
C08 I3O S . -3.02 -0.60 3.42
C09 I3O S . -3.41 -1.63 5.70
C11 I3O S . -1.53 -0.65 3.60
C12 I3O S . -8.29 0.76 -0.10
C14 I3O S . -4.73 0.01 7.27
C16 I3O S . -4.55 1.41 7.89
C18 I3O S . 0.43 -2.17 4.60
C19 I3O S . -0.17 -3.85 6.54
C23 I3O S . 0.80 -1.99 12.54
C25 I3O S . 0.38 -0.60 13.16
N01 I3O S . -5.22 -0.90 3.92
N02 I3O S . -2.01 -2.30 5.62
N03 I3O S . 0.71 -2.82 5.82
O01 I3O S . -6.92 0.98 -0.45
O02 I3O S . 1.23 -1.73 3.82
O03 I3O S . -2.46 -3.68 7.45
O04 I3O S . 0.62 -2.03 11.10
O05 I3O S . 1.28 -4.14 10.82
C10 I3O T . 3.28 1.85 -3.78
C13 I3O T . 2.72 0.72 -7.23
C15 I3O T . 2.29 1.43 -9.64
C17 I3O T . 4.85 2.58 -5.79
C20 I3O T . 7.47 2.34 -5.48
C21 I3O T . 7.40 1.64 -6.88
C22 I3O T . 8.67 0.77 -7.24
C24 I3O T . 10.85 -1.32 -8.02
C26 I3O T . 9.77 0.26 -9.74
C01 I3O T . -2.73 1.52 -2.91
C02 I3O T . -3.38 2.13 -4.05
C03 I3O T . -2.59 2.44 -5.17
C04 I3O T . -1.17 2.17 -5.17
C05 I3O T . -0.54 1.57 -4.03
C06 I3O T . -1.36 1.25 -2.90
C07 I3O T . 1.08 1.94 -5.63
C08 I3O T . 0.88 1.43 -4.38
C09 I3O T . 2.45 1.95 -6.31
C11 I3O T . 2.00 0.89 -3.56
C12 I3O T . -5.36 3.00 -5.20
C14 I3O T . 1.79 0.58 -8.46
C16 I3O T . 1.67 -0.90 -8.88
C18 I3O T . 4.57 1.30 -2.95
C19 I3O T . 6.08 2.55 -4.72
C23 I3O T . 9.54 -0.93 -8.77
C25 I3O T . 9.02 -2.17 -9.58
N01 I3O T . -0.15 2.40 -6.16
N02 I3O T . 3.62 2.06 -5.30
N03 I3O T . 5.79 1.49 -3.66
O01 I3O T . -4.76 2.39 -4.05
O02 I3O T . 4.46 0.79 -1.87
O03 I3O T . 5.03 3.03 -6.90
O04 I3O T . 8.56 -0.48 -7.79
O05 I3O T . 9.75 1.24 -7.01
#